data_1X9G
# 
_entry.id   1X9G 
# 
_audit_conform.dict_name       mmcif_pdbx.dic 
_audit_conform.dict_version    5.386 
_audit_conform.dict_location   http://mmcif.pdb.org/dictionaries/ascii/mmcif_pdbx.dic 
# 
loop_
_database_2.database_id 
_database_2.database_code 
_database_2.pdbx_database_accession 
_database_2.pdbx_DOI 
PDB   1X9G         pdb_00001x9g 10.2210/pdb1x9g/pdb 
RCSB  RCSB030106   ?            ?                   
WWPDB D_1000030106 ?            ?                   
# 
loop_
_pdbx_audit_revision_history.ordinal 
_pdbx_audit_revision_history.data_content_type 
_pdbx_audit_revision_history.major_revision 
_pdbx_audit_revision_history.minor_revision 
_pdbx_audit_revision_history.revision_date 
1 'Structure model' 1 0 2004-09-07 
2 'Structure model' 1 1 2008-04-30 
3 'Structure model' 1 2 2011-07-13 
4 'Structure model' 1 3 2012-10-24 
5 'Structure model' 1 4 2019-07-24 
6 'Structure model' 1 5 2024-02-14 
# 
_pdbx_audit_revision_details.ordinal             1 
_pdbx_audit_revision_details.revision_ordinal    1 
_pdbx_audit_revision_details.data_content_type   'Structure model' 
_pdbx_audit_revision_details.provider            repository 
_pdbx_audit_revision_details.type                'Initial release' 
_pdbx_audit_revision_details.description         ? 
_pdbx_audit_revision_details.details             ? 
# 
loop_
_pdbx_audit_revision_group.ordinal 
_pdbx_audit_revision_group.revision_ordinal 
_pdbx_audit_revision_group.data_content_type 
_pdbx_audit_revision_group.group 
1 2 'Structure model' 'Version format compliance' 
2 3 'Structure model' Advisory                    
3 3 'Structure model' 'Derived calculations'      
4 3 'Structure model' 'Version format compliance' 
5 4 'Structure model' 'Database references'       
6 5 'Structure model' 'Data collection'           
7 5 'Structure model' 'Refinement description'    
8 6 'Structure model' 'Data collection'           
9 6 'Structure model' 'Database references'       
# 
loop_
_pdbx_audit_revision_category.ordinal 
_pdbx_audit_revision_category.revision_ordinal 
_pdbx_audit_revision_category.data_content_type 
_pdbx_audit_revision_category.category 
1 5 'Structure model' software       
2 6 'Structure model' chem_comp_atom 
3 6 'Structure model' chem_comp_bond 
4 6 'Structure model' database_2     
# 
loop_
_pdbx_audit_revision_item.ordinal 
_pdbx_audit_revision_item.revision_ordinal 
_pdbx_audit_revision_item.data_content_type 
_pdbx_audit_revision_item.item 
1 5 'Structure model' '_software.classification'            
2 5 'Structure model' '_software.contact_author'            
3 5 'Structure model' '_software.contact_author_email'      
4 5 'Structure model' '_software.location'                  
5 5 'Structure model' '_software.name'                      
6 5 'Structure model' '_software.type'                      
7 5 'Structure model' '_software.version'                   
8 6 'Structure model' '_database_2.pdbx_DOI'                
9 6 'Structure model' '_database_2.pdbx_database_accession' 
# 
_pdbx_database_status.entry_id                        1X9G 
_pdbx_database_status.deposit_site                    RCSB 
_pdbx_database_status.process_site                    RCSB 
_pdbx_database_status.recvd_initial_deposition_date   2004-08-20 
_pdbx_database_status.status_code                     REL 
_pdbx_database_status.SG_entry                        Y 
_pdbx_database_status.status_code_sf                  REL 
_pdbx_database_status.status_code_mr                  ? 
_pdbx_database_status.status_code_cs                  ? 
_pdbx_database_status.pdb_format_compatible           Y 
_pdbx_database_status.methods_development_category    ? 
_pdbx_database_status.status_code_nmr_data            ? 
# 
_pdbx_database_related.db_name        TargetDB 
_pdbx_database_related.db_id          Ldon001686AAA 
_pdbx_database_related.details        . 
_pdbx_database_related.content_type   unspecified 
# 
loop_
_audit_author.name 
_audit_author.pdbx_ordinal 
'Caruthers, J.'                                                1 
'Merritt, E.A.'                                                2 
'Structural Genomics of Pathogenic Protozoa Consortium (SGPP)' 3 
# 
_citation.id                        primary 
_citation.title                     
;Crystal structures and proposed structural/functional classification of three protozoan proteins from the isochorismatase superfamily.
;
_citation.journal_abbrev            'Protein Sci.' 
_citation.journal_volume            14 
_citation.page_first                2887 
_citation.page_last                 2894 
_citation.year                      2005 
_citation.journal_id_ASTM           PRCIEI 
_citation.country                   US 
_citation.journal_id_ISSN           0961-8368 
_citation.journal_id_CSD            0795 
_citation.book_publisher            ? 
_citation.pdbx_database_id_PubMed   16199669 
_citation.pdbx_database_id_DOI      10.1110/ps.051783005 
# 
loop_
_citation_author.citation_id 
_citation_author.name 
_citation_author.ordinal 
_citation_author.identifier_ORCID 
primary 'Caruthers, J.'    1  ? 
primary 'Zucker, F.'       2  ? 
primary 'Worthey, E.'      3  ? 
primary 'Myler, P.J.'      4  ? 
primary 'Buckner, F.'      5  ? 
primary 'Van Voorhuis, W.' 6  ? 
primary 'Mehlin, C.'       7  ? 
primary 'Boni, E.'         8  ? 
primary 'Feist, T.'        9  ? 
primary 'Luft, J.'         10 ? 
primary 'Gulde, S.'        11 ? 
primary 'Lauricella, A.'   12 ? 
primary 'Kaluzhniy, O.'    13 ? 
primary 'Anderson, L.'     14 ? 
primary 'Le Trong, I.'     15 ? 
primary 'Holmes, M.A.'     16 ? 
primary 'Earnest, T.'      17 ? 
primary 'Soltis, M.'       18 ? 
primary 'Hodgson, K.O.'    19 ? 
primary 'Hol, W.G.'        20 ? 
primary 'Merritt, E.A.'    21 ? 
# 
_entity.id                         1 
_entity.type                       polymer 
_entity.src_method                 man 
_entity.pdbx_description           'PUTATIVE MAR1' 
_entity.formula_weight             22701.506 
_entity.pdbx_number_of_molecules   1 
_entity.pdbx_ec                    ? 
_entity.pdbx_mutation              ? 
_entity.pdbx_fragment              ? 
_entity.details                    ? 
# 
_entity_poly.entity_id                      1 
_entity_poly.type                           'polypeptide(L)' 
_entity_poly.nstd_linkage                   no 
_entity_poly.nstd_monomer                   no 
_entity_poly.pdbx_seq_one_letter_code       
;MAHHHHHHMSRLMPHYSKGKTAFLCVDLQEAFSKRIENFANCVFVANRLARLHEVVPENTKYIVTEHYPKGLGRIVPEIT
LPKTAHLIEKTRFSCVVPQVEELLEDVDNAVVFGIEGHACILQTVADLLDMNKRVFLPKDGLGSQKKTDFKAAIKLMSSW
GPNCEITTSESILLQMTKDAMDPNFKRISKLLKEEPPIPL
;
_entity_poly.pdbx_seq_one_letter_code_can   
;MAHHHHHHMSRLMPHYSKGKTAFLCVDLQEAFSKRIENFANCVFVANRLARLHEVVPENTKYIVTEHYPKGLGRIVPEIT
LPKTAHLIEKTRFSCVVPQVEELLEDVDNAVVFGIEGHACILQTVADLLDMNKRVFLPKDGLGSQKKTDFKAAIKLMSSW
GPNCEITTSESILLQMTKDAMDPNFKRISKLLKEEPPIPL
;
_entity_poly.pdbx_strand_id                 A 
_entity_poly.pdbx_target_identifier         Ldon001686AAA 
# 
loop_
_entity_poly_seq.entity_id 
_entity_poly_seq.num 
_entity_poly_seq.mon_id 
_entity_poly_seq.hetero 
1 1   MET n 
1 2   ALA n 
1 3   HIS n 
1 4   HIS n 
1 5   HIS n 
1 6   HIS n 
1 7   HIS n 
1 8   HIS n 
1 9   MET n 
1 10  SER n 
1 11  ARG n 
1 12  LEU n 
1 13  MET n 
1 14  PRO n 
1 15  HIS n 
1 16  TYR n 
1 17  SER n 
1 18  LYS n 
1 19  GLY n 
1 20  LYS n 
1 21  THR n 
1 22  ALA n 
1 23  PHE n 
1 24  LEU n 
1 25  CYS n 
1 26  VAL n 
1 27  ASP n 
1 28  LEU n 
1 29  GLN n 
1 30  GLU n 
1 31  ALA n 
1 32  PHE n 
1 33  SER n 
1 34  LYS n 
1 35  ARG n 
1 36  ILE n 
1 37  GLU n 
1 38  ASN n 
1 39  PHE n 
1 40  ALA n 
1 41  ASN n 
1 42  CYS n 
1 43  VAL n 
1 44  PHE n 
1 45  VAL n 
1 46  ALA n 
1 47  ASN n 
1 48  ARG n 
1 49  LEU n 
1 50  ALA n 
1 51  ARG n 
1 52  LEU n 
1 53  HIS n 
1 54  GLU n 
1 55  VAL n 
1 56  VAL n 
1 57  PRO n 
1 58  GLU n 
1 59  ASN n 
1 60  THR n 
1 61  LYS n 
1 62  TYR n 
1 63  ILE n 
1 64  VAL n 
1 65  THR n 
1 66  GLU n 
1 67  HIS n 
1 68  TYR n 
1 69  PRO n 
1 70  LYS n 
1 71  GLY n 
1 72  LEU n 
1 73  GLY n 
1 74  ARG n 
1 75  ILE n 
1 76  VAL n 
1 77  PRO n 
1 78  GLU n 
1 79  ILE n 
1 80  THR n 
1 81  LEU n 
1 82  PRO n 
1 83  LYS n 
1 84  THR n 
1 85  ALA n 
1 86  HIS n 
1 87  LEU n 
1 88  ILE n 
1 89  GLU n 
1 90  LYS n 
1 91  THR n 
1 92  ARG n 
1 93  PHE n 
1 94  SER n 
1 95  CYS n 
1 96  VAL n 
1 97  VAL n 
1 98  PRO n 
1 99  GLN n 
1 100 VAL n 
1 101 GLU n 
1 102 GLU n 
1 103 LEU n 
1 104 LEU n 
1 105 GLU n 
1 106 ASP n 
1 107 VAL n 
1 108 ASP n 
1 109 ASN n 
1 110 ALA n 
1 111 VAL n 
1 112 VAL n 
1 113 PHE n 
1 114 GLY n 
1 115 ILE n 
1 116 GLU n 
1 117 GLY n 
1 118 HIS n 
1 119 ALA n 
1 120 CYS n 
1 121 ILE n 
1 122 LEU n 
1 123 GLN n 
1 124 THR n 
1 125 VAL n 
1 126 ALA n 
1 127 ASP n 
1 128 LEU n 
1 129 LEU n 
1 130 ASP n 
1 131 MET n 
1 132 ASN n 
1 133 LYS n 
1 134 ARG n 
1 135 VAL n 
1 136 PHE n 
1 137 LEU n 
1 138 PRO n 
1 139 LYS n 
1 140 ASP n 
1 141 GLY n 
1 142 LEU n 
1 143 GLY n 
1 144 SER n 
1 145 GLN n 
1 146 LYS n 
1 147 LYS n 
1 148 THR n 
1 149 ASP n 
1 150 PHE n 
1 151 LYS n 
1 152 ALA n 
1 153 ALA n 
1 154 ILE n 
1 155 LYS n 
1 156 LEU n 
1 157 MET n 
1 158 SER n 
1 159 SER n 
1 160 TRP n 
1 161 GLY n 
1 162 PRO n 
1 163 ASN n 
1 164 CYS n 
1 165 GLU n 
1 166 ILE n 
1 167 THR n 
1 168 THR n 
1 169 SER n 
1 170 GLU n 
1 171 SER n 
1 172 ILE n 
1 173 LEU n 
1 174 LEU n 
1 175 GLN n 
1 176 MET n 
1 177 THR n 
1 178 LYS n 
1 179 ASP n 
1 180 ALA n 
1 181 MET n 
1 182 ASP n 
1 183 PRO n 
1 184 ASN n 
1 185 PHE n 
1 186 LYS n 
1 187 ARG n 
1 188 ILE n 
1 189 SER n 
1 190 LYS n 
1 191 LEU n 
1 192 LEU n 
1 193 LYS n 
1 194 GLU n 
1 195 GLU n 
1 196 PRO n 
1 197 PRO n 
1 198 ILE n 
1 199 PRO n 
1 200 LEU n 
# 
_entity_src_gen.entity_id                          1 
_entity_src_gen.pdbx_src_id                        1 
_entity_src_gen.pdbx_alt_source_flag               sample 
_entity_src_gen.pdbx_seq_type                      ? 
_entity_src_gen.pdbx_beg_seq_num                   ? 
_entity_src_gen.pdbx_end_seq_num                   ? 
_entity_src_gen.gene_src_common_name               ? 
_entity_src_gen.gene_src_genus                     Leishmania 
_entity_src_gen.pdbx_gene_src_gene                 ? 
_entity_src_gen.gene_src_species                   ? 
_entity_src_gen.gene_src_strain                    ? 
_entity_src_gen.gene_src_tissue                    ? 
_entity_src_gen.gene_src_tissue_fraction           ? 
_entity_src_gen.gene_src_details                   ? 
_entity_src_gen.pdbx_gene_src_fragment             ? 
_entity_src_gen.pdbx_gene_src_scientific_name      'Leishmania donovani' 
_entity_src_gen.pdbx_gene_src_ncbi_taxonomy_id     5661 
_entity_src_gen.pdbx_gene_src_variant              ? 
_entity_src_gen.pdbx_gene_src_cell_line            ? 
_entity_src_gen.pdbx_gene_src_atcc                 ? 
_entity_src_gen.pdbx_gene_src_organ                ? 
_entity_src_gen.pdbx_gene_src_organelle            ? 
_entity_src_gen.pdbx_gene_src_cell                 ? 
_entity_src_gen.pdbx_gene_src_cellular_location    ? 
_entity_src_gen.host_org_common_name               ? 
_entity_src_gen.pdbx_host_org_scientific_name      'Escherichia coli' 
_entity_src_gen.pdbx_host_org_ncbi_taxonomy_id     562 
_entity_src_gen.host_org_genus                     Escherichia 
_entity_src_gen.pdbx_host_org_gene                 ? 
_entity_src_gen.pdbx_host_org_organ                ? 
_entity_src_gen.host_org_species                   ? 
_entity_src_gen.pdbx_host_org_tissue               ? 
_entity_src_gen.pdbx_host_org_tissue_fraction      ? 
_entity_src_gen.pdbx_host_org_strain               ? 
_entity_src_gen.pdbx_host_org_variant              ? 
_entity_src_gen.pdbx_host_org_cell_line            ? 
_entity_src_gen.pdbx_host_org_atcc                 ? 
_entity_src_gen.pdbx_host_org_culture_collection   ? 
_entity_src_gen.pdbx_host_org_cell                 ? 
_entity_src_gen.pdbx_host_org_organelle            ? 
_entity_src_gen.pdbx_host_org_cellular_location    ? 
_entity_src_gen.pdbx_host_org_vector_type          plasmid 
_entity_src_gen.pdbx_host_org_vector               ? 
_entity_src_gen.host_org_details                   ? 
_entity_src_gen.expression_system_id               ? 
_entity_src_gen.plasmid_name                       pET3a 
_entity_src_gen.plasmid_details                    'SGPP target construct Ldon001686AAA' 
_entity_src_gen.pdbx_description                   ? 
# 
loop_
_chem_comp.id 
_chem_comp.type 
_chem_comp.mon_nstd_flag 
_chem_comp.name 
_chem_comp.pdbx_synonyms 
_chem_comp.formula 
_chem_comp.formula_weight 
ALA 'L-peptide linking' y ALANINE         ? 'C3 H7 N O2'     89.093  
ARG 'L-peptide linking' y ARGININE        ? 'C6 H15 N4 O2 1' 175.209 
ASN 'L-peptide linking' y ASPARAGINE      ? 'C4 H8 N2 O3'    132.118 
ASP 'L-peptide linking' y 'ASPARTIC ACID' ? 'C4 H7 N O4'     133.103 
CYS 'L-peptide linking' y CYSTEINE        ? 'C3 H7 N O2 S'   121.158 
GLN 'L-peptide linking' y GLUTAMINE       ? 'C5 H10 N2 O3'   146.144 
GLU 'L-peptide linking' y 'GLUTAMIC ACID' ? 'C5 H9 N O4'     147.129 
GLY 'peptide linking'   y GLYCINE         ? 'C2 H5 N O2'     75.067  
HIS 'L-peptide linking' y HISTIDINE       ? 'C6 H10 N3 O2 1' 156.162 
ILE 'L-peptide linking' y ISOLEUCINE      ? 'C6 H13 N O2'    131.173 
LEU 'L-peptide linking' y LEUCINE         ? 'C6 H13 N O2'    131.173 
LYS 'L-peptide linking' y LYSINE          ? 'C6 H15 N2 O2 1' 147.195 
MET 'L-peptide linking' y METHIONINE      ? 'C5 H11 N O2 S'  149.211 
PHE 'L-peptide linking' y PHENYLALANINE   ? 'C9 H11 N O2'    165.189 
PRO 'L-peptide linking' y PROLINE         ? 'C5 H9 N O2'     115.130 
SER 'L-peptide linking' y SERINE          ? 'C3 H7 N O3'     105.093 
THR 'L-peptide linking' y THREONINE       ? 'C4 H9 N O3'     119.119 
TRP 'L-peptide linking' y TRYPTOPHAN      ? 'C11 H12 N2 O2'  204.225 
TYR 'L-peptide linking' y TYROSINE        ? 'C9 H11 N O3'    181.189 
VAL 'L-peptide linking' y VALINE          ? 'C5 H11 N O2'    117.146 
# 
loop_
_pdbx_poly_seq_scheme.asym_id 
_pdbx_poly_seq_scheme.entity_id 
_pdbx_poly_seq_scheme.seq_id 
_pdbx_poly_seq_scheme.mon_id 
_pdbx_poly_seq_scheme.ndb_seq_num 
_pdbx_poly_seq_scheme.pdb_seq_num 
_pdbx_poly_seq_scheme.auth_seq_num 
_pdbx_poly_seq_scheme.pdb_mon_id 
_pdbx_poly_seq_scheme.auth_mon_id 
_pdbx_poly_seq_scheme.pdb_strand_id 
_pdbx_poly_seq_scheme.pdb_ins_code 
_pdbx_poly_seq_scheme.hetero 
A 1 1   MET 1   -7  ?   ?   ?   A . n 
A 1 2   ALA 2   -6  ?   ?   ?   A . n 
A 1 3   HIS 3   -5  ?   ?   ?   A . n 
A 1 4   HIS 4   -4  ?   ?   ?   A . n 
A 1 5   HIS 5   -3  ?   ?   ?   A . n 
A 1 6   HIS 6   -2  ?   ?   ?   A . n 
A 1 7   HIS 7   -1  ?   ?   ?   A . n 
A 1 8   HIS 8   0   ?   ?   ?   A . n 
A 1 9   MET 9   1   1   MET MET A . n 
A 1 10  SER 10  2   2   SER SER A . n 
A 1 11  ARG 11  3   3   ARG ARG A . n 
A 1 12  LEU 12  4   4   LEU LEU A . n 
A 1 13  MET 13  5   5   MET MET A . n 
A 1 14  PRO 14  6   6   PRO PRO A . n 
A 1 15  HIS 15  7   7   HIS HIS A . n 
A 1 16  TYR 16  8   8   TYR TYR A . n 
A 1 17  SER 17  9   9   SER SER A . n 
A 1 18  LYS 18  10  10  LYS LYS A . n 
A 1 19  GLY 19  11  11  GLY GLY A . n 
A 1 20  LYS 20  12  12  LYS LYS A . n 
A 1 21  THR 21  13  13  THR THR A . n 
A 1 22  ALA 22  14  14  ALA ALA A . n 
A 1 23  PHE 23  15  15  PHE PHE A . n 
A 1 24  LEU 24  16  16  LEU LEU A . n 
A 1 25  CYS 25  17  17  CYS CYS A . n 
A 1 26  VAL 26  18  18  VAL VAL A . n 
A 1 27  ASP 27  19  19  ASP ASP A . n 
A 1 28  LEU 28  20  20  LEU LEU A . n 
A 1 29  GLN 29  21  21  GLN GLN A . n 
A 1 30  GLU 30  22  22  GLU GLU A . n 
A 1 31  ALA 31  23  23  ALA ALA A . n 
A 1 32  PHE 32  24  24  PHE PHE A . n 
A 1 33  SER 33  25  25  SER SER A . n 
A 1 34  LYS 34  26  26  LYS LYS A . n 
A 1 35  ARG 35  27  27  ARG ARG A . n 
A 1 36  ILE 36  28  28  ILE ILE A . n 
A 1 37  GLU 37  29  29  GLU GLU A . n 
A 1 38  ASN 38  30  30  ASN ASN A . n 
A 1 39  PHE 39  31  31  PHE PHE A . n 
A 1 40  ALA 40  32  32  ALA ALA A . n 
A 1 41  ASN 41  33  33  ASN ASN A . n 
A 1 42  CYS 42  34  34  CYS CYS A . n 
A 1 43  VAL 43  35  35  VAL VAL A . n 
A 1 44  PHE 44  36  36  PHE PHE A . n 
A 1 45  VAL 45  37  37  VAL VAL A . n 
A 1 46  ALA 46  38  38  ALA ALA A . n 
A 1 47  ASN 47  39  39  ASN ASN A . n 
A 1 48  ARG 48  40  40  ARG ARG A . n 
A 1 49  LEU 49  41  41  LEU LEU A . n 
A 1 50  ALA 50  42  42  ALA ALA A . n 
A 1 51  ARG 51  43  43  ARG ARG A . n 
A 1 52  LEU 52  44  44  LEU LEU A . n 
A 1 53  HIS 53  45  45  HIS HIS A . n 
A 1 54  GLU 54  46  46  GLU GLU A . n 
A 1 55  VAL 55  47  47  VAL VAL A . n 
A 1 56  VAL 56  48  48  VAL VAL A . n 
A 1 57  PRO 57  49  49  PRO PRO A . n 
A 1 58  GLU 58  50  50  GLU GLU A . n 
A 1 59  ASN 59  51  51  ASN ASN A . n 
A 1 60  THR 60  52  52  THR THR A . n 
A 1 61  LYS 61  53  53  LYS LYS A . n 
A 1 62  TYR 62  54  54  TYR TYR A . n 
A 1 63  ILE 63  55  55  ILE ILE A . n 
A 1 64  VAL 64  56  56  VAL VAL A . n 
A 1 65  THR 65  57  57  THR THR A . n 
A 1 66  GLU 66  58  58  GLU GLU A . n 
A 1 67  HIS 67  59  59  HIS HIS A . n 
A 1 68  TYR 68  60  60  TYR TYR A . n 
A 1 69  PRO 69  61  61  PRO PRO A . n 
A 1 70  LYS 70  62  62  LYS LYS A . n 
A 1 71  GLY 71  63  63  GLY GLY A . n 
A 1 72  LEU 72  64  64  LEU LEU A . n 
A 1 73  GLY 73  65  65  GLY GLY A . n 
A 1 74  ARG 74  66  66  ARG ARG A . n 
A 1 75  ILE 75  67  67  ILE ILE A . n 
A 1 76  VAL 76  68  68  VAL VAL A . n 
A 1 77  PRO 77  69  69  PRO PRO A . n 
A 1 78  GLU 78  70  70  GLU GLU A . n 
A 1 79  ILE 79  71  71  ILE ILE A . n 
A 1 80  THR 80  72  72  THR THR A . n 
A 1 81  LEU 81  73  73  LEU LEU A . n 
A 1 82  PRO 82  74  74  PRO PRO A . n 
A 1 83  LYS 83  75  75  LYS LYS A . n 
A 1 84  THR 84  76  76  THR THR A . n 
A 1 85  ALA 85  77  77  ALA ALA A . n 
A 1 86  HIS 86  78  78  HIS HIS A . n 
A 1 87  LEU 87  79  79  LEU LEU A . n 
A 1 88  ILE 88  80  80  ILE ILE A . n 
A 1 89  GLU 89  81  81  GLU GLU A . n 
A 1 90  LYS 90  82  82  LYS LYS A . n 
A 1 91  THR 91  83  83  THR THR A . n 
A 1 92  ARG 92  84  84  ARG ARG A . n 
A 1 93  PHE 93  85  85  PHE PHE A . n 
A 1 94  SER 94  86  86  SER SER A . n 
A 1 95  CYS 95  87  87  CYS CYS A . n 
A 1 96  VAL 96  88  88  VAL VAL A . n 
A 1 97  VAL 97  89  89  VAL VAL A . n 
A 1 98  PRO 98  90  90  PRO PRO A . n 
A 1 99  GLN 99  91  91  GLN GLN A . n 
A 1 100 VAL 100 92  92  VAL VAL A . n 
A 1 101 GLU 101 93  93  GLU GLU A . n 
A 1 102 GLU 102 94  94  GLU GLU A . n 
A 1 103 LEU 103 95  95  LEU LEU A . n 
A 1 104 LEU 104 96  96  LEU LEU A . n 
A 1 105 GLU 105 97  97  GLU GLU A . n 
A 1 106 ASP 106 98  98  ASP ASP A . n 
A 1 107 VAL 107 99  99  VAL VAL A . n 
A 1 108 ASP 108 100 100 ASP ASP A . n 
A 1 109 ASN 109 101 101 ASN ASN A . n 
A 1 110 ALA 110 102 102 ALA ALA A . n 
A 1 111 VAL 111 103 103 VAL VAL A . n 
A 1 112 VAL 112 104 104 VAL VAL A . n 
A 1 113 PHE 113 105 105 PHE PHE A . n 
A 1 114 GLY 114 106 106 GLY GLY A . n 
A 1 115 ILE 115 107 107 ILE ILE A . n 
A 1 116 GLU 116 108 108 GLU GLU A . n 
A 1 117 GLY 117 109 109 GLY GLY A . n 
A 1 118 HIS 118 110 110 HIS HIS A . n 
A 1 119 ALA 119 111 111 ALA ALA A . n 
A 1 120 CYS 120 112 112 CYS CYS A . n 
A 1 121 ILE 121 113 113 ILE ILE A . n 
A 1 122 LEU 122 114 114 LEU LEU A . n 
A 1 123 GLN 123 115 115 GLN GLN A . n 
A 1 124 THR 124 116 116 THR THR A . n 
A 1 125 VAL 125 117 117 VAL VAL A . n 
A 1 126 ALA 126 118 118 ALA ALA A . n 
A 1 127 ASP 127 119 119 ASP ASP A . n 
A 1 128 LEU 128 120 120 LEU LEU A . n 
A 1 129 LEU 129 121 121 LEU LEU A . n 
A 1 130 ASP 130 122 122 ASP ASP A . n 
A 1 131 MET 131 123 123 MET MET A . n 
A 1 132 ASN 132 124 124 ASN ASN A . n 
A 1 133 LYS 133 125 125 LYS LYS A . n 
A 1 134 ARG 134 126 126 ARG ARG A . n 
A 1 135 VAL 135 127 127 VAL VAL A . n 
A 1 136 PHE 136 128 128 PHE PHE A . n 
A 1 137 LEU 137 129 129 LEU LEU A . n 
A 1 138 PRO 138 130 130 PRO PRO A . n 
A 1 139 LYS 139 131 131 LYS LYS A . n 
A 1 140 ASP 140 132 132 ASP ASP A . n 
A 1 141 GLY 141 133 133 GLY GLY A . n 
A 1 142 LEU 142 134 134 LEU LEU A . n 
A 1 143 GLY 143 135 135 GLY GLY A . n 
A 1 144 SER 144 136 136 SER SER A . n 
A 1 145 GLN 145 137 137 GLN GLN A . n 
A 1 146 LYS 146 138 138 LYS LYS A . n 
A 1 147 LYS 147 139 139 LYS LYS A . n 
A 1 148 THR 148 140 140 THR THR A . n 
A 1 149 ASP 149 141 141 ASP ASP A . n 
A 1 150 PHE 150 142 142 PHE PHE A . n 
A 1 151 LYS 151 143 143 LYS LYS A . n 
A 1 152 ALA 152 144 144 ALA ALA A . n 
A 1 153 ALA 153 145 145 ALA ALA A . n 
A 1 154 ILE 154 146 146 ILE ILE A . n 
A 1 155 LYS 155 147 147 LYS LYS A . n 
A 1 156 LEU 156 148 148 LEU LEU A . n 
A 1 157 MET 157 149 149 MET MET A . n 
A 1 158 SER 158 150 150 SER SER A . n 
A 1 159 SER 159 151 151 SER SER A . n 
A 1 160 TRP 160 152 152 TRP TRP A . n 
A 1 161 GLY 161 153 153 GLY GLY A . n 
A 1 162 PRO 162 154 154 PRO PRO A . n 
A 1 163 ASN 163 155 155 ASN ASN A . n 
A 1 164 CYS 164 156 156 CYS CYS A . n 
A 1 165 GLU 165 157 157 GLU GLU A . n 
A 1 166 ILE 166 158 158 ILE ILE A . n 
A 1 167 THR 167 159 159 THR THR A . n 
A 1 168 THR 168 160 160 THR THR A . n 
A 1 169 SER 169 161 161 SER SER A . n 
A 1 170 GLU 170 162 162 GLU GLU A . n 
A 1 171 SER 171 163 163 SER SER A . n 
A 1 172 ILE 172 164 164 ILE ILE A . n 
A 1 173 LEU 173 165 165 LEU LEU A . n 
A 1 174 LEU 174 166 166 LEU LEU A . n 
A 1 175 GLN 175 167 167 GLN GLN A . n 
A 1 176 MET 176 168 168 MET MET A . n 
A 1 177 THR 177 169 169 THR THR A . n 
A 1 178 LYS 178 170 170 LYS LYS A . n 
A 1 179 ASP 179 171 171 ASP ASP A . n 
A 1 180 ALA 180 172 172 ALA ALA A . n 
A 1 181 MET 181 173 173 MET MET A . n 
A 1 182 ASP 182 174 174 ASP ASP A . n 
A 1 183 PRO 183 175 175 PRO PRO A . n 
A 1 184 ASN 184 176 176 ASN ASN A . n 
A 1 185 PHE 185 177 177 PHE PHE A . n 
A 1 186 LYS 186 178 178 LYS LYS A . n 
A 1 187 ARG 187 179 179 ARG ARG A . n 
A 1 188 ILE 188 180 180 ILE ILE A . n 
A 1 189 SER 189 181 181 SER SER A . n 
A 1 190 LYS 190 182 182 LYS LYS A . n 
A 1 191 LEU 191 183 183 LEU LEU A . n 
A 1 192 LEU 192 184 184 LEU LEU A . n 
A 1 193 LYS 193 185 185 LYS LYS A . n 
A 1 194 GLU 194 186 186 GLU GLU A . n 
A 1 195 GLU 195 187 187 GLU GLU A . n 
A 1 196 PRO 196 188 188 PRO PRO A . n 
A 1 197 PRO 197 189 189 PRO PRO A . n 
A 1 198 ILE 198 190 190 ILE ILE A . n 
A 1 199 PRO 199 191 191 PRO PRO A . n 
A 1 200 LEU 200 192 192 LEU LEU A . n 
# 
loop_
_software.citation_id 
_software.classification 
_software.contact_author 
_software.contact_author_email 
_software.date 
_software.language 
_software.location 
_software.name 
_software.type 
_software.version 
_software.pdbx_ordinal 
? refinement     ?                    ?                     ?           ?       ?                                                
REFMAC    ?       5.2.0005 1 
? refinement     'Axel T. Brunger'    axel.brunger@yale.edu 1998        Fortran .                                                
CNS       package 1.1      2 
? phasing        'Tom Terwilliger'    terwilliger@LANL.gov  28-Dec-2003 ?       http://www.solve.lanl.gov/                       
SOLVE     program 2.06     3 
? phasing        'K. Cowtan'          ccp4@dl.ac.uk         26/11/98    Fortran http://www.ccp4.ac.uk/main.html                  
DM        program 4.2      4 
? 'data scaling' 'Zbyszek Otwinowski' zbyszek@mix.swmed.edu ?           ?       http://www.lnls.br/infra/linhasluz/denzo-hkl.htm 
SCALEPACK package .        5 
# 
_cell.entry_id           1X9G 
_cell.length_a           147.438 
_cell.length_b           147.438 
_cell.length_c           147.438 
_cell.angle_alpha        90.00 
_cell.angle_beta         90.00 
_cell.angle_gamma        90.00 
_cell.Z_PDB              48 
_cell.pdbx_unique_axis   ? 
# 
_symmetry.entry_id                         1X9G 
_symmetry.space_group_name_H-M             'I 4 3 2' 
_symmetry.pdbx_full_space_group_name_H-M   ? 
_symmetry.cell_setting                     ? 
_symmetry.Int_Tables_number                211 
_symmetry.space_group_name_Hall            ? 
# 
_exptl.entry_id          1X9G 
_exptl.method            'X-RAY DIFFRACTION' 
_exptl.crystals_number   1 
# 
_exptl_crystal.id                    1 
_exptl_crystal.density_meas          ? 
_exptl_crystal.density_Matthews      2.94 
_exptl_crystal.density_percent_sol   58.18 
_exptl_crystal.description           ? 
_exptl_crystal.F_000                 ? 
_exptl_crystal.preparation           ? 
# 
_exptl_crystal_grow.crystal_id      1 
_exptl_crystal_grow.method          'VAPOR DIFFUSION, SITTING DROP' 
_exptl_crystal_grow.temp            290 
_exptl_crystal_grow.temp_details    ? 
_exptl_crystal_grow.pH              5.7 
_exptl_crystal_grow.pdbx_details    
;0.5 ul protein 10 mg/ml, 5% DMSO, 2.5% glycerol, 250 mM NaCl, 10mM HEPES pH 7.5
0.5 ul crystallization buffer 18% PEG 1000, 50 mM MES pH 5.6, 50 mM K3PO4, pH 5.7, VAPOR DIFFUSION, SITTING DROP, temperature 290K
;
_exptl_crystal_grow.pdbx_pH_range   . 
# 
_diffrn.id                     1 
_diffrn.ambient_temp           ? 
_diffrn.ambient_temp_details   ? 
_diffrn.crystal_id             1 
# 
_diffrn_detector.diffrn_id              1 
_diffrn_detector.detector               CCD 
_diffrn_detector.type                   'ADSC QUANTUM 210' 
_diffrn_detector.pdbx_collection_date   2004-04-27 
_diffrn_detector.details                ? 
# 
_diffrn_radiation.diffrn_id                        1 
_diffrn_radiation.wavelength_id                    1 
_diffrn_radiation.pdbx_monochromatic_or_laue_m_l   M 
_diffrn_radiation.monochromator                    ? 
_diffrn_radiation.pdbx_diffrn_protocol             MAD 
_diffrn_radiation.pdbx_scattering_type             x-ray 
# 
loop_
_diffrn_radiation_wavelength.id 
_diffrn_radiation_wavelength.wavelength 
_diffrn_radiation_wavelength.wt 
1 0.919791 1.0 
2 0.9794   1.0 
3 0.9793   1.0 
4 0.8919   1.0 
# 
_diffrn_source.diffrn_id                   1 
_diffrn_source.source                      SYNCHROTRON 
_diffrn_source.type                        'SSRL BEAMLINE BL11-1' 
_diffrn_source.pdbx_synchrotron_site       SSRL 
_diffrn_source.pdbx_synchrotron_beamline   BL11-1 
_diffrn_source.pdbx_wavelength             0.919791 
_diffrn_source.pdbx_wavelength_list        '0.9794, 0.9793, 0.8919' 
# 
_reflns.entry_id                     1X9G 
_reflns.observed_criterion_sigma_I   ? 
_reflns.observed_criterion_sigma_F   0.0 
_reflns.d_resolution_low             39.40 
_reflns.d_resolution_high            2.40 
_reflns.number_obs                   10935 
_reflns.number_all                   20110 
_reflns.percent_possible_obs         ? 
_reflns.pdbx_Rmerge_I_obs            0.075 
_reflns.pdbx_Rsym_value              ? 
_reflns.pdbx_netI_over_sigmaI        ? 
_reflns.B_iso_Wilson_estimate        ? 
_reflns.pdbx_redundancy              20.80 
_reflns.R_free_details               ? 
_reflns.limit_h_max                  ? 
_reflns.limit_h_min                  ? 
_reflns.limit_k_max                  ? 
_reflns.limit_k_min                  ? 
_reflns.limit_l_max                  ? 
_reflns.limit_l_min                  ? 
_reflns.observed_criterion_F_max     ? 
_reflns.observed_criterion_F_min     ? 
_reflns.pdbx_chi_squared             ? 
_reflns.pdbx_scaling_rejects         ? 
_reflns.pdbx_ordinal                 1 
_reflns.pdbx_diffrn_id               1 
# 
loop_
_reflns_shell.d_res_high 
_reflns_shell.d_res_low 
_reflns_shell.percent_possible_all 
_reflns_shell.Rmerge_I_obs 
_reflns_shell.pdbx_Rsym_value 
_reflns_shell.meanI_over_sigI_obs 
_reflns_shell.pdbx_redundancy 
_reflns_shell.percent_possible_obs 
_reflns_shell.number_unique_all 
_reflns_shell.number_measured_all 
_reflns_shell.number_measured_obs 
_reflns_shell.number_unique_obs 
_reflns_shell.pdbx_chi_squared 
_reflns_shell.pdbx_ordinal 
_reflns_shell.pdbx_diffrn_id 
2.40 2.47  100.0 0.918 ? ? 20.6 ? ? ? ? ? ? 1  1 
2.47 2.55  100.0 0.914 ? ? 21.0 ? ? ? ? ? ? 2  1 
2.55 2.64  100.0 0.647 ? ? 21.3 ? ? ? ? ? ? 3  1 
2.64 2.75  100.0 0.455 ? ? 21.4 ? ? ? ? ? ? 4  1 
2.75 2.87  100.0 0.313 ? ? 21.5 ? ? ? ? ? ? 5  1 
2.87 3.02  100.0 0.226 ? ? 21.4 ? ? ? ? ? ? 6  1 
3.02 3.21  100.0 0.154 ? ? 21.3 ? ? ? ? ? ? 7  1 
3.21 3.46  100.0 0.102 ? ? 21.1 ? ? ? ? ? ? 8  1 
3.46 3.81  99.9  0.084 ? ? 20.9 ? ? ? ? ? ? 9  1 
3.81 4.36  99.8  0.065 ? ? 20.3 ? ? ? ? ? ? 10 1 
4.36 5.49  99.7  0.047 ? ? 19.4 ? ? ? ? ? ? 11 1 
5.49 50.00 98.4  0.033 ? ? 19.0 ? ? ? ? ? ? 12 1 
# 
_refine.entry_id                                 1X9G 
_refine.ls_number_reflns_obs                     9326 
_refine.ls_number_reflns_all                     20135 
_refine.pdbx_ls_sigma_I                          ? 
_refine.pdbx_ls_sigma_F                          ? 
_refine.pdbx_data_cutoff_high_absF               ? 
_refine.pdbx_data_cutoff_low_absF                ? 
_refine.pdbx_data_cutoff_high_rms_absF           ? 
_refine.ls_d_res_low                             39.406 
_refine.ls_d_res_high                            2.41 
_refine.ls_percent_reflns_obs                    94.07 
_refine.ls_R_factor_obs                          0.22969 
_refine.ls_R_factor_all                          ? 
_refine.ls_R_factor_R_work                       0.22468 
_refine.ls_R_factor_R_free                       0.27567 
_refine.ls_R_factor_R_free_error                 ? 
_refine.ls_R_factor_R_free_error_details         ? 
_refine.ls_percent_reflns_R_free                 9.5 
_refine.ls_number_reflns_R_free                  980 
_refine.ls_number_parameters                     ? 
_refine.ls_number_restraints                     ? 
_refine.occupancy_min                            1.00 
_refine.occupancy_max                            1.00 
_refine.correlation_coeff_Fo_to_Fc               0.944 
_refine.correlation_coeff_Fo_to_Fc_free          0.915 
_refine.B_iso_mean                               63.738 
_refine.aniso_B[1][1]                            ? 
_refine.aniso_B[2][2]                            ? 
_refine.aniso_B[3][3]                            ? 
_refine.aniso_B[1][2]                            ? 
_refine.aniso_B[1][3]                            ? 
_refine.aniso_B[2][3]                            ? 
_refine.solvent_model_details                    MASK 
_refine.solvent_model_param_ksol                 ? 
_refine.solvent_model_param_bsol                 ? 
_refine.pdbx_solvent_vdw_probe_radii             1.20 
_refine.pdbx_solvent_ion_probe_radii             0.80 
_refine.pdbx_solvent_shrinkage_radii             0.80 
_refine.pdbx_ls_cross_valid_method               THROUGHOUT 
_refine.details                                  'HYDROGENS HAVE BEEN ADDED IN THE RIDING POSITIONS' 
_refine.pdbx_starting_model                      ? 
_refine.pdbx_method_to_determine_struct          MAD 
_refine.pdbx_isotropic_thermal_model             ? 
_refine.pdbx_stereochemistry_target_values       ? 
_refine.pdbx_stereochem_target_val_spec_case     ? 
_refine.pdbx_R_Free_selection_details            RANDOM 
_refine.pdbx_overall_ESU_R                       0.389 
_refine.pdbx_overall_ESU_R_Free                  0.282 
_refine.overall_SU_ML                            0.241 
_refine.overall_SU_B                             23.980 
_refine.ls_redundancy_reflns_obs                 ? 
_refine.B_iso_min                                ? 
_refine.B_iso_max                                ? 
_refine.overall_SU_R_Cruickshank_DPI             ? 
_refine.overall_SU_R_free                        ? 
_refine.ls_wR_factor_R_free                      ? 
_refine.ls_wR_factor_R_work                      ? 
_refine.overall_FOM_free_R_set                   ? 
_refine.overall_FOM_work_R_set                   ? 
_refine.pdbx_refine_id                           'X-RAY DIFFRACTION' 
_refine.pdbx_TLS_residual_ADP_flag               'LIKELY RESIDUAL' 
_refine.pdbx_diffrn_id                           1 
_refine.pdbx_overall_phase_error                 ? 
_refine.pdbx_overall_SU_R_free_Cruickshank_DPI   ? 
_refine.pdbx_overall_SU_R_Blow_DPI               ? 
_refine.pdbx_overall_SU_R_free_Blow_DPI          ? 
# 
_refine_analyze.entry_id                        1X9G 
_refine_analyze.Luzzati_coordinate_error_obs    0.46 
_refine_analyze.Luzzati_sigma_a_obs             0.50 
_refine_analyze.Luzzati_d_res_low_obs           5.00 
_refine_analyze.Luzzati_coordinate_error_free   0.61 
_refine_analyze.Luzzati_sigma_a_free            0.60 
_refine_analyze.Luzzati_d_res_low_free          ? 
_refine_analyze.number_disordered_residues      ? 
_refine_analyze.occupancy_sum_hydrogen          ? 
_refine_analyze.occupancy_sum_non_hydrogen      ? 
_refine_analyze.pdbx_Luzzati_d_res_high_obs     ? 
_refine_analyze.pdbx_refine_id                  'X-RAY DIFFRACTION' 
# 
_refine_hist.pdbx_refine_id                   'X-RAY DIFFRACTION' 
_refine_hist.cycle_id                         LAST 
_refine_hist.pdbx_number_atoms_protein        1517 
_refine_hist.pdbx_number_atoms_nucleic_acid   0 
_refine_hist.pdbx_number_atoms_ligand         0 
_refine_hist.number_atoms_solvent             0 
_refine_hist.number_atoms_total               1517 
_refine_hist.d_res_high                       2.41 
_refine_hist.d_res_low                        39.406 
# 
loop_
_refine_ls_restr.type 
_refine_ls_restr.dev_ideal 
_refine_ls_restr.dev_ideal_target 
_refine_ls_restr.weight 
_refine_ls_restr.number 
_refine_ls_restr.pdbx_refine_id 
_refine_ls_restr.pdbx_restraint_function 
r_bond_refined_d         0.020  0.022  ? 1547 'X-RAY DIFFRACTION' ? 
r_bond_other_d           ?      ?      ? ?    'X-RAY DIFFRACTION' ? 
r_angle_refined_deg      1.970  1.987  ? 2092 'X-RAY DIFFRACTION' ? 
r_angle_other_deg        ?      ?      ? ?    'X-RAY DIFFRACTION' ? 
r_dihedral_angle_1_deg   7.557  5.000  ? 191  'X-RAY DIFFRACTION' ? 
r_dihedral_angle_2_deg   41.727 24.603 ? 63   'X-RAY DIFFRACTION' ? 
r_dihedral_angle_3_deg   21.361 15.000 ? 292  'X-RAY DIFFRACTION' ? 
r_dihedral_angle_4_deg   20.481 15.000 ? 8    'X-RAY DIFFRACTION' ? 
r_chiral_restr           0.151  0.200  ? 243  'X-RAY DIFFRACTION' ? 
r_gen_planes_refined     0.007  0.020  ? 1131 'X-RAY DIFFRACTION' ? 
r_gen_planes_other       ?      ?      ? ?    'X-RAY DIFFRACTION' ? 
r_nbd_refined            0.243  0.200  ? 668  'X-RAY DIFFRACTION' ? 
r_nbd_other              ?      ?      ? ?    'X-RAY DIFFRACTION' ? 
r_nbtor_refined          0.312  0.200  ? 1031 'X-RAY DIFFRACTION' ? 
r_nbtor_other            ?      ?      ? ?    'X-RAY DIFFRACTION' ? 
r_xyhbond_nbd_refined    0.180  0.200  ? 46   'X-RAY DIFFRACTION' ? 
r_xyhbond_nbd_other      ?      ?      ? ?    'X-RAY DIFFRACTION' ? 
r_metal_ion_refined      ?      ?      ? ?    'X-RAY DIFFRACTION' ? 
r_metal_ion_other        ?      ?      ? ?    'X-RAY DIFFRACTION' ? 
r_symmetry_vdw_refined   0.197  0.200  ? 28   'X-RAY DIFFRACTION' ? 
r_symmetry_vdw_other     ?      ?      ? ?    'X-RAY DIFFRACTION' ? 
r_symmetry_hbond_refined 0.130  0.200  ? 5    'X-RAY DIFFRACTION' ? 
r_symmetry_hbond_other   ?      ?      ? ?    'X-RAY DIFFRACTION' ? 
r_mcbond_it              0.936  1.500  ? 1002 'X-RAY DIFFRACTION' ? 
r_mcbond_other           ?      ?      ? ?    'X-RAY DIFFRACTION' ? 
r_mcangle_it             1.582  2.000  ? 1573 'X-RAY DIFFRACTION' ? 
r_scbond_it              2.251  3.000  ? 616  'X-RAY DIFFRACTION' ? 
r_scangle_it             3.464  4.500  ? 519  'X-RAY DIFFRACTION' ? 
r_rigid_bond_restr       ?      ?      ? ?    'X-RAY DIFFRACTION' ? 
r_sphericity_free        ?      ?      ? ?    'X-RAY DIFFRACTION' ? 
r_sphericity_bonded      ?      ?      ? ?    'X-RAY DIFFRACTION' ? 
# 
_refine_ls_shell.pdbx_total_number_of_bins_used   20 
_refine_ls_shell.d_res_high                       2.406 
_refine_ls_shell.d_res_low                        2.468 
_refine_ls_shell.number_reflns_R_work             598 
_refine_ls_shell.R_factor_R_work                  0.274 
_refine_ls_shell.percent_reflns_obs               85.70 
_refine_ls_shell.R_factor_R_free                  0.331 
_refine_ls_shell.R_factor_R_free_error            ? 
_refine_ls_shell.percent_reflns_R_free            ? 
_refine_ls_shell.number_reflns_R_free             67 
_refine_ls_shell.redundancy_reflns_obs            ? 
_refine_ls_shell.number_reflns_all                ? 
_refine_ls_shell.number_reflns_obs                ? 
_refine_ls_shell.pdbx_refine_id                   'X-RAY DIFFRACTION' 
_refine_ls_shell.R_factor_all                     ? 
# 
loop_
_pdbx_xplor_file.serial_no 
_pdbx_xplor_file.param_file 
_pdbx_xplor_file.topol_file 
_pdbx_xplor_file.pdbx_refine_id 
1 protein_rep.param  protein.top      'X-RAY DIFFRACTION' 
2 carbohydrate.param carbohydrate.top 'X-RAY DIFFRACTION' 
# 
_struct.entry_id                  1X9G 
_struct.title                     'PUTATIVE MAR1 RIBONUCLEASE FROM LEISHMANIA DONOVANI' 
_struct.pdbx_model_details        ? 
_struct.pdbx_CASP_flag            ? 
_struct.pdbx_model_type_details   ? 
# 
_struct_keywords.text            
;STRUCTURAL GENOMICS, Protein structure initiative, SGPP, PSI, Structural Genomics of Pathogenic Protozoa Consortium, UNKNOWN FUNCTION
;
_struct_keywords.entry_id        1X9G 
_struct_keywords.pdbx_keywords   'STRUCTURAL GENOMICS, UNKNOWN FUNCTION' 
# 
_struct_asym.id                            A 
_struct_asym.pdbx_blank_PDB_chainid_flag   N 
_struct_asym.pdbx_modified                 N 
_struct_asym.entity_id                     1 
_struct_asym.details                       ? 
# 
_struct_ref.id                         1 
_struct_ref.entity_id                  1 
_struct_ref.db_name                    PDB 
_struct_ref.db_code                    1X9G 
_struct_ref.pdbx_db_accession          1X9G 
_struct_ref.pdbx_db_isoform            ? 
_struct_ref.pdbx_seq_one_letter_code   ? 
_struct_ref.pdbx_align_begin           ? 
# 
_struct_ref_seq.align_id                      1 
_struct_ref_seq.ref_id                        1 
_struct_ref_seq.pdbx_PDB_id_code              1X9G 
_struct_ref_seq.pdbx_strand_id                A 
_struct_ref_seq.seq_align_beg                 1 
_struct_ref_seq.pdbx_seq_align_beg_ins_code   ? 
_struct_ref_seq.seq_align_end                 200 
_struct_ref_seq.pdbx_seq_align_end_ins_code   ? 
_struct_ref_seq.pdbx_db_accession             1X9G 
_struct_ref_seq.db_align_beg                  -7 
_struct_ref_seq.pdbx_db_align_beg_ins_code    ? 
_struct_ref_seq.db_align_end                  192 
_struct_ref_seq.pdbx_db_align_end_ins_code    ? 
_struct_ref_seq.pdbx_auth_seq_align_beg       -7 
_struct_ref_seq.pdbx_auth_seq_align_end       192 
# 
_pdbx_struct_assembly.id                   1 
_pdbx_struct_assembly.details              author_and_software_defined_assembly 
_pdbx_struct_assembly.method_details       PISA,PQS 
_pdbx_struct_assembly.oligomeric_details   tetrameric 
_pdbx_struct_assembly.oligomeric_count     4 
# 
loop_
_pdbx_struct_assembly_prop.biol_id 
_pdbx_struct_assembly_prop.type 
_pdbx_struct_assembly_prop.value 
_pdbx_struct_assembly_prop.details 
1 'ABSA (A^2)' 7770  ? 
1 MORE         -41   ? 
1 'SSA (A^2)'  31400 ? 
# 
_pdbx_struct_assembly_gen.assembly_id       1 
_pdbx_struct_assembly_gen.oper_expression   1,2,3,4 
_pdbx_struct_assembly_gen.asym_id_list      A 
# 
loop_
_pdbx_struct_oper_list.id 
_pdbx_struct_oper_list.type 
_pdbx_struct_oper_list.name 
_pdbx_struct_oper_list.symmetry_operation 
_pdbx_struct_oper_list.matrix[1][1] 
_pdbx_struct_oper_list.matrix[1][2] 
_pdbx_struct_oper_list.matrix[1][3] 
_pdbx_struct_oper_list.vector[1] 
_pdbx_struct_oper_list.matrix[2][1] 
_pdbx_struct_oper_list.matrix[2][2] 
_pdbx_struct_oper_list.matrix[2][3] 
_pdbx_struct_oper_list.vector[2] 
_pdbx_struct_oper_list.matrix[3][1] 
_pdbx_struct_oper_list.matrix[3][2] 
_pdbx_struct_oper_list.matrix[3][3] 
_pdbx_struct_oper_list.vector[3] 
1 'identity operation'         1_555  x,y,z   1.0000000000  0.0000000000  0.0000000000  0.0000000000  0.0000000000  1.0000000000 0.0000000000  0.0000000000  0.0000000000  0.0000000000  1.0000000000  0.0000000000  
2 'crystal symmetry operation' 3_555  -x,y,-z -0.9766871545 -0.1969509733 0.0853962316  22.2860370459 -0.1969509733 0.6638760749 -0.7214422161 17.9274309759 0.0853962316  -0.7214422161 -0.6871889205 35.2623761535 
3 'crystal symmetry operation' 21_555 z,y,-x  0.0116564228  0.2970059159  0.9548044898  -8.4834832762 -0.4939568892 0.8319380375 -0.2527561936 11.4670223694 -0.8694082582 -0.4686860225 0.1564055398  28.7625730731 
4 'crystal symmetry operation' 23_555 -z,y,x  0.0116564228  -0.4939568892 -0.8694082582 30.7695203221 0.2970059159  0.8319380375 -0.4686860225 6.4604086066  0.9548044898  -0.2527561936 0.1564055398  6.4998030804 
# 
_struct_biol.id                    1 
_struct_biol.pdbx_parent_biol_id   ? 
_struct_biol.details               ? 
# 
loop_
_struct_conf.conf_type_id 
_struct_conf.id 
_struct_conf.pdbx_PDB_helix_id 
_struct_conf.beg_label_comp_id 
_struct_conf.beg_label_asym_id 
_struct_conf.beg_label_seq_id 
_struct_conf.pdbx_beg_PDB_ins_code 
_struct_conf.end_label_comp_id 
_struct_conf.end_label_asym_id 
_struct_conf.end_label_seq_id 
_struct_conf.pdbx_end_PDB_ins_code 
_struct_conf.beg_auth_comp_id 
_struct_conf.beg_auth_asym_id 
_struct_conf.beg_auth_seq_id 
_struct_conf.end_auth_comp_id 
_struct_conf.end_auth_asym_id 
_struct_conf.end_auth_seq_id 
_struct_conf.pdbx_PDB_helix_class 
_struct_conf.details 
_struct_conf.pdbx_PDB_helix_length 
HELX_P HELX_P1 1 ASN A 38  ? VAL A 56  ? ASN A 30  VAL A 48  1 ? 19 
HELX_P HELX_P2 2 VAL A 97  ? LEU A 103 ? VAL A 89  LEU A 95  1 ? 7  
HELX_P HELX_P3 3 ALA A 119 ? MET A 131 ? ALA A 111 MET A 123 1 ? 13 
HELX_P HELX_P4 4 LYS A 146 ? SER A 159 ? LYS A 138 SER A 151 1 ? 14 
HELX_P HELX_P5 5 THR A 168 ? THR A 177 ? THR A 160 THR A 169 1 ? 10 
HELX_P HELX_P6 6 ASN A 184 ? LEU A 192 ? ASN A 176 LEU A 184 1 ? 9  
# 
_struct_conf_type.id          HELX_P 
_struct_conf_type.criteria    ? 
_struct_conf_type.reference   ? 
# 
loop_
_struct_mon_prot_cis.pdbx_id 
_struct_mon_prot_cis.label_comp_id 
_struct_mon_prot_cis.label_seq_id 
_struct_mon_prot_cis.label_asym_id 
_struct_mon_prot_cis.label_alt_id 
_struct_mon_prot_cis.pdbx_PDB_ins_code 
_struct_mon_prot_cis.auth_comp_id 
_struct_mon_prot_cis.auth_seq_id 
_struct_mon_prot_cis.auth_asym_id 
_struct_mon_prot_cis.pdbx_label_comp_id_2 
_struct_mon_prot_cis.pdbx_label_seq_id_2 
_struct_mon_prot_cis.pdbx_label_asym_id_2 
_struct_mon_prot_cis.pdbx_PDB_ins_code_2 
_struct_mon_prot_cis.pdbx_auth_comp_id_2 
_struct_mon_prot_cis.pdbx_auth_seq_id_2 
_struct_mon_prot_cis.pdbx_auth_asym_id_2 
_struct_mon_prot_cis.pdbx_PDB_model_num 
_struct_mon_prot_cis.pdbx_omega_angle 
1 ILE 115 A . ? ILE 107 A GLU 116 A ? GLU 108 A 1 -5.06 
2 GLY 161 A . ? GLY 153 A PRO 162 A ? PRO 154 A 1 1.39  
# 
loop_
_struct_sheet.id 
_struct_sheet.type 
_struct_sheet.number_strands 
_struct_sheet.details 
A ? 5 ? 
B ? 6 ? 
# 
loop_
_struct_sheet_order.sheet_id 
_struct_sheet_order.range_id_1 
_struct_sheet_order.range_id_2 
_struct_sheet_order.offset 
_struct_sheet_order.sense 
A 1 2 ? parallel 
A 2 3 ? parallel 
A 3 4 ? parallel 
A 4 5 ? parallel 
B 1 2 ? parallel 
B 2 3 ? parallel 
B 3 4 ? parallel 
B 4 5 ? parallel 
B 5 6 ? parallel 
# 
loop_
_struct_sheet_range.sheet_id 
_struct_sheet_range.id 
_struct_sheet_range.beg_label_comp_id 
_struct_sheet_range.beg_label_asym_id 
_struct_sheet_range.beg_label_seq_id 
_struct_sheet_range.pdbx_beg_PDB_ins_code 
_struct_sheet_range.end_label_comp_id 
_struct_sheet_range.end_label_asym_id 
_struct_sheet_range.end_label_seq_id 
_struct_sheet_range.pdbx_end_PDB_ins_code 
_struct_sheet_range.beg_auth_comp_id 
_struct_sheet_range.beg_auth_asym_id 
_struct_sheet_range.beg_auth_seq_id 
_struct_sheet_range.end_auth_comp_id 
_struct_sheet_range.end_auth_asym_id 
_struct_sheet_range.end_auth_seq_id 
A 1 HIS A 86  ? LYS A 90  ? HIS A 78  LYS A 82  
A 2 THR A 60  ? HIS A 67  ? THR A 52  HIS A 59  
A 3 THR A 21  ? VAL A 26  ? THR A 13  VAL A 18  
A 4 ASN A 109 ? ILE A 115 ? ASN A 101 ILE A 107 
A 5 LEU A 142 ? GLY A 143 ? LEU A 134 GLY A 135 
B 1 HIS A 86  ? LYS A 90  ? HIS A 78  LYS A 82  
B 2 THR A 60  ? HIS A 67  ? THR A 52  HIS A 59  
B 3 THR A 21  ? VAL A 26  ? THR A 13  VAL A 18  
B 4 ASN A 109 ? ILE A 115 ? ASN A 101 ILE A 107 
B 5 ARG A 134 ? PRO A 138 ? ARG A 126 PRO A 130 
B 6 CYS A 164 ? THR A 167 ? CYS A 156 THR A 159 
# 
loop_
_pdbx_struct_sheet_hbond.sheet_id 
_pdbx_struct_sheet_hbond.range_id_1 
_pdbx_struct_sheet_hbond.range_id_2 
_pdbx_struct_sheet_hbond.range_1_label_atom_id 
_pdbx_struct_sheet_hbond.range_1_label_comp_id 
_pdbx_struct_sheet_hbond.range_1_label_asym_id 
_pdbx_struct_sheet_hbond.range_1_label_seq_id 
_pdbx_struct_sheet_hbond.range_1_PDB_ins_code 
_pdbx_struct_sheet_hbond.range_1_auth_atom_id 
_pdbx_struct_sheet_hbond.range_1_auth_comp_id 
_pdbx_struct_sheet_hbond.range_1_auth_asym_id 
_pdbx_struct_sheet_hbond.range_1_auth_seq_id 
_pdbx_struct_sheet_hbond.range_2_label_atom_id 
_pdbx_struct_sheet_hbond.range_2_label_comp_id 
_pdbx_struct_sheet_hbond.range_2_label_asym_id 
_pdbx_struct_sheet_hbond.range_2_label_seq_id 
_pdbx_struct_sheet_hbond.range_2_PDB_ins_code 
_pdbx_struct_sheet_hbond.range_2_auth_atom_id 
_pdbx_struct_sheet_hbond.range_2_auth_comp_id 
_pdbx_struct_sheet_hbond.range_2_auth_asym_id 
_pdbx_struct_sheet_hbond.range_2_auth_seq_id 
A 1 2 O ILE A 88  ? O ILE A 80  N VAL A 64  ? N VAL A 56  
A 2 3 O ILE A 63  ? O ILE A 55  N CYS A 25  ? N CYS A 17  
A 3 4 N ALA A 22  ? N ALA A 14  O VAL A 111 ? O VAL A 103 
A 4 5 N GLY A 114 ? N GLY A 106 O GLY A 143 ? O GLY A 135 
B 1 2 O ILE A 88  ? O ILE A 80  N VAL A 64  ? N VAL A 56  
B 2 3 O ILE A 63  ? O ILE A 55  N CYS A 25  ? N CYS A 17  
B 3 4 N ALA A 22  ? N ALA A 14  O VAL A 111 ? O VAL A 103 
B 4 5 N ALA A 110 ? N ALA A 102 O ARG A 134 ? O ARG A 126 
B 5 6 N LEU A 137 ? N LEU A 129 O GLU A 165 ? O GLU A 157 
# 
_pdbx_validate_rmsd_bond.id                        1 
_pdbx_validate_rmsd_bond.PDB_model_num             1 
_pdbx_validate_rmsd_bond.auth_atom_id_1            CD 
_pdbx_validate_rmsd_bond.auth_asym_id_1            A 
_pdbx_validate_rmsd_bond.auth_comp_id_1            LYS 
_pdbx_validate_rmsd_bond.auth_seq_id_1             53 
_pdbx_validate_rmsd_bond.PDB_ins_code_1            ? 
_pdbx_validate_rmsd_bond.label_alt_id_1            ? 
_pdbx_validate_rmsd_bond.auth_atom_id_2            CE 
_pdbx_validate_rmsd_bond.auth_asym_id_2            A 
_pdbx_validate_rmsd_bond.auth_comp_id_2            LYS 
_pdbx_validate_rmsd_bond.auth_seq_id_2             53 
_pdbx_validate_rmsd_bond.PDB_ins_code_2            ? 
_pdbx_validate_rmsd_bond.label_alt_id_2            ? 
_pdbx_validate_rmsd_bond.bond_value                1.736 
_pdbx_validate_rmsd_bond.bond_target_value         1.508 
_pdbx_validate_rmsd_bond.bond_deviation            0.228 
_pdbx_validate_rmsd_bond.bond_standard_deviation   0.025 
_pdbx_validate_rmsd_bond.linker_flag               N 
# 
loop_
_pdbx_validate_rmsd_angle.id 
_pdbx_validate_rmsd_angle.PDB_model_num 
_pdbx_validate_rmsd_angle.auth_atom_id_1 
_pdbx_validate_rmsd_angle.auth_asym_id_1 
_pdbx_validate_rmsd_angle.auth_comp_id_1 
_pdbx_validate_rmsd_angle.auth_seq_id_1 
_pdbx_validate_rmsd_angle.PDB_ins_code_1 
_pdbx_validate_rmsd_angle.label_alt_id_1 
_pdbx_validate_rmsd_angle.auth_atom_id_2 
_pdbx_validate_rmsd_angle.auth_asym_id_2 
_pdbx_validate_rmsd_angle.auth_comp_id_2 
_pdbx_validate_rmsd_angle.auth_seq_id_2 
_pdbx_validate_rmsd_angle.PDB_ins_code_2 
_pdbx_validate_rmsd_angle.label_alt_id_2 
_pdbx_validate_rmsd_angle.auth_atom_id_3 
_pdbx_validate_rmsd_angle.auth_asym_id_3 
_pdbx_validate_rmsd_angle.auth_comp_id_3 
_pdbx_validate_rmsd_angle.auth_seq_id_3 
_pdbx_validate_rmsd_angle.PDB_ins_code_3 
_pdbx_validate_rmsd_angle.label_alt_id_3 
_pdbx_validate_rmsd_angle.angle_value 
_pdbx_validate_rmsd_angle.angle_target_value 
_pdbx_validate_rmsd_angle.angle_deviation 
_pdbx_validate_rmsd_angle.angle_standard_deviation 
_pdbx_validate_rmsd_angle.linker_flag 
1 1 CA A LEU 64  ? ? CB A LEU 64  ? ? CG  A LEU 64  ? ? 129.88 115.30 14.58  2.30 N 
2 1 CB A LEU 79  ? ? CG A LEU 79  ? ? CD2 A LEU 79  ? ? 99.68  111.00 -11.32 1.70 N 
3 1 CB A ASP 132 ? ? CG A ASP 132 ? ? OD1 A ASP 132 ? ? 112.14 118.30 -6.16  0.90 N 
# 
loop_
_pdbx_validate_torsion.id 
_pdbx_validate_torsion.PDB_model_num 
_pdbx_validate_torsion.auth_comp_id 
_pdbx_validate_torsion.auth_asym_id 
_pdbx_validate_torsion.auth_seq_id 
_pdbx_validate_torsion.PDB_ins_code 
_pdbx_validate_torsion.label_alt_id 
_pdbx_validate_torsion.phi 
_pdbx_validate_torsion.psi 
1  1 SER A 25  ? ? -39.03  -35.56  
2  1 TYR A 60  ? ? 25.70   65.85   
3  1 LEU A 64  ? ? 65.22   78.67   
4  1 ILE A 67  ? ? -68.00  92.31   
5  1 VAL A 68  ? ? -9.56   121.13  
6  1 ALA A 111 ? ? -125.53 -101.21 
7  1 ASP A 132 ? ? -24.45  -50.61  
8  1 THR A 159 ? ? -133.25 -125.52 
9  1 THR A 169 ? ? -107.73 73.88   
10 1 LYS A 170 ? ? -61.17  5.13    
# 
_pdbx_SG_project.id                    1 
_pdbx_SG_project.project_name          'PSI, Protein Structure Initiative' 
_pdbx_SG_project.full_name_of_center   'Structural Genomics of Pathogenic Protozoa Consortium' 
_pdbx_SG_project.initial_of_center     SGPP 
# 
_pdbx_refine_tls.id               1 
_pdbx_refine_tls.details          ? 
_pdbx_refine_tls.method           refined 
_pdbx_refine_tls.origin_x         -0.1242 
_pdbx_refine_tls.origin_y         -0.1106 
_pdbx_refine_tls.origin_z         -0.0758 
_pdbx_refine_tls.T[1][1]          -0.1094 
_pdbx_refine_tls.T[2][2]          0.1241 
_pdbx_refine_tls.T[3][3]          -0.0520 
_pdbx_refine_tls.T[1][2]          0.0661 
_pdbx_refine_tls.T[1][3]          -0.0919 
_pdbx_refine_tls.T[2][3]          -0.2391 
_pdbx_refine_tls.L[1][1]          1.6162 
_pdbx_refine_tls.L[2][2]          0.7739 
_pdbx_refine_tls.L[3][3]          1.1506 
_pdbx_refine_tls.L[1][2]          0.2206 
_pdbx_refine_tls.L[1][3]          0.0307 
_pdbx_refine_tls.L[2][3]          -0.1186 
_pdbx_refine_tls.S[1][1]          0.1347 
_pdbx_refine_tls.S[1][2]          0.2483 
_pdbx_refine_tls.S[1][3]          -0.0855 
_pdbx_refine_tls.S[2][1]          -0.1145 
_pdbx_refine_tls.S[2][2]          -0.2338 
_pdbx_refine_tls.S[2][3]          0.2192 
_pdbx_refine_tls.S[3][1]          0.1174 
_pdbx_refine_tls.S[3][2]          0.0694 
_pdbx_refine_tls.S[3][3]          0.0990 
_pdbx_refine_tls.pdbx_refine_id   'X-RAY DIFFRACTION' 
# 
_pdbx_refine_tls_group.id                  1 
_pdbx_refine_tls_group.refine_tls_id       1 
_pdbx_refine_tls_group.beg_label_asym_id   A 
_pdbx_refine_tls_group.beg_label_seq_id    9 
_pdbx_refine_tls_group.beg_auth_seq_id     1 
_pdbx_refine_tls_group.end_label_asym_id   A 
_pdbx_refine_tls_group.end_label_seq_id    200 
_pdbx_refine_tls_group.end_auth_seq_id     192 
_pdbx_refine_tls_group.selection           ? 
_pdbx_refine_tls_group.beg_auth_asym_id    A 
_pdbx_refine_tls_group.end_auth_asym_id    A 
_pdbx_refine_tls_group.pdbx_refine_id      'X-RAY DIFFRACTION' 
_pdbx_refine_tls_group.selection_details   ? 
# 
loop_
_pdbx_phasing_MAD_shell.d_res_high 
_pdbx_phasing_MAD_shell.d_res_low 
_pdbx_phasing_MAD_shell.fom 
_pdbx_phasing_MAD_shell.reflns 
10.37 26.726 0.70 322 
6.70  10.37  0.74 491 
5.28  6.70   0.72 597 
4.49  5.28   0.71 704 
3.98  4.49   0.69 779 
3.61  3.98   0.70 849 
3.32  3.61   0.65 919 
3.10  3.32   0.59 987 
# 
loop_
_pdbx_phasing_dm_shell.d_res_high 
_pdbx_phasing_dm_shell.d_res_low 
_pdbx_phasing_dm_shell.delta_phi_final 
_pdbx_phasing_dm_shell.fom 
_pdbx_phasing_dm_shell.reflns 
6.96 100.00 51.4 0.814 502 
5.46 6.96   57.9 0.802 505 
4.74 5.46   39.5 0.798 506 
4.29 4.74   34.0 0.792 504 
3.97 4.29   44.6 0.640 508 
3.72 3.97   35.2 0.692 513 
3.52 3.72   29.3 0.749 507 
3.37 3.52   24.6 0.719 503 
3.23 3.37   23.3 0.679 505 
3.12 3.23   22.2 0.600 503 
3.00 3.12   25.4 0.508 580 
# 
_phasing.method   MAD 
# 
_phasing_MAD.entry_id          1X9G 
_phasing_MAD.pdbx_d_res_high   3.002 
_phasing_MAD.pdbx_d_res_low    26.726 
_phasing_MAD.pdbx_fom          0.68 
_phasing_MAD.pdbx_reflns       5648 
# 
_phasing_MAD_clust.id           1 
_phasing_MAD_clust.expt_id      1 
_phasing_MAD_clust.number_set   ? 
# 
_phasing_MAD_expt.id         1 
_phasing_MAD_expt.mean_fom   ? 
# 
loop_
_phasing_MAD_set.set_id 
_phasing_MAD_set.pdbx_f_double_prime_refined 
_phasing_MAD_set.pdbx_f_prime_refined 
_phasing_MAD_set.wavelength 
_phasing_MAD_set.expt_id 
_phasing_MAD_set.clust_id 
1 3.24 -10.38 0.9794 1 1 
2 3.30 -3.13  0.9793 1 1 
3 6.02 -5.17  0.8919 1 1 
# 
loop_
_phasing_set.id 
_phasing_set.pdbx_d_res_high 
_phasing_set.pdbx_d_res_low 
1 . . 
2 . . 
3 . . 
# 
_pdbx_database_remark.id     999 
_pdbx_database_remark.text   
;SEQUENCE
This protein is a putative homologue of the MAR1 
endoribonuclease from L tarentolae, SPTR O77166.  
The closest Genbank sequence is the homologous 
protein from L Major, Genbank identifier 
LmjF12.0060
;
# 
loop_
_pdbx_unobs_or_zero_occ_residues.id 
_pdbx_unobs_or_zero_occ_residues.PDB_model_num 
_pdbx_unobs_or_zero_occ_residues.polymer_flag 
_pdbx_unobs_or_zero_occ_residues.occupancy_flag 
_pdbx_unobs_or_zero_occ_residues.auth_asym_id 
_pdbx_unobs_or_zero_occ_residues.auth_comp_id 
_pdbx_unobs_or_zero_occ_residues.auth_seq_id 
_pdbx_unobs_or_zero_occ_residues.PDB_ins_code 
_pdbx_unobs_or_zero_occ_residues.label_asym_id 
_pdbx_unobs_or_zero_occ_residues.label_comp_id 
_pdbx_unobs_or_zero_occ_residues.label_seq_id 
1 1 Y 1 A MET -7 ? A MET 1 
2 1 Y 1 A ALA -6 ? A ALA 2 
3 1 Y 1 A HIS -5 ? A HIS 3 
4 1 Y 1 A HIS -4 ? A HIS 4 
5 1 Y 1 A HIS -3 ? A HIS 5 
6 1 Y 1 A HIS -2 ? A HIS 6 
7 1 Y 1 A HIS -1 ? A HIS 7 
8 1 Y 1 A HIS 0  ? A HIS 8 
# 
loop_
_chem_comp_atom.comp_id 
_chem_comp_atom.atom_id 
_chem_comp_atom.type_symbol 
_chem_comp_atom.pdbx_aromatic_flag 
_chem_comp_atom.pdbx_stereo_config 
_chem_comp_atom.pdbx_ordinal 
ALA N    N N N 1   
ALA CA   C N S 2   
ALA C    C N N 3   
ALA O    O N N 4   
ALA CB   C N N 5   
ALA OXT  O N N 6   
ALA H    H N N 7   
ALA H2   H N N 8   
ALA HA   H N N 9   
ALA HB1  H N N 10  
ALA HB2  H N N 11  
ALA HB3  H N N 12  
ALA HXT  H N N 13  
ARG N    N N N 14  
ARG CA   C N S 15  
ARG C    C N N 16  
ARG O    O N N 17  
ARG CB   C N N 18  
ARG CG   C N N 19  
ARG CD   C N N 20  
ARG NE   N N N 21  
ARG CZ   C N N 22  
ARG NH1  N N N 23  
ARG NH2  N N N 24  
ARG OXT  O N N 25  
ARG H    H N N 26  
ARG H2   H N N 27  
ARG HA   H N N 28  
ARG HB2  H N N 29  
ARG HB3  H N N 30  
ARG HG2  H N N 31  
ARG HG3  H N N 32  
ARG HD2  H N N 33  
ARG HD3  H N N 34  
ARG HE   H N N 35  
ARG HH11 H N N 36  
ARG HH12 H N N 37  
ARG HH21 H N N 38  
ARG HH22 H N N 39  
ARG HXT  H N N 40  
ASN N    N N N 41  
ASN CA   C N S 42  
ASN C    C N N 43  
ASN O    O N N 44  
ASN CB   C N N 45  
ASN CG   C N N 46  
ASN OD1  O N N 47  
ASN ND2  N N N 48  
ASN OXT  O N N 49  
ASN H    H N N 50  
ASN H2   H N N 51  
ASN HA   H N N 52  
ASN HB2  H N N 53  
ASN HB3  H N N 54  
ASN HD21 H N N 55  
ASN HD22 H N N 56  
ASN HXT  H N N 57  
ASP N    N N N 58  
ASP CA   C N S 59  
ASP C    C N N 60  
ASP O    O N N 61  
ASP CB   C N N 62  
ASP CG   C N N 63  
ASP OD1  O N N 64  
ASP OD2  O N N 65  
ASP OXT  O N N 66  
ASP H    H N N 67  
ASP H2   H N N 68  
ASP HA   H N N 69  
ASP HB2  H N N 70  
ASP HB3  H N N 71  
ASP HD2  H N N 72  
ASP HXT  H N N 73  
CYS N    N N N 74  
CYS CA   C N R 75  
CYS C    C N N 76  
CYS O    O N N 77  
CYS CB   C N N 78  
CYS SG   S N N 79  
CYS OXT  O N N 80  
CYS H    H N N 81  
CYS H2   H N N 82  
CYS HA   H N N 83  
CYS HB2  H N N 84  
CYS HB3  H N N 85  
CYS HG   H N N 86  
CYS HXT  H N N 87  
GLN N    N N N 88  
GLN CA   C N S 89  
GLN C    C N N 90  
GLN O    O N N 91  
GLN CB   C N N 92  
GLN CG   C N N 93  
GLN CD   C N N 94  
GLN OE1  O N N 95  
GLN NE2  N N N 96  
GLN OXT  O N N 97  
GLN H    H N N 98  
GLN H2   H N N 99  
GLN HA   H N N 100 
GLN HB2  H N N 101 
GLN HB3  H N N 102 
GLN HG2  H N N 103 
GLN HG3  H N N 104 
GLN HE21 H N N 105 
GLN HE22 H N N 106 
GLN HXT  H N N 107 
GLU N    N N N 108 
GLU CA   C N S 109 
GLU C    C N N 110 
GLU O    O N N 111 
GLU CB   C N N 112 
GLU CG   C N N 113 
GLU CD   C N N 114 
GLU OE1  O N N 115 
GLU OE2  O N N 116 
GLU OXT  O N N 117 
GLU H    H N N 118 
GLU H2   H N N 119 
GLU HA   H N N 120 
GLU HB2  H N N 121 
GLU HB3  H N N 122 
GLU HG2  H N N 123 
GLU HG3  H N N 124 
GLU HE2  H N N 125 
GLU HXT  H N N 126 
GLY N    N N N 127 
GLY CA   C N N 128 
GLY C    C N N 129 
GLY O    O N N 130 
GLY OXT  O N N 131 
GLY H    H N N 132 
GLY H2   H N N 133 
GLY HA2  H N N 134 
GLY HA3  H N N 135 
GLY HXT  H N N 136 
HIS N    N N N 137 
HIS CA   C N S 138 
HIS C    C N N 139 
HIS O    O N N 140 
HIS CB   C N N 141 
HIS CG   C Y N 142 
HIS ND1  N Y N 143 
HIS CD2  C Y N 144 
HIS CE1  C Y N 145 
HIS NE2  N Y N 146 
HIS OXT  O N N 147 
HIS H    H N N 148 
HIS H2   H N N 149 
HIS HA   H N N 150 
HIS HB2  H N N 151 
HIS HB3  H N N 152 
HIS HD1  H N N 153 
HIS HD2  H N N 154 
HIS HE1  H N N 155 
HIS HE2  H N N 156 
HIS HXT  H N N 157 
ILE N    N N N 158 
ILE CA   C N S 159 
ILE C    C N N 160 
ILE O    O N N 161 
ILE CB   C N S 162 
ILE CG1  C N N 163 
ILE CG2  C N N 164 
ILE CD1  C N N 165 
ILE OXT  O N N 166 
ILE H    H N N 167 
ILE H2   H N N 168 
ILE HA   H N N 169 
ILE HB   H N N 170 
ILE HG12 H N N 171 
ILE HG13 H N N 172 
ILE HG21 H N N 173 
ILE HG22 H N N 174 
ILE HG23 H N N 175 
ILE HD11 H N N 176 
ILE HD12 H N N 177 
ILE HD13 H N N 178 
ILE HXT  H N N 179 
LEU N    N N N 180 
LEU CA   C N S 181 
LEU C    C N N 182 
LEU O    O N N 183 
LEU CB   C N N 184 
LEU CG   C N N 185 
LEU CD1  C N N 186 
LEU CD2  C N N 187 
LEU OXT  O N N 188 
LEU H    H N N 189 
LEU H2   H N N 190 
LEU HA   H N N 191 
LEU HB2  H N N 192 
LEU HB3  H N N 193 
LEU HG   H N N 194 
LEU HD11 H N N 195 
LEU HD12 H N N 196 
LEU HD13 H N N 197 
LEU HD21 H N N 198 
LEU HD22 H N N 199 
LEU HD23 H N N 200 
LEU HXT  H N N 201 
LYS N    N N N 202 
LYS CA   C N S 203 
LYS C    C N N 204 
LYS O    O N N 205 
LYS CB   C N N 206 
LYS CG   C N N 207 
LYS CD   C N N 208 
LYS CE   C N N 209 
LYS NZ   N N N 210 
LYS OXT  O N N 211 
LYS H    H N N 212 
LYS H2   H N N 213 
LYS HA   H N N 214 
LYS HB2  H N N 215 
LYS HB3  H N N 216 
LYS HG2  H N N 217 
LYS HG3  H N N 218 
LYS HD2  H N N 219 
LYS HD3  H N N 220 
LYS HE2  H N N 221 
LYS HE3  H N N 222 
LYS HZ1  H N N 223 
LYS HZ2  H N N 224 
LYS HZ3  H N N 225 
LYS HXT  H N N 226 
MET N    N N N 227 
MET CA   C N S 228 
MET C    C N N 229 
MET O    O N N 230 
MET CB   C N N 231 
MET CG   C N N 232 
MET SD   S N N 233 
MET CE   C N N 234 
MET OXT  O N N 235 
MET H    H N N 236 
MET H2   H N N 237 
MET HA   H N N 238 
MET HB2  H N N 239 
MET HB3  H N N 240 
MET HG2  H N N 241 
MET HG3  H N N 242 
MET HE1  H N N 243 
MET HE2  H N N 244 
MET HE3  H N N 245 
MET HXT  H N N 246 
PHE N    N N N 247 
PHE CA   C N S 248 
PHE C    C N N 249 
PHE O    O N N 250 
PHE CB   C N N 251 
PHE CG   C Y N 252 
PHE CD1  C Y N 253 
PHE CD2  C Y N 254 
PHE CE1  C Y N 255 
PHE CE2  C Y N 256 
PHE CZ   C Y N 257 
PHE OXT  O N N 258 
PHE H    H N N 259 
PHE H2   H N N 260 
PHE HA   H N N 261 
PHE HB2  H N N 262 
PHE HB3  H N N 263 
PHE HD1  H N N 264 
PHE HD2  H N N 265 
PHE HE1  H N N 266 
PHE HE2  H N N 267 
PHE HZ   H N N 268 
PHE HXT  H N N 269 
PRO N    N N N 270 
PRO CA   C N S 271 
PRO C    C N N 272 
PRO O    O N N 273 
PRO CB   C N N 274 
PRO CG   C N N 275 
PRO CD   C N N 276 
PRO OXT  O N N 277 
PRO H    H N N 278 
PRO HA   H N N 279 
PRO HB2  H N N 280 
PRO HB3  H N N 281 
PRO HG2  H N N 282 
PRO HG3  H N N 283 
PRO HD2  H N N 284 
PRO HD3  H N N 285 
PRO HXT  H N N 286 
SER N    N N N 287 
SER CA   C N S 288 
SER C    C N N 289 
SER O    O N N 290 
SER CB   C N N 291 
SER OG   O N N 292 
SER OXT  O N N 293 
SER H    H N N 294 
SER H2   H N N 295 
SER HA   H N N 296 
SER HB2  H N N 297 
SER HB3  H N N 298 
SER HG   H N N 299 
SER HXT  H N N 300 
THR N    N N N 301 
THR CA   C N S 302 
THR C    C N N 303 
THR O    O N N 304 
THR CB   C N R 305 
THR OG1  O N N 306 
THR CG2  C N N 307 
THR OXT  O N N 308 
THR H    H N N 309 
THR H2   H N N 310 
THR HA   H N N 311 
THR HB   H N N 312 
THR HG1  H N N 313 
THR HG21 H N N 314 
THR HG22 H N N 315 
THR HG23 H N N 316 
THR HXT  H N N 317 
TRP N    N N N 318 
TRP CA   C N S 319 
TRP C    C N N 320 
TRP O    O N N 321 
TRP CB   C N N 322 
TRP CG   C Y N 323 
TRP CD1  C Y N 324 
TRP CD2  C Y N 325 
TRP NE1  N Y N 326 
TRP CE2  C Y N 327 
TRP CE3  C Y N 328 
TRP CZ2  C Y N 329 
TRP CZ3  C Y N 330 
TRP CH2  C Y N 331 
TRP OXT  O N N 332 
TRP H    H N N 333 
TRP H2   H N N 334 
TRP HA   H N N 335 
TRP HB2  H N N 336 
TRP HB3  H N N 337 
TRP HD1  H N N 338 
TRP HE1  H N N 339 
TRP HE3  H N N 340 
TRP HZ2  H N N 341 
TRP HZ3  H N N 342 
TRP HH2  H N N 343 
TRP HXT  H N N 344 
TYR N    N N N 345 
TYR CA   C N S 346 
TYR C    C N N 347 
TYR O    O N N 348 
TYR CB   C N N 349 
TYR CG   C Y N 350 
TYR CD1  C Y N 351 
TYR CD2  C Y N 352 
TYR CE1  C Y N 353 
TYR CE2  C Y N 354 
TYR CZ   C Y N 355 
TYR OH   O N N 356 
TYR OXT  O N N 357 
TYR H    H N N 358 
TYR H2   H N N 359 
TYR HA   H N N 360 
TYR HB2  H N N 361 
TYR HB3  H N N 362 
TYR HD1  H N N 363 
TYR HD2  H N N 364 
TYR HE1  H N N 365 
TYR HE2  H N N 366 
TYR HH   H N N 367 
TYR HXT  H N N 368 
VAL N    N N N 369 
VAL CA   C N S 370 
VAL C    C N N 371 
VAL O    O N N 372 
VAL CB   C N N 373 
VAL CG1  C N N 374 
VAL CG2  C N N 375 
VAL OXT  O N N 376 
VAL H    H N N 377 
VAL H2   H N N 378 
VAL HA   H N N 379 
VAL HB   H N N 380 
VAL HG11 H N N 381 
VAL HG12 H N N 382 
VAL HG13 H N N 383 
VAL HG21 H N N 384 
VAL HG22 H N N 385 
VAL HG23 H N N 386 
VAL HXT  H N N 387 
# 
loop_
_chem_comp_bond.comp_id 
_chem_comp_bond.atom_id_1 
_chem_comp_bond.atom_id_2 
_chem_comp_bond.value_order 
_chem_comp_bond.pdbx_aromatic_flag 
_chem_comp_bond.pdbx_stereo_config 
_chem_comp_bond.pdbx_ordinal 
ALA N   CA   sing N N 1   
ALA N   H    sing N N 2   
ALA N   H2   sing N N 3   
ALA CA  C    sing N N 4   
ALA CA  CB   sing N N 5   
ALA CA  HA   sing N N 6   
ALA C   O    doub N N 7   
ALA C   OXT  sing N N 8   
ALA CB  HB1  sing N N 9   
ALA CB  HB2  sing N N 10  
ALA CB  HB3  sing N N 11  
ALA OXT HXT  sing N N 12  
ARG N   CA   sing N N 13  
ARG N   H    sing N N 14  
ARG N   H2   sing N N 15  
ARG CA  C    sing N N 16  
ARG CA  CB   sing N N 17  
ARG CA  HA   sing N N 18  
ARG C   O    doub N N 19  
ARG C   OXT  sing N N 20  
ARG CB  CG   sing N N 21  
ARG CB  HB2  sing N N 22  
ARG CB  HB3  sing N N 23  
ARG CG  CD   sing N N 24  
ARG CG  HG2  sing N N 25  
ARG CG  HG3  sing N N 26  
ARG CD  NE   sing N N 27  
ARG CD  HD2  sing N N 28  
ARG CD  HD3  sing N N 29  
ARG NE  CZ   sing N N 30  
ARG NE  HE   sing N N 31  
ARG CZ  NH1  sing N N 32  
ARG CZ  NH2  doub N N 33  
ARG NH1 HH11 sing N N 34  
ARG NH1 HH12 sing N N 35  
ARG NH2 HH21 sing N N 36  
ARG NH2 HH22 sing N N 37  
ARG OXT HXT  sing N N 38  
ASN N   CA   sing N N 39  
ASN N   H    sing N N 40  
ASN N   H2   sing N N 41  
ASN CA  C    sing N N 42  
ASN CA  CB   sing N N 43  
ASN CA  HA   sing N N 44  
ASN C   O    doub N N 45  
ASN C   OXT  sing N N 46  
ASN CB  CG   sing N N 47  
ASN CB  HB2  sing N N 48  
ASN CB  HB3  sing N N 49  
ASN CG  OD1  doub N N 50  
ASN CG  ND2  sing N N 51  
ASN ND2 HD21 sing N N 52  
ASN ND2 HD22 sing N N 53  
ASN OXT HXT  sing N N 54  
ASP N   CA   sing N N 55  
ASP N   H    sing N N 56  
ASP N   H2   sing N N 57  
ASP CA  C    sing N N 58  
ASP CA  CB   sing N N 59  
ASP CA  HA   sing N N 60  
ASP C   O    doub N N 61  
ASP C   OXT  sing N N 62  
ASP CB  CG   sing N N 63  
ASP CB  HB2  sing N N 64  
ASP CB  HB3  sing N N 65  
ASP CG  OD1  doub N N 66  
ASP CG  OD2  sing N N 67  
ASP OD2 HD2  sing N N 68  
ASP OXT HXT  sing N N 69  
CYS N   CA   sing N N 70  
CYS N   H    sing N N 71  
CYS N   H2   sing N N 72  
CYS CA  C    sing N N 73  
CYS CA  CB   sing N N 74  
CYS CA  HA   sing N N 75  
CYS C   O    doub N N 76  
CYS C   OXT  sing N N 77  
CYS CB  SG   sing N N 78  
CYS CB  HB2  sing N N 79  
CYS CB  HB3  sing N N 80  
CYS SG  HG   sing N N 81  
CYS OXT HXT  sing N N 82  
GLN N   CA   sing N N 83  
GLN N   H    sing N N 84  
GLN N   H2   sing N N 85  
GLN CA  C    sing N N 86  
GLN CA  CB   sing N N 87  
GLN CA  HA   sing N N 88  
GLN C   O    doub N N 89  
GLN C   OXT  sing N N 90  
GLN CB  CG   sing N N 91  
GLN CB  HB2  sing N N 92  
GLN CB  HB3  sing N N 93  
GLN CG  CD   sing N N 94  
GLN CG  HG2  sing N N 95  
GLN CG  HG3  sing N N 96  
GLN CD  OE1  doub N N 97  
GLN CD  NE2  sing N N 98  
GLN NE2 HE21 sing N N 99  
GLN NE2 HE22 sing N N 100 
GLN OXT HXT  sing N N 101 
GLU N   CA   sing N N 102 
GLU N   H    sing N N 103 
GLU N   H2   sing N N 104 
GLU CA  C    sing N N 105 
GLU CA  CB   sing N N 106 
GLU CA  HA   sing N N 107 
GLU C   O    doub N N 108 
GLU C   OXT  sing N N 109 
GLU CB  CG   sing N N 110 
GLU CB  HB2  sing N N 111 
GLU CB  HB3  sing N N 112 
GLU CG  CD   sing N N 113 
GLU CG  HG2  sing N N 114 
GLU CG  HG3  sing N N 115 
GLU CD  OE1  doub N N 116 
GLU CD  OE2  sing N N 117 
GLU OE2 HE2  sing N N 118 
GLU OXT HXT  sing N N 119 
GLY N   CA   sing N N 120 
GLY N   H    sing N N 121 
GLY N   H2   sing N N 122 
GLY CA  C    sing N N 123 
GLY CA  HA2  sing N N 124 
GLY CA  HA3  sing N N 125 
GLY C   O    doub N N 126 
GLY C   OXT  sing N N 127 
GLY OXT HXT  sing N N 128 
HIS N   CA   sing N N 129 
HIS N   H    sing N N 130 
HIS N   H2   sing N N 131 
HIS CA  C    sing N N 132 
HIS CA  CB   sing N N 133 
HIS CA  HA   sing N N 134 
HIS C   O    doub N N 135 
HIS C   OXT  sing N N 136 
HIS CB  CG   sing N N 137 
HIS CB  HB2  sing N N 138 
HIS CB  HB3  sing N N 139 
HIS CG  ND1  sing Y N 140 
HIS CG  CD2  doub Y N 141 
HIS ND1 CE1  doub Y N 142 
HIS ND1 HD1  sing N N 143 
HIS CD2 NE2  sing Y N 144 
HIS CD2 HD2  sing N N 145 
HIS CE1 NE2  sing Y N 146 
HIS CE1 HE1  sing N N 147 
HIS NE2 HE2  sing N N 148 
HIS OXT HXT  sing N N 149 
ILE N   CA   sing N N 150 
ILE N   H    sing N N 151 
ILE N   H2   sing N N 152 
ILE CA  C    sing N N 153 
ILE CA  CB   sing N N 154 
ILE CA  HA   sing N N 155 
ILE C   O    doub N N 156 
ILE C   OXT  sing N N 157 
ILE CB  CG1  sing N N 158 
ILE CB  CG2  sing N N 159 
ILE CB  HB   sing N N 160 
ILE CG1 CD1  sing N N 161 
ILE CG1 HG12 sing N N 162 
ILE CG1 HG13 sing N N 163 
ILE CG2 HG21 sing N N 164 
ILE CG2 HG22 sing N N 165 
ILE CG2 HG23 sing N N 166 
ILE CD1 HD11 sing N N 167 
ILE CD1 HD12 sing N N 168 
ILE CD1 HD13 sing N N 169 
ILE OXT HXT  sing N N 170 
LEU N   CA   sing N N 171 
LEU N   H    sing N N 172 
LEU N   H2   sing N N 173 
LEU CA  C    sing N N 174 
LEU CA  CB   sing N N 175 
LEU CA  HA   sing N N 176 
LEU C   O    doub N N 177 
LEU C   OXT  sing N N 178 
LEU CB  CG   sing N N 179 
LEU CB  HB2  sing N N 180 
LEU CB  HB3  sing N N 181 
LEU CG  CD1  sing N N 182 
LEU CG  CD2  sing N N 183 
LEU CG  HG   sing N N 184 
LEU CD1 HD11 sing N N 185 
LEU CD1 HD12 sing N N 186 
LEU CD1 HD13 sing N N 187 
LEU CD2 HD21 sing N N 188 
LEU CD2 HD22 sing N N 189 
LEU CD2 HD23 sing N N 190 
LEU OXT HXT  sing N N 191 
LYS N   CA   sing N N 192 
LYS N   H    sing N N 193 
LYS N   H2   sing N N 194 
LYS CA  C    sing N N 195 
LYS CA  CB   sing N N 196 
LYS CA  HA   sing N N 197 
LYS C   O    doub N N 198 
LYS C   OXT  sing N N 199 
LYS CB  CG   sing N N 200 
LYS CB  HB2  sing N N 201 
LYS CB  HB3  sing N N 202 
LYS CG  CD   sing N N 203 
LYS CG  HG2  sing N N 204 
LYS CG  HG3  sing N N 205 
LYS CD  CE   sing N N 206 
LYS CD  HD2  sing N N 207 
LYS CD  HD3  sing N N 208 
LYS CE  NZ   sing N N 209 
LYS CE  HE2  sing N N 210 
LYS CE  HE3  sing N N 211 
LYS NZ  HZ1  sing N N 212 
LYS NZ  HZ2  sing N N 213 
LYS NZ  HZ3  sing N N 214 
LYS OXT HXT  sing N N 215 
MET N   CA   sing N N 216 
MET N   H    sing N N 217 
MET N   H2   sing N N 218 
MET CA  C    sing N N 219 
MET CA  CB   sing N N 220 
MET CA  HA   sing N N 221 
MET C   O    doub N N 222 
MET C   OXT  sing N N 223 
MET CB  CG   sing N N 224 
MET CB  HB2  sing N N 225 
MET CB  HB3  sing N N 226 
MET CG  SD   sing N N 227 
MET CG  HG2  sing N N 228 
MET CG  HG3  sing N N 229 
MET SD  CE   sing N N 230 
MET CE  HE1  sing N N 231 
MET CE  HE2  sing N N 232 
MET CE  HE3  sing N N 233 
MET OXT HXT  sing N N 234 
PHE N   CA   sing N N 235 
PHE N   H    sing N N 236 
PHE N   H2   sing N N 237 
PHE CA  C    sing N N 238 
PHE CA  CB   sing N N 239 
PHE CA  HA   sing N N 240 
PHE C   O    doub N N 241 
PHE C   OXT  sing N N 242 
PHE CB  CG   sing N N 243 
PHE CB  HB2  sing N N 244 
PHE CB  HB3  sing N N 245 
PHE CG  CD1  doub Y N 246 
PHE CG  CD2  sing Y N 247 
PHE CD1 CE1  sing Y N 248 
PHE CD1 HD1  sing N N 249 
PHE CD2 CE2  doub Y N 250 
PHE CD2 HD2  sing N N 251 
PHE CE1 CZ   doub Y N 252 
PHE CE1 HE1  sing N N 253 
PHE CE2 CZ   sing Y N 254 
PHE CE2 HE2  sing N N 255 
PHE CZ  HZ   sing N N 256 
PHE OXT HXT  sing N N 257 
PRO N   CA   sing N N 258 
PRO N   CD   sing N N 259 
PRO N   H    sing N N 260 
PRO CA  C    sing N N 261 
PRO CA  CB   sing N N 262 
PRO CA  HA   sing N N 263 
PRO C   O    doub N N 264 
PRO C   OXT  sing N N 265 
PRO CB  CG   sing N N 266 
PRO CB  HB2  sing N N 267 
PRO CB  HB3  sing N N 268 
PRO CG  CD   sing N N 269 
PRO CG  HG2  sing N N 270 
PRO CG  HG3  sing N N 271 
PRO CD  HD2  sing N N 272 
PRO CD  HD3  sing N N 273 
PRO OXT HXT  sing N N 274 
SER N   CA   sing N N 275 
SER N   H    sing N N 276 
SER N   H2   sing N N 277 
SER CA  C    sing N N 278 
SER CA  CB   sing N N 279 
SER CA  HA   sing N N 280 
SER C   O    doub N N 281 
SER C   OXT  sing N N 282 
SER CB  OG   sing N N 283 
SER CB  HB2  sing N N 284 
SER CB  HB3  sing N N 285 
SER OG  HG   sing N N 286 
SER OXT HXT  sing N N 287 
THR N   CA   sing N N 288 
THR N   H    sing N N 289 
THR N   H2   sing N N 290 
THR CA  C    sing N N 291 
THR CA  CB   sing N N 292 
THR CA  HA   sing N N 293 
THR C   O    doub N N 294 
THR C   OXT  sing N N 295 
THR CB  OG1  sing N N 296 
THR CB  CG2  sing N N 297 
THR CB  HB   sing N N 298 
THR OG1 HG1  sing N N 299 
THR CG2 HG21 sing N N 300 
THR CG2 HG22 sing N N 301 
THR CG2 HG23 sing N N 302 
THR OXT HXT  sing N N 303 
TRP N   CA   sing N N 304 
TRP N   H    sing N N 305 
TRP N   H2   sing N N 306 
TRP CA  C    sing N N 307 
TRP CA  CB   sing N N 308 
TRP CA  HA   sing N N 309 
TRP C   O    doub N N 310 
TRP C   OXT  sing N N 311 
TRP CB  CG   sing N N 312 
TRP CB  HB2  sing N N 313 
TRP CB  HB3  sing N N 314 
TRP CG  CD1  doub Y N 315 
TRP CG  CD2  sing Y N 316 
TRP CD1 NE1  sing Y N 317 
TRP CD1 HD1  sing N N 318 
TRP CD2 CE2  doub Y N 319 
TRP CD2 CE3  sing Y N 320 
TRP NE1 CE2  sing Y N 321 
TRP NE1 HE1  sing N N 322 
TRP CE2 CZ2  sing Y N 323 
TRP CE3 CZ3  doub Y N 324 
TRP CE3 HE3  sing N N 325 
TRP CZ2 CH2  doub Y N 326 
TRP CZ2 HZ2  sing N N 327 
TRP CZ3 CH2  sing Y N 328 
TRP CZ3 HZ3  sing N N 329 
TRP CH2 HH2  sing N N 330 
TRP OXT HXT  sing N N 331 
TYR N   CA   sing N N 332 
TYR N   H    sing N N 333 
TYR N   H2   sing N N 334 
TYR CA  C    sing N N 335 
TYR CA  CB   sing N N 336 
TYR CA  HA   sing N N 337 
TYR C   O    doub N N 338 
TYR C   OXT  sing N N 339 
TYR CB  CG   sing N N 340 
TYR CB  HB2  sing N N 341 
TYR CB  HB3  sing N N 342 
TYR CG  CD1  doub Y N 343 
TYR CG  CD2  sing Y N 344 
TYR CD1 CE1  sing Y N 345 
TYR CD1 HD1  sing N N 346 
TYR CD2 CE2  doub Y N 347 
TYR CD2 HD2  sing N N 348 
TYR CE1 CZ   doub Y N 349 
TYR CE1 HE1  sing N N 350 
TYR CE2 CZ   sing Y N 351 
TYR CE2 HE2  sing N N 352 
TYR CZ  OH   sing N N 353 
TYR OH  HH   sing N N 354 
TYR OXT HXT  sing N N 355 
VAL N   CA   sing N N 356 
VAL N   H    sing N N 357 
VAL N   H2   sing N N 358 
VAL CA  C    sing N N 359 
VAL CA  CB   sing N N 360 
VAL CA  HA   sing N N 361 
VAL C   O    doub N N 362 
VAL C   OXT  sing N N 363 
VAL CB  CG1  sing N N 364 
VAL CB  CG2  sing N N 365 
VAL CB  HB   sing N N 366 
VAL CG1 HG11 sing N N 367 
VAL CG1 HG12 sing N N 368 
VAL CG1 HG13 sing N N 369 
VAL CG2 HG21 sing N N 370 
VAL CG2 HG22 sing N N 371 
VAL CG2 HG23 sing N N 372 
VAL OXT HXT  sing N N 373 
# 
_atom_sites.entry_id                    1X9G 
_atom_sites.fract_transf_matrix[1][1]   0.00392360 
_atom_sites.fract_transf_matrix[1][2]   0.00258548 
_atom_sites.fract_transf_matrix[1][3]   0.00489180 
_atom_sites.fract_transf_matrix[2][1]   -0.00073233 
_atom_sites.fract_transf_matrix[2][2]   0.00618682 
_atom_sites.fract_transf_matrix[2][3]   -0.00268255 
_atom_sites.fract_transf_matrix[3][1]   -0.00548435 
_atom_sites.fract_transf_matrix[3][2]   0.00102357 
_atom_sites.fract_transf_matrix[3][3]   0.00385788 
_atom_sites.fract_transf_vector[1]      -0.153145 
_atom_sites.fract_transf_vector[2]      -0.365835 
_atom_sites.fract_transf_vector[3]      -0.016082 
# 
loop_
_atom_type.symbol 
C 
N 
O 
S 
# 
loop_
_atom_site.group_PDB 
_atom_site.id 
_atom_site.type_symbol 
_atom_site.label_atom_id 
_atom_site.label_alt_id 
_atom_site.label_comp_id 
_atom_site.label_asym_id 
_atom_site.label_entity_id 
_atom_site.label_seq_id 
_atom_site.pdbx_PDB_ins_code 
_atom_site.Cartn_x 
_atom_site.Cartn_y 
_atom_site.Cartn_z 
_atom_site.occupancy 
_atom_site.B_iso_or_equiv 
_atom_site.pdbx_formal_charge 
_atom_site.auth_seq_id 
_atom_site.auth_comp_id 
_atom_site.auth_asym_id 
_atom_site.auth_atom_id 
_atom_site.pdbx_PDB_model_num 
ATOM 1    N N   . MET A 1 9   ? -2.465  21.500  6.248   1.00 89.45 ? 1   MET A N   1 
ATOM 2    C CA  . MET A 1 9   ? -2.157  21.007  7.636   1.00 89.91 ? 1   MET A CA  1 
ATOM 3    C C   . MET A 1 9   ? -2.994  19.773  8.053   1.00 87.49 ? 1   MET A C   1 
ATOM 4    O O   . MET A 1 9   ? -2.886  19.308  9.198   1.00 87.47 ? 1   MET A O   1 
ATOM 5    C CB  . MET A 1 9   ? -2.315  22.148  8.670   1.00 89.72 ? 1   MET A CB  1 
ATOM 6    C CG  . MET A 1 9   ? -3.775  22.602  8.918   1.00 91.60 ? 1   MET A CG  1 
ATOM 7    S SD  . MET A 1 9   ? -4.079  22.963  10.675  1.00 94.31 ? 1   MET A SD  1 
ATOM 8    C CE  . MET A 1 9   ? -2.621  23.995  11.092  1.00 95.13 ? 1   MET A CE  1 
ATOM 9    N N   . SER A 1 10  ? -3.819  19.272  7.122   1.00 85.15 ? 2   SER A N   1 
ATOM 10   C CA  . SER A 1 10  ? -4.660  18.079  7.321   1.00 82.34 ? 2   SER A CA  1 
ATOM 11   C C   . SER A 1 10  ? -3.875  16.963  7.979   1.00 79.50 ? 2   SER A C   1 
ATOM 12   O O   . SER A 1 10  ? -2.647  16.864  7.784   1.00 79.15 ? 2   SER A O   1 
ATOM 13   C CB  . SER A 1 10  ? -5.238  17.591  6.001   1.00 82.42 ? 2   SER A CB  1 
ATOM 14   O OG  . SER A 1 10  ? -6.396  18.343  5.679   1.00 84.37 ? 2   SER A OG  1 
ATOM 15   N N   . ARG A 1 11  ? -4.568  16.147  8.775   1.00 75.84 ? 3   ARG A N   1 
ATOM 16   C CA  . ARG A 1 11  ? -3.846  15.250  9.640   1.00 72.18 ? 3   ARG A CA  1 
ATOM 17   C C   . ARG A 1 11  ? -4.038  13.768  9.481   1.00 70.99 ? 3   ARG A C   1 
ATOM 18   O O   . ARG A 1 11  ? -3.102  13.049  9.802   1.00 73.05 ? 3   ARG A O   1 
ATOM 19   C CB  . ARG A 1 11  ? -3.792  15.678  11.110  1.00 71.44 ? 3   ARG A CB  1 
ATOM 20   C CG  . ARG A 1 11  ? -2.345  15.757  11.590  1.00 68.21 ? 3   ARG A CG  1 
ATOM 21   C CD  . ARG A 1 11  ? -2.141  16.344  12.964  1.00 62.52 ? 3   ARG A CD  1 
ATOM 22   N NE  . ARG A 1 11  ? -2.851  17.602  13.071  1.00 62.27 ? 3   ARG A NE  1 
ATOM 23   C CZ  . ARG A 1 11  ? -2.305  18.767  13.390  1.00 59.98 ? 3   ARG A CZ  1 
ATOM 24   N NH1 . ARG A 1 11  ? -1.028  18.839  13.699  1.00 54.86 ? 3   ARG A NH1 1 
ATOM 25   N NH2 . ARG A 1 11  ? -3.066  19.859  13.401  1.00 60.47 ? 3   ARG A NH2 1 
ATOM 26   N N   . LEU A 1 12  ? -5.152  13.265  8.975   1.00 67.05 ? 4   LEU A N   1 
ATOM 27   C CA  . LEU A 1 12  ? -5.186  11.815  8.665   1.00 63.36 ? 4   LEU A CA  1 
ATOM 28   C C   . LEU A 1 12  ? -5.743  11.576  7.252   1.00 61.85 ? 4   LEU A C   1 
ATOM 29   O O   . LEU A 1 12  ? -5.860  12.530  6.492   1.00 61.29 ? 4   LEU A O   1 
ATOM 30   C CB  . LEU A 1 12  ? -6.010  11.065  9.719   1.00 62.75 ? 4   LEU A CB  1 
ATOM 31   C CG  . LEU A 1 12  ? -5.555  11.077  11.176  1.00 60.07 ? 4   LEU A CG  1 
ATOM 32   C CD1 . LEU A 1 12  ? -6.677  10.749  12.101  1.00 58.42 ? 4   LEU A CD1 1 
ATOM 33   C CD2 . LEU A 1 12  ? -4.434  10.070  11.378  1.00 61.55 ? 4   LEU A CD2 1 
ATOM 34   N N   . MET A 1 13  ? -6.054  10.334  6.883   1.00 59.76 ? 5   MET A N   1 
ATOM 35   C CA  . MET A 1 13  ? -6.830  10.096  5.641   1.00 60.51 ? 5   MET A CA  1 
ATOM 36   C C   . MET A 1 13  ? -8.204  10.815  5.697   1.00 61.21 ? 5   MET A C   1 
ATOM 37   O O   . MET A 1 13  ? -8.882  10.800  6.739   1.00 61.14 ? 5   MET A O   1 
ATOM 38   C CB  . MET A 1 13  ? -7.041  8.602   5.371   1.00 60.13 ? 5   MET A CB  1 
ATOM 39   C CG  . MET A 1 13  ? -5.744  7.881   5.053   1.00 59.17 ? 5   MET A CG  1 
ATOM 40   S SD  . MET A 1 13  ? -5.891  6.465   4.011   1.00 59.84 ? 5   MET A SD  1 
ATOM 41   C CE  . MET A 1 13  ? -5.949  7.255   2.393   1.00 59.34 ? 5   MET A CE  1 
ATOM 42   N N   . PRO A 1 14  ? -8.587  11.503  4.610   1.00 61.58 ? 6   PRO A N   1 
ATOM 43   C CA  . PRO A 1 14  ? -9.919  12.114  4.577   1.00 61.16 ? 6   PRO A CA  1 
ATOM 44   C C   . PRO A 1 14  ? -10.933 11.026  4.247   1.00 60.86 ? 6   PRO A C   1 
ATOM 45   O O   . PRO A 1 14  ? -10.506 9.943   3.798   1.00 60.66 ? 6   PRO A O   1 
ATOM 46   C CB  . PRO A 1 14  ? -9.814  13.137  3.433   1.00 61.46 ? 6   PRO A CB  1 
ATOM 47   C CG  . PRO A 1 14  ? -8.728  12.644  2.551   1.00 61.04 ? 6   PRO A CG  1 
ATOM 48   C CD  . PRO A 1 14  ? -7.819  11.744  3.370   1.00 61.65 ? 6   PRO A CD  1 
ATOM 49   N N   . HIS A 1 15  ? -12.231 11.297  4.481   1.00 60.46 ? 7   HIS A N   1 
ATOM 50   C CA  . HIS A 1 15  ? -13.333 10.416  4.054   1.00 60.01 ? 7   HIS A CA  1 
ATOM 51   C C   . HIS A 1 15  ? -13.102 9.928   2.618   1.00 60.50 ? 7   HIS A C   1 
ATOM 52   O O   . HIS A 1 15  ? -12.701 10.703  1.763   1.00 58.84 ? 7   HIS A O   1 
ATOM 53   C CB  . HIS A 1 15  ? -14.739 11.065  4.213   1.00 59.41 ? 7   HIS A CB  1 
ATOM 54   C CG  . HIS A 1 15  ? -15.846 10.104  3.901   1.00 60.36 ? 7   HIS A CG  1 
ATOM 55   N ND1 . HIS A 1 15  ? -16.488 10.079  2.675   1.00 60.08 ? 7   HIS A ND1 1 
ATOM 56   C CD2 . HIS A 1 15  ? -16.332 9.043   4.598   1.00 60.08 ? 7   HIS A CD2 1 
ATOM 57   C CE1 . HIS A 1 15  ? -17.338 9.065   2.641   1.00 59.23 ? 7   HIS A CE1 1 
ATOM 58   N NE2 . HIS A 1 15  ? -17.260 8.416   3.791   1.00 60.40 ? 7   HIS A NE2 1 
ATOM 59   N N   . TYR A 1 16  ? -13.351 8.646   2.364   1.00 62.77 ? 8   TYR A N   1 
ATOM 60   C CA  . TYR A 1 16  ? -13.076 8.043   1.034   1.00 65.74 ? 8   TYR A CA  1 
ATOM 61   C C   . TYR A 1 16  ? -13.608 8.790   -0.201  1.00 67.22 ? 8   TYR A C   1 
ATOM 62   O O   . TYR A 1 16  ? -13.051 8.632   -1.301  1.00 67.57 ? 8   TYR A O   1 
ATOM 63   C CB  . TYR A 1 16  ? -13.497 6.562   0.948   1.00 66.02 ? 8   TYR A CB  1 
ATOM 64   C CG  . TYR A 1 16  ? -14.969 6.242   1.201   1.00 66.45 ? 8   TYR A CG  1 
ATOM 65   C CD1 . TYR A 1 16  ? -15.341 5.491   2.322   1.00 66.87 ? 8   TYR A CD1 1 
ATOM 66   C CD2 . TYR A 1 16  ? -15.983 6.631   0.305   1.00 68.03 ? 8   TYR A CD2 1 
ATOM 67   C CE1 . TYR A 1 16  ? -16.672 5.163   2.573   1.00 67.09 ? 8   TYR A CE1 1 
ATOM 68   C CE2 . TYR A 1 16  ? -17.352 6.305   0.549   1.00 67.10 ? 8   TYR A CE2 1 
ATOM 69   C CZ  . TYR A 1 16  ? -17.682 5.564   1.696   1.00 68.13 ? 8   TYR A CZ  1 
ATOM 70   O OH  . TYR A 1 16  ? -18.993 5.206   2.014   1.00 66.03 ? 8   TYR A OH  1 
ATOM 71   N N   . SER A 1 17  ? -14.653 9.595   -0.008  1.00 68.10 ? 9   SER A N   1 
ATOM 72   C CA  . SER A 1 17  ? -15.329 10.287  -1.098  1.00 70.31 ? 9   SER A CA  1 
ATOM 73   C C   . SER A 1 17  ? -14.754 11.665  -1.403  1.00 71.40 ? 9   SER A C   1 
ATOM 74   O O   . SER A 1 17  ? -15.187 12.313  -2.358  1.00 71.73 ? 9   SER A O   1 
ATOM 75   C CB  . SER A 1 17  ? -16.839 10.407  -0.799  1.00 70.09 ? 9   SER A CB  1 
ATOM 76   O OG  . SER A 1 17  ? -17.054 11.254  0.326   1.00 71.68 ? 9   SER A OG  1 
ATOM 77   N N   . LYS A 1 18  ? -13.808 12.124  -0.587  1.00 72.98 ? 10  LYS A N   1 
ATOM 78   C CA  . LYS A 1 18  ? -13.082 13.374  -0.839  1.00 74.48 ? 10  LYS A CA  1 
ATOM 79   C C   . LYS A 1 18  ? -11.803 13.054  -1.657  1.00 74.31 ? 10  LYS A C   1 
ATOM 80   O O   . LYS A 1 18  ? -10.813 12.540  -1.117  1.00 75.19 ? 10  LYS A O   1 
ATOM 81   C CB  . LYS A 1 18  ? -12.772 14.067  0.499   1.00 75.17 ? 10  LYS A CB  1 
ATOM 82   C CG  . LYS A 1 18  ? -12.131 15.481  0.401   1.00 77.09 ? 10  LYS A CG  1 
ATOM 83   C CD  . LYS A 1 18  ? -11.769 16.095  1.794   1.00 76.81 ? 10  LYS A CD  1 
ATOM 84   C CE  . LYS A 1 18  ? -10.557 17.093  1.731   1.00 79.98 ? 10  LYS A CE  1 
ATOM 85   N NZ  . LYS A 1 18  ? -9.144  16.479  1.605   1.00 78.62 ? 10  LYS A NZ  1 
ATOM 86   N N   . GLY A 1 19  ? -11.846 13.307  -2.966  1.00 73.85 ? 11  GLY A N   1 
ATOM 87   C CA  . GLY A 1 19  ? -10.693 13.087  -3.852  1.00 72.55 ? 11  GLY A CA  1 
ATOM 88   C C   . GLY A 1 19  ? -10.511 11.655  -4.316  1.00 71.83 ? 11  GLY A C   1 
ATOM 89   O O   . GLY A 1 19  ? -11.488 10.916  -4.429  1.00 72.38 ? 11  GLY A O   1 
ATOM 90   N N   . LYS A 1 20  ? -9.269  11.283  -4.625  1.00 70.46 ? 12  LYS A N   1 
ATOM 91   C CA  . LYS A 1 20  ? -8.921  9.932   -5.067  1.00 69.82 ? 12  LYS A CA  1 
ATOM 92   C C   . LYS A 1 20  ? -7.721  9.417   -4.280  1.00 68.83 ? 12  LYS A C   1 
ATOM 93   O O   . LYS A 1 20  ? -6.855  10.188  -3.876  1.00 68.85 ? 12  LYS A O   1 
ATOM 94   C CB  . LYS A 1 20  ? -8.567  9.876   -6.569  1.00 69.91 ? 12  LYS A CB  1 
ATOM 95   C CG  . LYS A 1 20  ? -9.555  10.526  -7.525  1.00 70.58 ? 12  LYS A CG  1 
ATOM 96   C CD  . LYS A 1 20  ? -9.352  10.033  -8.955  1.00 71.20 ? 12  LYS A CD  1 
ATOM 97   C CE  . LYS A 1 20  ? -10.662 10.100  -9.817  1.00 73.64 ? 12  LYS A CE  1 
ATOM 98   N NZ  . LYS A 1 20  ? -11.355 8.759   -10.020 1.00 74.29 ? 12  LYS A NZ  1 
ATOM 99   N N   . THR A 1 21  ? -7.673  8.100   -4.105  1.00 67.52 ? 13  THR A N   1 
ATOM 100  C CA  . THR A 1 21  ? -6.614  7.393   -3.416  1.00 66.17 ? 13  THR A CA  1 
ATOM 101  C C   . THR A 1 21  ? -6.131  6.237   -4.273  1.00 65.59 ? 13  THR A C   1 
ATOM 102  O O   . THR A 1 21  ? -6.936  5.415   -4.702  1.00 65.24 ? 13  THR A O   1 
ATOM 103  C CB  . THR A 1 21  ? -7.152  6.752   -2.121  1.00 66.50 ? 13  THR A CB  1 
ATOM 104  O OG1 . THR A 1 21  ? -7.510  7.776   -1.188  1.00 65.00 ? 13  THR A OG1 1 
ATOM 105  C CG2 . THR A 1 21  ? -6.090  5.798   -1.502  1.00 66.61 ? 13  THR A CG2 1 
ATOM 106  N N   . ALA A 1 22  ? -4.825  6.156   -4.513  1.00 64.61 ? 14  ALA A N   1 
ATOM 107  C CA  . ALA A 1 22  ? -4.241  4.939   -5.099  1.00 63.54 ? 14  ALA A CA  1 
ATOM 108  C C   . ALA A 1 22  ? -3.732  4.006   -4.004  1.00 63.20 ? 14  ALA A C   1 
ATOM 109  O O   . ALA A 1 22  ? -2.987  4.428   -3.090  1.00 63.04 ? 14  ALA A O   1 
ATOM 110  C CB  . ALA A 1 22  ? -3.112  5.258   -6.131  1.00 62.53 ? 14  ALA A CB  1 
ATOM 111  N N   . PHE A 1 23  ? -4.191  2.758   -4.077  1.00 62.03 ? 15  PHE A N   1 
ATOM 112  C CA  . PHE A 1 23  ? -3.550  1.644   -3.423  1.00 61.11 ? 15  PHE A CA  1 
ATOM 113  C C   . PHE A 1 23  ? -2.405  1.145   -4.302  1.00 60.96 ? 15  PHE A C   1 
ATOM 114  O O   . PHE A 1 23  ? -2.578  0.838   -5.478  1.00 60.78 ? 15  PHE A O   1 
ATOM 115  C CB  . PHE A 1 23  ? -4.560  0.541   -3.103  1.00 61.10 ? 15  PHE A CB  1 
ATOM 116  C CG  . PHE A 1 23  ? -5.743  1.021   -2.271  1.00 61.56 ? 15  PHE A CG  1 
ATOM 117  C CD1 . PHE A 1 23  ? -7.041  0.774   -2.681  1.00 62.36 ? 15  PHE A CD1 1 
ATOM 118  C CD2 . PHE A 1 23  ? -5.546  1.720   -1.074  1.00 61.62 ? 15  PHE A CD2 1 
ATOM 119  C CE1 . PHE A 1 23  ? -8.150  1.219   -1.911  1.00 64.23 ? 15  PHE A CE1 1 
ATOM 120  C CE2 . PHE A 1 23  ? -6.640  2.165   -0.303  1.00 64.48 ? 15  PHE A CE2 1 
ATOM 121  C CZ  . PHE A 1 23  ? -7.956  1.909   -0.732  1.00 63.45 ? 15  PHE A CZ  1 
ATOM 122  N N   . LEU A 1 24  ? -1.212  1.113   -3.722  1.00 60.69 ? 16  LEU A N   1 
ATOM 123  C CA  . LEU A 1 24  ? -0.011  0.786   -4.464  1.00 60.09 ? 16  LEU A CA  1 
ATOM 124  C C   . LEU A 1 24  ? 0.615   -0.439  -3.856  1.00 59.96 ? 16  LEU A C   1 
ATOM 125  O O   . LEU A 1 24  ? 1.120   -0.380  -2.732  1.00 60.99 ? 16  LEU A O   1 
ATOM 126  C CB  . LEU A 1 24  ? 0.940   1.963   -4.418  1.00 59.80 ? 16  LEU A CB  1 
ATOM 127  C CG  . LEU A 1 24  ? 2.174   1.913   -5.275  1.00 59.85 ? 16  LEU A CG  1 
ATOM 128  C CD1 . LEU A 1 24  ? 1.858   1.207   -6.609  1.00 58.67 ? 16  LEU A CD1 1 
ATOM 129  C CD2 . LEU A 1 24  ? 2.759   3.354   -5.460  1.00 59.66 ? 16  LEU A CD2 1 
ATOM 130  N N   . CYS A 1 25  ? 0.576   -1.545  -4.600  1.00 59.68 ? 17  CYS A N   1 
ATOM 131  C CA  . CYS A 1 25  ? 0.981   -2.834  -4.083  1.00 59.24 ? 17  CYS A CA  1 
ATOM 132  C C   . CYS A 1 25  ? 2.376   -3.159  -4.602  1.00 58.80 ? 17  CYS A C   1 
ATOM 133  O O   . CYS A 1 25  ? 2.554   -3.515  -5.783  1.00 58.25 ? 17  CYS A O   1 
ATOM 134  C CB  . CYS A 1 25  ? -0.025  -3.904  -4.482  1.00 59.14 ? 17  CYS A CB  1 
ATOM 135  S SG  . CYS A 1 25  ? 0.526   -5.563  -4.023  1.00 60.84 ? 17  CYS A SG  1 
ATOM 136  N N   . VAL A 1 26  ? 3.379   -3.014  -3.732  1.00 58.37 ? 18  VAL A N   1 
ATOM 137  C CA  . VAL A 1 26  ? 4.741   -2.934  -4.258  1.00 58.16 ? 18  VAL A CA  1 
ATOM 138  C C   . VAL A 1 26  ? 5.607   -4.192  -4.133  1.00 58.15 ? 18  VAL A C   1 
ATOM 139  O O   . VAL A 1 26  ? 5.873   -4.632  -3.044  1.00 57.89 ? 18  VAL A O   1 
ATOM 140  C CB  . VAL A 1 26  ? 5.476   -1.547  -3.998  1.00 57.87 ? 18  VAL A CB  1 
ATOM 141  C CG1 . VAL A 1 26  ? 4.807   -0.724  -2.977  1.00 57.66 ? 18  VAL A CG1 1 
ATOM 142  C CG2 . VAL A 1 26  ? 6.983   -1.690  -3.773  1.00 56.61 ? 18  VAL A CG2 1 
ATOM 143  N N   . ASP A 1 27  ? 5.959   -4.774  -5.296  1.00 57.83 ? 19  ASP A N   1 
ATOM 144  C CA  . ASP A 1 27  ? 6.934   -5.886  -5.435  1.00 57.38 ? 19  ASP A CA  1 
ATOM 145  C C   . ASP A 1 27  ? 6.718   -7.179  -4.617  1.00 56.98 ? 19  ASP A C   1 
ATOM 146  O O   . ASP A 1 27  ? 7.663   -7.894  -4.292  1.00 55.50 ? 19  ASP A O   1 
ATOM 147  C CB  . ASP A 1 27  ? 8.365   -5.367  -5.281  1.00 57.23 ? 19  ASP A CB  1 
ATOM 148  C CG  . ASP A 1 27  ? 8.688   -4.236  -6.244  1.00 59.19 ? 19  ASP A CG  1 
ATOM 149  O OD1 . ASP A 1 27  ? 9.803   -3.655  -6.092  1.00 63.34 ? 19  ASP A OD1 1 
ATOM 150  O OD2 . ASP A 1 27  ? 7.867   -3.929  -7.153  1.00 55.08 ? 19  ASP A OD2 1 
ATOM 151  N N   . LEU A 1 28  ? 5.469   -7.520  -4.333  1.00 58.14 ? 20  LEU A N   1 
ATOM 152  C CA  . LEU A 1 28  ? 5.182   -8.768  -3.626  1.00 59.42 ? 20  LEU A CA  1 
ATOM 153  C C   . LEU A 1 28  ? 5.337   -10.045 -4.528  1.00 61.31 ? 20  LEU A C   1 
ATOM 154  O O   . LEU A 1 28  ? 4.377   -10.711 -4.914  1.00 62.23 ? 20  LEU A O   1 
ATOM 155  C CB  . LEU A 1 28  ? 3.818   -8.651  -2.919  1.00 58.26 ? 20  LEU A CB  1 
ATOM 156  C CG  . LEU A 1 28  ? 3.739   -7.640  -1.755  1.00 57.26 ? 20  LEU A CG  1 
ATOM 157  C CD1 . LEU A 1 28  ? 2.318   -7.447  -1.250  1.00 53.68 ? 20  LEU A CD1 1 
ATOM 158  C CD2 . LEU A 1 28  ? 4.702   -7.951  -0.567  1.00 51.66 ? 20  LEU A CD2 1 
ATOM 159  N N   . GLN A 1 29  ? 6.576   -10.395 -4.842  1.00 63.24 ? 21  GLN A N   1 
ATOM 160  C CA  . GLN A 1 29  ? 6.874   -11.414 -5.853  1.00 64.08 ? 21  GLN A CA  1 
ATOM 161  C C   . GLN A 1 29  ? 7.535   -12.656 -5.247  1.00 65.24 ? 21  GLN A C   1 
ATOM 162  O O   . GLN A 1 29  ? 7.906   -12.672 -4.061  1.00 65.24 ? 21  GLN A O   1 
ATOM 163  C CB  . GLN A 1 29  ? 7.757   -10.802 -6.950  1.00 63.61 ? 21  GLN A CB  1 
ATOM 164  C CG  . GLN A 1 29  ? 7.417   -9.350  -7.171  1.00 62.82 ? 21  GLN A CG  1 
ATOM 165  C CD  . GLN A 1 29  ? 8.287   -8.656  -8.152  1.00 64.42 ? 21  GLN A CD  1 
ATOM 166  O OE1 . GLN A 1 29  ? 8.378   -7.428  -8.144  1.00 64.65 ? 21  GLN A OE1 1 
ATOM 167  N NE2 . GLN A 1 29  ? 8.926   -9.422  -9.037  1.00 65.51 ? 21  GLN A NE2 1 
ATOM 168  N N   . GLU A 1 30  ? 7.718   -13.673 -6.093  1.00 66.44 ? 22  GLU A N   1 
ATOM 169  C CA  . GLU A 1 30  ? 8.051   -15.016 -5.657  1.00 67.39 ? 22  GLU A CA  1 
ATOM 170  C C   . GLU A 1 30  ? 9.437   -15.148 -5.039  1.00 67.11 ? 22  GLU A C   1 
ATOM 171  O O   . GLU A 1 30  ? 9.591   -15.849 -4.047  1.00 67.09 ? 22  GLU A O   1 
ATOM 172  C CB  . GLU A 1 30  ? 7.813   -16.019 -6.801  1.00 68.43 ? 22  GLU A CB  1 
ATOM 173  C CG  . GLU A 1 30  ? 7.969   -17.519 -6.432  1.00 73.32 ? 22  GLU A CG  1 
ATOM 174  C CD  . GLU A 1 30  ? 7.047   -17.972 -5.288  1.00 79.12 ? 22  GLU A CD  1 
ATOM 175  O OE1 . GLU A 1 30  ? 7.081   -17.364 -4.176  1.00 79.96 ? 22  GLU A OE1 1 
ATOM 176  O OE2 . GLU A 1 30  ? 6.293   -18.950 -5.514  1.00 81.35 ? 22  GLU A OE2 1 
ATOM 177  N N   . ALA A 1 31  ? 10.434  -14.463 -5.591  1.00 67.21 ? 23  ALA A N   1 
ATOM 178  C CA  . ALA A 1 31  ? 11.792  -14.528 -5.044  1.00 67.51 ? 23  ALA A CA  1 
ATOM 179  C C   . ALA A 1 31  ? 11.822  -14.225 -3.541  1.00 68.59 ? 23  ALA A C   1 
ATOM 180  O O   . ALA A 1 31  ? 12.607  -14.828 -2.786  1.00 68.67 ? 23  ALA A O   1 
ATOM 181  C CB  . ALA A 1 31  ? 12.701  -13.572 -5.784  1.00 67.33 ? 23  ALA A CB  1 
ATOM 182  N N   . PHE A 1 32  ? 10.927  -13.316 -3.129  1.00 69.16 ? 24  PHE A N   1 
ATOM 183  C CA  . PHE A 1 32  ? 10.898  -12.704 -1.809  1.00 69.49 ? 24  PHE A CA  1 
ATOM 184  C C   . PHE A 1 32  ? 10.091  -13.449 -0.776  1.00 69.88 ? 24  PHE A C   1 
ATOM 185  O O   . PHE A 1 32  ? 10.392  -13.380 0.412   1.00 69.91 ? 24  PHE A O   1 
ATOM 186  C CB  . PHE A 1 32  ? 10.330  -11.293 -1.927  1.00 69.61 ? 24  PHE A CB  1 
ATOM 187  C CG  . PHE A 1 32  ? 11.235  -10.338 -2.629  1.00 69.20 ? 24  PHE A CG  1 
ATOM 188  C CD1 . PHE A 1 32  ? 10.944  -9.927  -3.929  1.00 66.77 ? 24  PHE A CD1 1 
ATOM 189  C CD2 . PHE A 1 32  ? 12.402  -9.866  -1.990  1.00 70.43 ? 24  PHE A CD2 1 
ATOM 190  C CE1 . PHE A 1 32  ? 11.773  -9.036  -4.599  1.00 69.75 ? 24  PHE A CE1 1 
ATOM 191  C CE2 . PHE A 1 32  ? 13.268  -8.978  -2.642  1.00 71.89 ? 24  PHE A CE2 1 
ATOM 192  C CZ  . PHE A 1 32  ? 12.949  -8.550  -3.962  1.00 71.78 ? 24  PHE A CZ  1 
ATOM 193  N N   . SER A 1 33  ? 9.064   -14.142 -1.239  1.00 70.63 ? 25  SER A N   1 
ATOM 194  C CA  . SER A 1 33  ? 8.102   -14.826 -0.381  1.00 71.97 ? 25  SER A CA  1 
ATOM 195  C C   . SER A 1 33  ? 8.685   -15.512 0.855   1.00 72.54 ? 25  SER A C   1 
ATOM 196  O O   . SER A 1 33  ? 8.046   -15.546 1.910   1.00 72.60 ? 25  SER A O   1 
ATOM 197  C CB  . SER A 1 33  ? 7.349   -15.847 -1.211  1.00 72.12 ? 25  SER A CB  1 
ATOM 198  O OG  . SER A 1 33  ? 8.257   -16.462 -2.114  1.00 72.20 ? 25  SER A OG  1 
ATOM 199  N N   . LYS A 1 34  ? 9.885   -16.061 0.704   1.00 73.29 ? 26  LYS A N   1 
ATOM 200  C CA  . LYS A 1 34  ? 10.546  -16.830 1.759   1.00 74.35 ? 26  LYS A CA  1 
ATOM 201  C C   . LYS A 1 34  ? 11.539  -15.994 2.543   1.00 74.10 ? 26  LYS A C   1 
ATOM 202  O O   . LYS A 1 34  ? 11.891  -16.355 3.678   1.00 74.13 ? 26  LYS A O   1 
ATOM 203  C CB  . LYS A 1 34  ? 11.313  -18.012 1.154   1.00 74.81 ? 26  LYS A CB  1 
ATOM 204  C CG  . LYS A 1 34  ? 10.519  -18.873 0.180   1.00 77.89 ? 26  LYS A CG  1 
ATOM 205  C CD  . LYS A 1 34  ? 9.264   -19.488 0.838   1.00 81.10 ? 26  LYS A CD  1 
ATOM 206  C CE  . LYS A 1 34  ? 8.980   -20.890 0.285   1.00 82.45 ? 26  LYS A CE  1 
ATOM 207  N NZ  . LYS A 1 34  ? 10.085  -21.854 0.580   1.00 81.44 ? 26  LYS A NZ  1 
ATOM 208  N N   . ARG A 1 35  ? 11.987  -14.891 1.933   1.00 73.86 ? 27  ARG A N   1 
ATOM 209  C CA  . ARG A 1 35  ? 13.136  -14.102 2.429   1.00 74.22 ? 27  ARG A CA  1 
ATOM 210  C C   . ARG A 1 35  ? 12.741  -13.115 3.522   1.00 72.94 ? 27  ARG A C   1 
ATOM 211  O O   . ARG A 1 35  ? 13.594  -12.573 4.210   1.00 73.38 ? 27  ARG A O   1 
ATOM 212  C CB  . ARG A 1 35  ? 13.885  -13.397 1.278   1.00 73.89 ? 27  ARG A CB  1 
ATOM 213  C CG  . ARG A 1 35  ? 14.026  -14.264 0.010   1.00 76.03 ? 27  ARG A CG  1 
ATOM 214  C CD  . ARG A 1 35  ? 15.131  -13.830 -0.961  1.00 76.64 ? 27  ARG A CD  1 
ATOM 215  N NE  . ARG A 1 35  ? 16.463  -13.887 -0.347  1.00 83.12 ? 27  ARG A NE  1 
ATOM 216  C CZ  . ARG A 1 35  ? 17.584  -13.405 -0.894  1.00 84.21 ? 27  ARG A CZ  1 
ATOM 217  N NH1 . ARG A 1 35  ? 17.564  -12.843 -2.108  1.00 85.21 ? 27  ARG A NH1 1 
ATOM 218  N NH2 . ARG A 1 35  ? 18.727  -13.485 -0.216  1.00 84.19 ? 27  ARG A NH2 1 
ATOM 219  N N   . ILE A 1 36  ? 11.438  -12.915 3.689   1.00 71.69 ? 28  ILE A N   1 
ATOM 220  C CA  . ILE A 1 36  ? 10.899  -11.902 4.594   1.00 69.50 ? 28  ILE A CA  1 
ATOM 221  C C   . ILE A 1 36  ? 9.910   -12.552 5.545   1.00 68.79 ? 28  ILE A C   1 
ATOM 222  O O   . ILE A 1 36  ? 8.937   -13.176 5.136   1.00 68.96 ? 28  ILE A O   1 
ATOM 223  C CB  . ILE A 1 36  ? 10.235  -10.771 3.791   1.00 69.35 ? 28  ILE A CB  1 
ATOM 224  C CG1 . ILE A 1 36  ? 11.322  -10.003 3.052   1.00 68.43 ? 28  ILE A CG1 1 
ATOM 225  C CG2 . ILE A 1 36  ? 9.386   -9.868  4.684   1.00 67.65 ? 28  ILE A CG2 1 
ATOM 226  C CD1 . ILE A 1 36  ? 10.944  -9.610  1.710   1.00 66.87 ? 28  ILE A CD1 1 
ATOM 227  N N   . GLU A 1 37  ? 10.194  -12.402 6.823   1.00 68.02 ? 29  GLU A N   1 
ATOM 228  C CA  . GLU A 1 37  ? 9.438   -13.033 7.880   1.00 67.13 ? 29  GLU A CA  1 
ATOM 229  C C   . GLU A 1 37  ? 7.939   -12.720 7.782   1.00 65.25 ? 29  GLU A C   1 
ATOM 230  O O   . GLU A 1 37  ? 7.111   -13.640 7.722   1.00 65.99 ? 29  GLU A O   1 
ATOM 231  C CB  . GLU A 1 37  ? 10.035  -12.610 9.223   1.00 67.55 ? 29  GLU A CB  1 
ATOM 232  C CG  . GLU A 1 37  ? 9.304   -13.121 10.447  1.00 71.25 ? 29  GLU A CG  1 
ATOM 233  C CD  . GLU A 1 37  ? 10.243  -13.411 11.610  1.00 75.30 ? 29  GLU A CD  1 
ATOM 234  O OE1 . GLU A 1 37  ? 9.803   -13.190 12.754  1.00 75.43 ? 29  GLU A OE1 1 
ATOM 235  O OE2 . GLU A 1 37  ? 11.407  -13.849 11.376  1.00 75.02 ? 29  GLU A OE2 1 
ATOM 236  N N   . ASN A 1 38  ? 7.580   -11.444 7.715   1.00 62.33 ? 30  ASN A N   1 
ATOM 237  C CA  . ASN A 1 38  ? 6.156   -11.119 7.639   1.00 60.47 ? 30  ASN A CA  1 
ATOM 238  C C   . ASN A 1 38  ? 5.581   -10.997 6.212   1.00 59.13 ? 30  ASN A C   1 
ATOM 239  O O   . ASN A 1 38  ? 4.587   -10.264 5.986   1.00 58.87 ? 30  ASN A O   1 
ATOM 240  C CB  . ASN A 1 38  ? 5.794   -9.885  8.511   1.00 59.08 ? 30  ASN A CB  1 
ATOM 241  C CG  . ASN A 1 38  ? 6.117   -8.631  7.835   1.00 55.00 ? 30  ASN A CG  1 
ATOM 242  O OD1 . ASN A 1 38  ? 7.173   -8.569  7.195   1.00 52.88 ? 30  ASN A OD1 1 
ATOM 243  N ND2 . ASN A 1 38  ? 5.208   -7.626  7.892   1.00 46.96 ? 30  ASN A ND2 1 
ATOM 244  N N   . PHE A 1 39  ? 6.162   -11.734 5.273   1.00 57.91 ? 31  PHE A N   1 
ATOM 245  C CA  . PHE A 1 39  ? 5.703   -11.657 3.879   1.00 58.00 ? 31  PHE A CA  1 
ATOM 246  C C   . PHE A 1 39  ? 4.218   -11.924 3.769   1.00 57.74 ? 31  PHE A C   1 
ATOM 247  O O   . PHE A 1 39  ? 3.538   -11.361 2.917   1.00 57.17 ? 31  PHE A O   1 
ATOM 248  C CB  . PHE A 1 39  ? 6.436   -12.648 2.971   1.00 58.02 ? 31  PHE A CB  1 
ATOM 249  C CG  . PHE A 1 39  ? 6.114   -12.481 1.505   1.00 56.98 ? 31  PHE A CG  1 
ATOM 250  C CD1 . PHE A 1 39  ? 6.809   -11.569 0.728   1.00 55.62 ? 31  PHE A CD1 1 
ATOM 251  C CD2 . PHE A 1 39  ? 5.104   -13.228 0.906   1.00 58.27 ? 31  PHE A CD2 1 
ATOM 252  C CE1 . PHE A 1 39  ? 6.515   -11.411 -0.645  1.00 57.91 ? 31  PHE A CE1 1 
ATOM 253  C CE2 . PHE A 1 39  ? 4.807   -13.085 -0.479  1.00 58.77 ? 31  PHE A CE2 1 
ATOM 254  C CZ  . PHE A 1 39  ? 5.513   -12.179 -1.246  1.00 57.15 ? 31  PHE A CZ  1 
ATOM 255  N N   . ALA A 1 40  ? 3.744   -12.801 4.641   1.00 57.88 ? 32  ALA A N   1 
ATOM 256  C CA  . ALA A 1 40  ? 2.381   -13.240 4.612   1.00 59.06 ? 32  ALA A CA  1 
ATOM 257  C C   . ALA A 1 40  ? 1.442   -12.171 5.126   1.00 58.68 ? 32  ALA A C   1 
ATOM 258  O O   . ALA A 1 40  ? 0.375   -11.956 4.535   1.00 58.75 ? 32  ALA A O   1 
ATOM 259  C CB  . ALA A 1 40  ? 2.215   -14.593 5.370   1.00 59.90 ? 32  ALA A CB  1 
ATOM 260  N N   . ASN A 1 41  ? 1.855   -11.444 6.167   1.00 59.22 ? 33  ASN A N   1 
ATOM 261  C CA  . ASN A 1 41  ? 1.074   -10.273 6.568   1.00 58.39 ? 33  ASN A CA  1 
ATOM 262  C C   . ASN A 1 41  ? 0.995   -9.200  5.478   1.00 58.54 ? 33  ASN A C   1 
ATOM 263  O O   . ASN A 1 41  ? -0.046  -8.546  5.323   1.00 58.05 ? 33  ASN A O   1 
ATOM 264  C CB  . ASN A 1 41  ? 1.550   -9.717  7.886   1.00 58.81 ? 33  ASN A CB  1 
ATOM 265  C CG  . ASN A 1 41  ? 0.968   -10.451 9.082   1.00 58.43 ? 33  ASN A CG  1 
ATOM 266  O OD1 . ASN A 1 41  ? 0.530   -11.598 8.981   1.00 62.39 ? 33  ASN A OD1 1 
ATOM 267  N ND2 . ASN A 1 41  ? 0.978   -9.799  10.224  1.00 53.57 ? 33  ASN A ND2 1 
ATOM 268  N N   . CYS A 1 42  ? 2.077   -9.023  4.718   1.00 58.88 ? 34  CYS A N   1 
ATOM 269  C CA  . CYS A 1 42  ? 2.040   -8.136  3.555   1.00 60.42 ? 34  CYS A CA  1 
ATOM 270  C C   . CYS A 1 42  ? 0.981   -8.568  2.537   1.00 61.31 ? 34  CYS A C   1 
ATOM 271  O O   . CYS A 1 42  ? 0.283   -7.729  1.954   1.00 61.97 ? 34  CYS A O   1 
ATOM 272  C CB  . CYS A 1 42  ? 3.395   -8.084  2.868   1.00 60.55 ? 34  CYS A CB  1 
ATOM 273  S SG  . CYS A 1 42  ? 4.662   -7.392  3.884   1.00 62.63 ? 34  CYS A SG  1 
ATOM 274  N N   . VAL A 1 43  ? 0.884   -9.885  2.317   1.00 61.65 ? 35  VAL A N   1 
ATOM 275  C CA  . VAL A 1 43  ? -0.102  -10.473 1.401   1.00 61.11 ? 35  VAL A CA  1 
ATOM 276  C C   . VAL A 1 43  ? -1.505  -10.193 1.938   1.00 60.97 ? 35  VAL A C   1 
ATOM 277  O O   . VAL A 1 43  ? -2.399  -9.813  1.197   1.00 60.47 ? 35  VAL A O   1 
ATOM 278  C CB  . VAL A 1 43  ? 0.186   -12.010 1.194   1.00 61.34 ? 35  VAL A CB  1 
ATOM 279  C CG1 . VAL A 1 43  ? -0.892  -12.716 0.435   1.00 58.40 ? 35  VAL A CG1 1 
ATOM 280  C CG2 . VAL A 1 43  ? 1.535   -12.218 0.462   1.00 61.75 ? 35  VAL A CG2 1 
ATOM 281  N N   . PHE A 1 44  ? -1.667  -10.362 3.245   1.00 61.30 ? 36  PHE A N   1 
ATOM 282  C CA  . PHE A 1 44  ? -2.947  -10.173 3.905   1.00 61.29 ? 36  PHE A CA  1 
ATOM 283  C C   . PHE A 1 44  ? -3.479  -8.762  3.713   1.00 61.14 ? 36  PHE A C   1 
ATOM 284  O O   . PHE A 1 44  ? -4.692  -8.571  3.512   1.00 62.36 ? 36  PHE A O   1 
ATOM 285  C CB  . PHE A 1 44  ? -2.826  -10.488 5.404   1.00 61.91 ? 36  PHE A CB  1 
ATOM 286  C CG  . PHE A 1 44  ? -4.054  -10.145 6.185   1.00 62.97 ? 36  PHE A CG  1 
ATOM 287  C CD1 . PHE A 1 44  ? -5.144  -11.036 6.233   1.00 64.88 ? 36  PHE A CD1 1 
ATOM 288  C CD2 . PHE A 1 44  ? -4.163  -8.917  6.832   1.00 62.32 ? 36  PHE A CD2 1 
ATOM 289  C CE1 . PHE A 1 44  ? -6.337  -10.704 6.957   1.00 62.12 ? 36  PHE A CE1 1 
ATOM 290  C CE2 . PHE A 1 44  ? -5.342  -8.576  7.547   1.00 60.72 ? 36  PHE A CE2 1 
ATOM 291  C CZ  . PHE A 1 44  ? -6.415  -9.482  7.613   1.00 60.71 ? 36  PHE A CZ  1 
ATOM 292  N N   . VAL A 1 45  ? -2.566  -7.794  3.798   1.00 60.05 ? 37  VAL A N   1 
ATOM 293  C CA  . VAL A 1 45  ? -2.868  -6.372  3.732   1.00 58.37 ? 37  VAL A CA  1 
ATOM 294  C C   . VAL A 1 45  ? -3.167  -6.036  2.284   1.00 58.17 ? 37  VAL A C   1 
ATOM 295  O O   . VAL A 1 45  ? -4.065  -5.244  2.002   1.00 58.73 ? 37  VAL A O   1 
ATOM 296  C CB  . VAL A 1 45  ? -1.679  -5.487  4.310   1.00 58.02 ? 37  VAL A CB  1 
ATOM 297  C CG1 . VAL A 1 45  ? -1.807  -4.029  3.936   1.00 55.90 ? 37  VAL A CG1 1 
ATOM 298  C CG2 . VAL A 1 45  ? -1.591  -5.614  5.807   1.00 56.74 ? 37  VAL A CG2 1 
ATOM 299  N N   . ALA A 1 46  ? -2.409  -6.628  1.376   1.00 58.32 ? 38  ALA A N   1 
ATOM 300  C CA  . ALA A 1 46  ? -2.659  -6.525  -0.075  1.00 58.85 ? 38  ALA A CA  1 
ATOM 301  C C   . ALA A 1 46  ? -4.056  -6.985  -0.432  1.00 58.58 ? 38  ALA A C   1 
ATOM 302  O O   . ALA A 1 46  ? -4.783  -6.256  -1.110  1.00 58.32 ? 38  ALA A O   1 
ATOM 303  C CB  . ALA A 1 46  ? -1.631  -7.322  -0.874  1.00 58.70 ? 38  ALA A CB  1 
ATOM 304  N N   . ASN A 1 47  ? -4.447  -8.158  0.070   1.00 59.29 ? 39  ASN A N   1 
ATOM 305  C CA  . ASN A 1 47  ? -5.855  -8.614  -0.055  1.00 60.62 ? 39  ASN A CA  1 
ATOM 306  C C   . ASN A 1 47  ? -6.828  -7.651  0.607   1.00 61.03 ? 39  ASN A C   1 
ATOM 307  O O   . ASN A 1 47  ? -7.751  -7.216  -0.070  1.00 61.95 ? 39  ASN A O   1 
ATOM 308  C CB  . ASN A 1 47  ? -6.091  -10.040 0.470   1.00 60.88 ? 39  ASN A CB  1 
ATOM 309  C CG  . ASN A 1 47  ? -5.389  -11.110 -0.373  1.00 61.45 ? 39  ASN A CG  1 
ATOM 310  O OD1 . ASN A 1 47  ? -5.377  -11.056 -1.615  1.00 63.58 ? 39  ASN A OD1 1 
ATOM 311  N ND2 . ASN A 1 47  ? -4.808  -12.101 0.311   1.00 62.51 ? 39  ASN A ND2 1 
ATOM 312  N N   . ARG A 1 48  ? -6.603  -7.285  1.887   1.00 60.51 ? 40  ARG A N   1 
ATOM 313  C CA  . ARG A 1 48  ? -7.475  -6.316  2.609   1.00 60.33 ? 40  ARG A CA  1 
ATOM 314  C C   . ARG A 1 48  ? -7.797  -5.029  1.852   1.00 60.27 ? 40  ARG A C   1 
ATOM 315  O O   . ARG A 1 48  ? -8.966  -4.659  1.741   1.00 59.58 ? 40  ARG A O   1 
ATOM 316  C CB  . ARG A 1 48  ? -6.954  -5.965  4.014   1.00 60.28 ? 40  ARG A CB  1 
ATOM 317  C CG  . ARG A 1 48  ? -7.794  -4.884  4.743   1.00 59.89 ? 40  ARG A CG  1 
ATOM 318  C CD  . ARG A 1 48  ? -7.361  -4.664  6.246   1.00 59.52 ? 40  ARG A CD  1 
ATOM 319  N NE  . ARG A 1 48  ? -8.003  -5.637  7.145   1.00 55.34 ? 40  ARG A NE  1 
ATOM 320  C CZ  . ARG A 1 48  ? -7.639  -5.882  8.405   1.00 56.51 ? 40  ARG A CZ  1 
ATOM 321  N NH1 . ARG A 1 48  ? -6.630  -5.207  8.975   1.00 56.76 ? 40  ARG A NH1 1 
ATOM 322  N NH2 . ARG A 1 48  ? -8.296  -6.797  9.118   1.00 53.18 ? 40  ARG A NH2 1 
ATOM 323  N N   . LEU A 1 49  ? -6.762  -4.357  1.347   1.00 60.29 ? 41  LEU A N   1 
ATOM 324  C CA  . LEU A 1 49  ? -6.926  -3.127  0.539   1.00 60.34 ? 41  LEU A CA  1 
ATOM 325  C C   . LEU A 1 49  ? -7.514  -3.415  -0.846  1.00 60.69 ? 41  LEU A C   1 
ATOM 326  O O   . LEU A 1 49  ? -7.973  -2.486  -1.534  1.00 60.83 ? 41  LEU A O   1 
ATOM 327  C CB  . LEU A 1 49  ? -5.579  -2.378  0.400   1.00 59.83 ? 41  LEU A CB  1 
ATOM 328  C CG  . LEU A 1 49  ? -5.046  -1.525  1.580   1.00 61.03 ? 41  LEU A CG  1 
ATOM 329  C CD1 . LEU A 1 49  ? -6.022  -0.405  1.983   1.00 57.66 ? 41  LEU A CD1 1 
ATOM 330  C CD2 . LEU A 1 49  ? -4.801  -2.364  2.783   1.00 61.61 ? 41  LEU A CD2 1 
ATOM 331  N N   . ALA A 1 50  ? -7.454  -4.685  -1.263  1.00 60.59 ? 42  ALA A N   1 
ATOM 332  C CA  . ALA A 1 50  ? -7.938  -5.086  -2.586  1.00 60.94 ? 42  ALA A CA  1 
ATOM 333  C C   . ALA A 1 50  ? -9.426  -5.111  -2.493  1.00 61.00 ? 42  ALA A C   1 
ATOM 334  O O   . ALA A 1 50  ? -10.094 -4.460  -3.290  1.00 60.97 ? 42  ALA A O   1 
ATOM 335  C CB  . ALA A 1 50  ? -7.387  -6.463  -3.016  1.00 60.12 ? 42  ALA A CB  1 
ATOM 336  N N   . ARG A 1 51  ? -9.927  -5.806  -1.467  1.00 61.44 ? 43  ARG A N   1 
ATOM 337  C CA  . ARG A 1 51  ? -11.364 -5.920  -1.206  1.00 62.21 ? 43  ARG A CA  1 
ATOM 338  C C   . ARG A 1 51  ? -11.982 -4.571  -0.865  1.00 63.06 ? 43  ARG A C   1 
ATOM 339  O O   . ARG A 1 51  ? -13.121 -4.275  -1.277  1.00 64.70 ? 43  ARG A O   1 
ATOM 340  C CB  . ARG A 1 51  ? -11.644 -6.931  -0.090  1.00 61.93 ? 43  ARG A CB  1 
ATOM 341  C CG  . ARG A 1 51  ? -10.988 -8.334  -0.285  1.00 62.37 ? 43  ARG A CG  1 
ATOM 342  C CD  . ARG A 1 51  ? -11.562 -9.119  -1.441  1.00 57.25 ? 43  ARG A CD  1 
ATOM 343  N NE  . ARG A 1 51  ? -11.130 -8.661  -2.760  1.00 55.47 ? 43  ARG A NE  1 
ATOM 344  C CZ  . ARG A 1 51  ? -9.928  -8.921  -3.290  1.00 58.14 ? 43  ARG A CZ  1 
ATOM 345  N NH1 . ARG A 1 51  ? -9.003  -9.572  -2.564  1.00 55.65 ? 43  ARG A NH1 1 
ATOM 346  N NH2 . ARG A 1 51  ? -9.622  -8.488  -4.530  1.00 55.20 ? 43  ARG A NH2 1 
ATOM 347  N N   . LEU A 1 52  ? -11.241 -3.757  -0.118  1.00 62.93 ? 44  LEU A N   1 
ATOM 348  C CA  . LEU A 1 52  ? -11.655 -2.396  0.193   1.00 62.71 ? 44  LEU A CA  1 
ATOM 349  C C   . LEU A 1 52  ? -11.899 -1.536  -1.064  1.00 62.87 ? 44  LEU A C   1 
ATOM 350  O O   . LEU A 1 52  ? -12.872 -0.779  -1.120  1.00 62.11 ? 44  LEU A O   1 
ATOM 351  C CB  . LEU A 1 52  ? -10.631 -1.701  1.124   1.00 62.61 ? 44  LEU A CB  1 
ATOM 352  C CG  . LEU A 1 52  ? -10.991 -0.244  1.452   1.00 61.83 ? 44  LEU A CG  1 
ATOM 353  C CD1 . LEU A 1 52  ? -12.324 -0.302  2.147   1.00 59.11 ? 44  LEU A CD1 1 
ATOM 354  C CD2 . LEU A 1 52  ? -9.957  0.542   2.279   1.00 61.28 ? 44  LEU A CD2 1 
ATOM 355  N N   . HIS A 1 53  ? -10.982 -1.614  -2.022  1.00 63.20 ? 45  HIS A N   1 
ATOM 356  C CA  . HIS A 1 53  ? -11.074 -0.810  -3.229  1.00 64.69 ? 45  HIS A CA  1 
ATOM 357  C C   . HIS A 1 53  ? -12.301 -1.215  -4.069  1.00 65.47 ? 45  HIS A C   1 
ATOM 358  O O   . HIS A 1 53  ? -12.967 -0.344  -4.635  1.00 65.85 ? 45  HIS A O   1 
ATOM 359  C CB  . HIS A 1 53  ? -9.772  -0.902  -4.035  1.00 64.90 ? 45  HIS A CB  1 
ATOM 360  C CG  . HIS A 1 53  ? -9.951  -0.829  -5.523  1.00 65.08 ? 45  HIS A CG  1 
ATOM 361  N ND1 . HIS A 1 53  ? -10.258 0.341   -6.184  1.00 63.45 ? 45  HIS A ND1 1 
ATOM 362  C CD2 . HIS A 1 53  ? -9.842  -1.787  -6.479  1.00 65.80 ? 45  HIS A CD2 1 
ATOM 363  C CE1 . HIS A 1 53  ? -10.333 0.102   -7.482  1.00 64.70 ? 45  HIS A CE1 1 
ATOM 364  N NE2 . HIS A 1 53  ? -10.094 -1.184  -7.686  1.00 66.04 ? 45  HIS A NE2 1 
ATOM 365  N N   . GLU A 1 54  ? -12.596 -2.520  -4.127  1.00 65.66 ? 46  GLU A N   1 
ATOM 366  C CA  . GLU A 1 54  ? -13.846 -3.024  -4.722  1.00 65.93 ? 46  GLU A CA  1 
ATOM 367  C C   . GLU A 1 54  ? -15.100 -2.463  -4.048  1.00 65.94 ? 46  GLU A C   1 
ATOM 368  O O   . GLU A 1 54  ? -16.066 -2.185  -4.719  1.00 65.75 ? 46  GLU A O   1 
ATOM 369  C CB  . GLU A 1 54  ? -13.861 -4.545  -4.731  1.00 65.80 ? 46  GLU A CB  1 
ATOM 370  C CG  . GLU A 1 54  ? -12.810 -5.053  -5.674  1.00 67.02 ? 46  GLU A CG  1 
ATOM 371  C CD  . GLU A 1 54  ? -12.439 -6.487  -5.457  1.00 69.62 ? 46  GLU A CD  1 
ATOM 372  O OE1 . GLU A 1 54  ? -12.654 -7.011  -4.345  1.00 69.92 ? 46  GLU A OE1 1 
ATOM 373  O OE2 . GLU A 1 54  ? -11.907 -7.092  -6.415  1.00 73.29 ? 46  GLU A OE2 1 
ATOM 374  N N   . VAL A 1 55  ? -15.056 -2.257  -2.727  1.00 66.30 ? 47  VAL A N   1 
ATOM 375  C CA  . VAL A 1 55  ? -16.121 -1.530  -2.020  1.00 65.84 ? 47  VAL A CA  1 
ATOM 376  C C   . VAL A 1 55  ? -16.272 -0.109  -2.587  1.00 67.02 ? 47  VAL A C   1 
ATOM 377  O O   . VAL A 1 55  ? -17.381 0.359   -2.796  1.00 67.08 ? 47  VAL A O   1 
ATOM 378  C CB  . VAL A 1 55  ? -15.894 -1.473  -0.480  1.00 64.70 ? 47  VAL A CB  1 
ATOM 379  C CG1 . VAL A 1 55  ? -16.952 -0.646  0.172   1.00 65.84 ? 47  VAL A CG1 1 
ATOM 380  C CG2 . VAL A 1 55  ? -15.903 -2.842  0.147   1.00 62.21 ? 47  VAL A CG2 1 
ATOM 381  N N   . VAL A 1 56  ? -15.160 0.571   -2.862  1.00 68.55 ? 48  VAL A N   1 
ATOM 382  C CA  . VAL A 1 56  ? -15.227 2.005   -3.201  1.00 69.84 ? 48  VAL A CA  1 
ATOM 383  C C   . VAL A 1 56  ? -14.441 2.413   -4.468  1.00 69.57 ? 48  VAL A C   1 
ATOM 384  O O   . VAL A 1 56  ? -13.558 3.239   -4.402  1.00 69.73 ? 48  VAL A O   1 
ATOM 385  C CB  . VAL A 1 56  ? -14.889 2.920   -1.955  1.00 70.56 ? 48  VAL A CB  1 
ATOM 386  C CG1 . VAL A 1 56  ? -15.282 4.384   -2.232  1.00 71.80 ? 48  VAL A CG1 1 
ATOM 387  C CG2 . VAL A 1 56  ? -15.648 2.440   -0.699  1.00 70.00 ? 48  VAL A CG2 1 
ATOM 388  N N   . PRO A 1 57  ? -14.834 1.888   -5.642  1.00 70.28 ? 49  PRO A N   1 
ATOM 389  C CA  . PRO A 1 57  ? -13.983 1.962   -6.826  1.00 70.48 ? 49  PRO A CA  1 
ATOM 390  C C   . PRO A 1 57  ? -13.997 3.265   -7.639  1.00 71.06 ? 49  PRO A C   1 
ATOM 391  O O   . PRO A 1 57  ? -13.057 3.510   -8.406  1.00 71.68 ? 49  PRO A O   1 
ATOM 392  C CB  . PRO A 1 57  ? -14.483 0.790   -7.679  1.00 70.05 ? 49  PRO A CB  1 
ATOM 393  C CG  . PRO A 1 57  ? -15.667 0.208   -6.933  1.00 69.20 ? 49  PRO A CG  1 
ATOM 394  C CD  . PRO A 1 57  ? -16.098 1.198   -5.956  1.00 69.71 ? 49  PRO A CD  1 
ATOM 395  N N   . GLU A 1 58  ? -15.028 4.086   -7.498  1.00 71.08 ? 50  GLU A N   1 
ATOM 396  C CA  . GLU A 1 58  ? -15.083 5.344   -8.237  1.00 71.73 ? 50  GLU A CA  1 
ATOM 397  C C   . GLU A 1 58  ? -14.176 6.359   -7.564  1.00 71.45 ? 50  GLU A C   1 
ATOM 398  O O   . GLU A 1 58  ? -14.008 7.474   -8.051  1.00 71.80 ? 50  GLU A O   1 
ATOM 399  C CB  . GLU A 1 58  ? -16.525 5.898   -8.299  1.00 72.50 ? 50  GLU A CB  1 
ATOM 400  C CG  . GLU A 1 58  ? -17.636 4.912   -7.873  1.00 75.30 ? 50  GLU A CG  1 
ATOM 401  C CD  . GLU A 1 58  ? -17.679 4.655   -6.338  1.00 78.29 ? 50  GLU A CD  1 
ATOM 402  O OE1 . GLU A 1 58  ? -16.614 4.674   -5.671  1.00 78.80 ? 50  GLU A OE1 1 
ATOM 403  O OE2 . GLU A 1 58  ? -18.788 4.420   -5.798  1.00 79.69 ? 50  GLU A OE2 1 
ATOM 404  N N   . ASN A 1 59  ? -13.587 5.958   -6.438  1.00 71.34 ? 51  ASN A N   1 
ATOM 405  C CA  . ASN A 1 59  ? -12.719 6.819   -5.614  1.00 70.53 ? 51  ASN A CA  1 
ATOM 406  C C   . ASN A 1 59  ? -11.297 6.313   -5.390  1.00 69.68 ? 51  ASN A C   1 
ATOM 407  O O   . ASN A 1 59  ? -10.474 7.026   -4.823  1.00 68.97 ? 51  ASN A O   1 
ATOM 408  C CB  . ASN A 1 59  ? -13.356 7.022   -4.251  1.00 70.46 ? 51  ASN A CB  1 
ATOM 409  C CG  . ASN A 1 59  ? -14.426 8.044   -4.283  1.00 72.44 ? 51  ASN A CG  1 
ATOM 410  O OD1 . ASN A 1 59  ? -14.153 9.247   -4.151  1.00 74.82 ? 51  ASN A OD1 1 
ATOM 411  N ND2 . ASN A 1 59  ? -15.673 7.589   -4.462  1.00 72.14 ? 51  ASN A ND2 1 
ATOM 412  N N   . THR A 1 60  ? -11.022 5.076   -5.806  1.00 68.84 ? 52  THR A N   1 
ATOM 413  C CA  . THR A 1 60  ? -9.748  4.447   -5.536  1.00 67.37 ? 52  THR A CA  1 
ATOM 414  C C   . THR A 1 60  ? -9.296  3.610   -6.727  1.00 66.87 ? 52  THR A C   1 
ATOM 415  O O   . THR A 1 60  ? -10.068 2.813   -7.250  1.00 67.20 ? 52  THR A O   1 
ATOM 416  C CB  . THR A 1 60  ? -9.809  3.541   -4.282  1.00 67.37 ? 52  THR A CB  1 
ATOM 417  O OG1 . THR A 1 60  ? -10.667 2.431   -4.530  1.00 66.95 ? 52  THR A OG1 1 
ATOM 418  C CG2 . THR A 1 60  ? -10.340 4.280   -3.089  1.00 67.90 ? 52  THR A CG2 1 
ATOM 419  N N   . LYS A 1 61  ? -8.052  3.815   -7.156  1.00 65.69 ? 53  LYS A N   1 
ATOM 420  C CA  . LYS A 1 61  ? -7.370  2.918   -8.085  1.00 64.55 ? 53  LYS A CA  1 
ATOM 421  C C   . LYS A 1 61  ? -6.515  1.898   -7.314  1.00 64.04 ? 53  LYS A C   1 
ATOM 422  O O   . LYS A 1 61  ? -6.141  2.129   -6.148  1.00 63.39 ? 53  LYS A O   1 
ATOM 423  C CB  . LYS A 1 61  ? -6.454  3.716   -9.022  1.00 65.01 ? 53  LYS A CB  1 
ATOM 424  C CG  . LYS A 1 61  ? -7.138  4.972   -9.595  1.00 64.71 ? 53  LYS A CG  1 
ATOM 425  C CD  . LYS A 1 61  ? -5.920  5.819   -10.365 1.00 63.36 ? 53  LYS A CD  1 
ATOM 426  C CE  . LYS A 1 61  ? -6.916  7.109   -10.964 1.00 64.01 ? 53  LYS A CE  1 
ATOM 427  N NZ  . LYS A 1 61  ? -5.929  7.995   -11.735 1.00 64.31 ? 53  LYS A NZ  1 
ATOM 428  N N   . TYR A 1 62  ? -6.180  0.790   -7.972  1.00 62.65 ? 54  TYR A N   1 
ATOM 429  C CA  . TYR A 1 62  ? -5.318  -0.221  -7.360  1.00 61.56 ? 54  TYR A CA  1 
ATOM 430  C C   . TYR A 1 62  ? -4.182  -0.581  -8.320  1.00 61.39 ? 54  TYR A C   1 
ATOM 431  O O   . TYR A 1 62  ? -4.413  -0.864  -9.499  1.00 62.11 ? 54  TYR A O   1 
ATOM 432  C CB  . TYR A 1 62  ? -6.153  -1.437  -6.996  1.00 60.74 ? 54  TYR A CB  1 
ATOM 433  C CG  . TYR A 1 62  ? -5.510  -2.386  -6.029  1.00 60.91 ? 54  TYR A CG  1 
ATOM 434  C CD1 . TYR A 1 62  ? -5.918  -2.422  -4.687  1.00 59.73 ? 54  TYR A CD1 1 
ATOM 435  C CD2 . TYR A 1 62  ? -4.486  -3.269  -6.447  1.00 62.22 ? 54  TYR A CD2 1 
ATOM 436  C CE1 . TYR A 1 62  ? -5.336  -3.293  -3.785  1.00 58.91 ? 54  TYR A CE1 1 
ATOM 437  C CE2 . TYR A 1 62  ? -3.899  -4.157  -5.553  1.00 60.92 ? 54  TYR A CE2 1 
ATOM 438  C CZ  . TYR A 1 62  ? -4.333  -4.160  -4.227  1.00 60.99 ? 54  TYR A CZ  1 
ATOM 439  O OH  . TYR A 1 62  ? -3.774  -5.037  -3.343  1.00 60.78 ? 54  TYR A OH  1 
ATOM 440  N N   . ILE A 1 63  ? -2.950  -0.569  -7.822  1.00 60.85 ? 55  ILE A N   1 
ATOM 441  C CA  . ILE A 1 63  ? -1.771  -0.612  -8.682  1.00 60.11 ? 55  ILE A CA  1 
ATOM 442  C C   . ILE A 1 63  ? -0.755  -1.654  -8.160  1.00 60.78 ? 55  ILE A C   1 
ATOM 443  O O   . ILE A 1 63  ? -0.437  -1.691  -6.977  1.00 62.57 ? 55  ILE A O   1 
ATOM 444  C CB  . ILE A 1 63  ? -1.156  0.823   -8.851  1.00 60.02 ? 55  ILE A CB  1 
ATOM 445  C CG1 . ILE A 1 63  ? -2.216  1.813   -9.356  1.00 58.94 ? 55  ILE A CG1 1 
ATOM 446  C CG2 . ILE A 1 63  ? 0.110   0.838   -9.742  1.00 58.44 ? 55  ILE A CG2 1 
ATOM 447  C CD1 . ILE A 1 63  ? -1.739  3.264   -9.377  1.00 58.95 ? 55  ILE A CD1 1 
ATOM 448  N N   . VAL A 1 64  ? -0.275  -2.515  -9.041  1.00 60.57 ? 56  VAL A N   1 
ATOM 449  C CA  . VAL A 1 64  ? 0.648   -3.575  -8.690  1.00 59.74 ? 56  VAL A CA  1 
ATOM 450  C C   . VAL A 1 64  ? 1.853   -3.275  -9.543  1.00 60.08 ? 56  VAL A C   1 
ATOM 451  O O   . VAL A 1 64  ? 1.730   -3.118  -10.754 1.00 59.44 ? 56  VAL A O   1 
ATOM 452  C CB  . VAL A 1 64  ? 0.085   -4.958  -9.112  1.00 59.77 ? 56  VAL A CB  1 
ATOM 453  C CG1 . VAL A 1 64  ? 1.065   -6.079  -8.854  1.00 56.74 ? 56  VAL A CG1 1 
ATOM 454  C CG2 . VAL A 1 64  ? -1.276  -5.234  -8.428  1.00 60.49 ? 56  VAL A CG2 1 
ATOM 455  N N   . THR A 1 65  ? 3.018   -3.148  -8.916  1.00 60.48 ? 57  THR A N   1 
ATOM 456  C CA  . THR A 1 65  ? 4.267   -3.135  -9.682  1.00 60.57 ? 57  THR A CA  1 
ATOM 457  C C   . THR A 1 65  ? 4.955   -4.478  -9.454  1.00 61.15 ? 57  THR A C   1 
ATOM 458  O O   . THR A 1 65  ? 4.934   -5.014  -8.327  1.00 61.16 ? 57  THR A O   1 
ATOM 459  C CB  . THR A 1 65  ? 5.225   -2.001  -9.253  1.00 60.02 ? 57  THR A CB  1 
ATOM 460  O OG1 . THR A 1 65  ? 5.665   -2.270  -7.931  1.00 62.44 ? 57  THR A OG1 1 
ATOM 461  C CG2 . THR A 1 65  ? 4.549   -0.673  -9.250  1.00 58.52 ? 57  THR A CG2 1 
ATOM 462  N N   . GLU A 1 66  ? 5.539   -5.036  -10.522 1.00 62.00 ? 58  GLU A N   1 
ATOM 463  C CA  . GLU A 1 66  ? 6.447   -6.165  -10.386 1.00 62.12 ? 58  GLU A CA  1 
ATOM 464  C C   . GLU A 1 66  ? 7.782   -5.676  -10.881 1.00 63.03 ? 58  GLU A C   1 
ATOM 465  O O   . GLU A 1 66  ? 7.876   -5.083  -11.959 1.00 62.52 ? 58  GLU A O   1 
ATOM 466  C CB  . GLU A 1 66  ? 6.058   -7.378  -11.229 1.00 62.11 ? 58  GLU A CB  1 
ATOM 467  C CG  . GLU A 1 66  ? 4.591   -7.596  -11.547 1.00 62.69 ? 58  GLU A CG  1 
ATOM 468  C CD  . GLU A 1 66  ? 4.329   -9.001  -12.054 1.00 62.04 ? 58  GLU A CD  1 
ATOM 469  O OE1 . GLU A 1 66  ? 4.719   -9.320  -13.204 1.00 63.63 ? 58  GLU A OE1 1 
ATOM 470  O OE2 . GLU A 1 66  ? 3.747   -9.797  -11.291 1.00 59.83 ? 58  GLU A OE2 1 
ATOM 471  N N   . HIS A 1 67  ? 8.808   -5.971  -10.096 1.00 64.01 ? 59  HIS A N   1 
ATOM 472  C CA  . HIS A 1 67  ? 10.166  -5.543  -10.345 1.00 65.66 ? 59  HIS A CA  1 
ATOM 473  C C   . HIS A 1 67  ? 10.939  -6.686  -10.969 1.00 67.03 ? 59  HIS A C   1 
ATOM 474  O O   . HIS A 1 67  ? 10.923  -7.793  -10.439 1.00 66.38 ? 59  HIS A O   1 
ATOM 475  C CB  . HIS A 1 67  ? 10.821  -5.205  -9.008  1.00 65.67 ? 59  HIS A CB  1 
ATOM 476  C CG  . HIS A 1 67  ? 12.178  -4.620  -9.145  1.00 64.48 ? 59  HIS A CG  1 
ATOM 477  N ND1 . HIS A 1 67  ? 12.383  -3.273  -9.357  1.00 63.88 ? 59  HIS A ND1 1 
ATOM 478  C CD2 . HIS A 1 67  ? 13.402  -5.197  -9.122  1.00 63.98 ? 59  HIS A CD2 1 
ATOM 479  C CE1 . HIS A 1 67  ? 13.680  -3.041  -9.434  1.00 65.79 ? 59  HIS A CE1 1 
ATOM 480  N NE2 . HIS A 1 67  ? 14.319  -4.193  -9.307  1.00 65.67 ? 59  HIS A NE2 1 
ATOM 481  N N   . TYR A 1 68  ? 11.631  -6.394  -12.072 1.00 69.89 ? 60  TYR A N   1 
ATOM 482  C CA  . TYR A 1 68  ? 12.302  -7.395  -12.927 1.00 72.43 ? 60  TYR A CA  1 
ATOM 483  C C   . TYR A 1 68  ? 11.654  -8.792  -12.835 1.00 73.14 ? 60  TYR A C   1 
ATOM 484  O O   . TYR A 1 68  ? 12.268  -9.734  -12.337 1.00 72.40 ? 60  TYR A O   1 
ATOM 485  C CB  . TYR A 1 68  ? 13.785  -7.435  -12.592 1.00 73.98 ? 60  TYR A CB  1 
ATOM 486  C CG  . TYR A 1 68  ? 14.662  -8.119  -13.613 1.00 76.87 ? 60  TYR A CG  1 
ATOM 487  C CD1 . TYR A 1 68  ? 15.359  -9.299  -13.284 1.00 78.49 ? 60  TYR A CD1 1 
ATOM 488  C CD2 . TYR A 1 68  ? 14.815  -7.592  -14.902 1.00 78.73 ? 60  TYR A CD2 1 
ATOM 489  C CE1 . TYR A 1 68  ? 16.174  -9.942  -14.213 1.00 78.94 ? 60  TYR A CE1 1 
ATOM 490  C CE2 . TYR A 1 68  ? 15.627  -8.238  -15.845 1.00 79.72 ? 60  TYR A CE2 1 
ATOM 491  C CZ  . TYR A 1 68  ? 16.305  -9.407  -15.489 1.00 78.76 ? 60  TYR A CZ  1 
ATOM 492  O OH  . TYR A 1 68  ? 17.127  -10.032 -16.405 1.00 78.73 ? 60  TYR A OH  1 
ATOM 493  N N   . PRO A 1 69  ? 10.389  -8.910  -13.308 1.00 74.29 ? 61  PRO A N   1 
ATOM 494  C CA  . PRO A 1 69  ? 9.551   -10.106 -13.065 1.00 75.69 ? 61  PRO A CA  1 
ATOM 495  C C   . PRO A 1 69  ? 10.173  -11.454 -13.487 1.00 77.52 ? 61  PRO A C   1 
ATOM 496  O O   . PRO A 1 69  ? 10.357  -12.337 -12.640 1.00 77.91 ? 61  PRO A O   1 
ATOM 497  C CB  . PRO A 1 69  ? 8.275   -9.839  -13.871 1.00 74.80 ? 61  PRO A CB  1 
ATOM 498  C CG  . PRO A 1 69  ? 8.324   -8.433  -14.253 1.00 74.34 ? 61  PRO A CG  1 
ATOM 499  C CD  . PRO A 1 69  ? 9.695   -7.891  -14.118 1.00 73.65 ? 61  PRO A CD  1 
ATOM 500  N N   . LYS A 1 70  ? 10.490  -11.600 -14.775 1.00 79.06 ? 62  LYS A N   1 
ATOM 501  C CA  . LYS A 1 70  ? 11.015  -12.859 -15.331 1.00 80.66 ? 62  LYS A CA  1 
ATOM 502  C C   . LYS A 1 70  ? 12.278  -13.358 -14.604 1.00 80.95 ? 62  LYS A C   1 
ATOM 503  O O   . LYS A 1 70  ? 12.367  -14.536 -14.241 1.00 81.34 ? 62  LYS A O   1 
ATOM 504  C CB  . LYS A 1 70  ? 11.238  -12.740 -16.855 1.00 81.13 ? 62  LYS A CB  1 
ATOM 505  C CG  . LYS A 1 70  ? 12.031  -13.895 -17.491 1.00 83.61 ? 62  LYS A CG  1 
ATOM 506  C CD  . LYS A 1 70  ? 11.209  -15.206 -17.634 1.00 86.12 ? 62  LYS A CD  1 
ATOM 507  C CE  . LYS A 1 70  ? 12.096  -16.393 -18.126 1.00 85.04 ? 62  LYS A CE  1 
ATOM 508  N NZ  . LYS A 1 70  ? 13.060  -16.890 -17.089 1.00 84.26 ? 62  LYS A NZ  1 
ATOM 509  N N   . GLY A 1 71  ? 13.237  -12.461 -14.380 1.00 81.03 ? 63  GLY A N   1 
ATOM 510  C CA  . GLY A 1 71  ? 14.436  -12.805 -13.623 1.00 80.98 ? 63  GLY A CA  1 
ATOM 511  C C   . GLY A 1 71  ? 14.159  -12.909 -12.135 1.00 80.93 ? 63  GLY A C   1 
ATOM 512  O O   . GLY A 1 71  ? 14.474  -11.981 -11.378 1.00 81.15 ? 63  GLY A O   1 
ATOM 513  N N   . LEU A 1 72  ? 13.572  -14.041 -11.722 1.00 80.29 ? 64  LEU A N   1 
ATOM 514  C CA  . LEU A 1 72  ? 13.083  -14.251 -10.344 1.00 79.43 ? 64  LEU A CA  1 
ATOM 515  C C   . LEU A 1 72  ? 11.881  -13.308 -9.920  1.00 78.46 ? 64  LEU A C   1 
ATOM 516  O O   . LEU A 1 72  ? 12.065  -12.277 -9.241  1.00 77.64 ? 64  LEU A O   1 
ATOM 517  C CB  . LEU A 1 72  ? 14.243  -14.220 -9.311  1.00 79.67 ? 64  LEU A CB  1 
ATOM 518  C CG  . LEU A 1 72  ? 15.474  -15.155 -9.169  1.00 80.79 ? 64  LEU A CG  1 
ATOM 519  C CD1 . LEU A 1 72  ? 16.528  -15.022 -10.314 1.00 81.37 ? 64  LEU A CD1 1 
ATOM 520  C CD2 . LEU A 1 72  ? 16.154  -14.958 -7.774  1.00 80.06 ? 64  LEU A CD2 1 
ATOM 521  N N   . GLY A 1 73  ? 10.670  -13.665 -10.375 1.00 77.09 ? 65  GLY A N   1 
ATOM 522  C CA  . GLY A 1 73  ? 9.444   -13.316 -9.680  1.00 75.13 ? 65  GLY A CA  1 
ATOM 523  C C   . GLY A 1 73  ? 8.254   -12.739 -10.422 1.00 73.97 ? 65  GLY A C   1 
ATOM 524  O O   . GLY A 1 73  ? 8.320   -11.635 -10.956 1.00 73.40 ? 65  GLY A O   1 
ATOM 525  N N   . ARG A 1 74  ? 7.143   -13.473 -10.389 1.00 72.78 ? 66  ARG A N   1 
ATOM 526  C CA  . ARG A 1 74  ? 5.820   -12.920 -10.672 1.00 71.39 ? 66  ARG A CA  1 
ATOM 527  C C   . ARG A 1 74  ? 5.036   -12.716 -9.369  1.00 72.27 ? 66  ARG A C   1 
ATOM 528  O O   . ARG A 1 74  ? 5.367   -13.335 -8.358  1.00 72.00 ? 66  ARG A O   1 
ATOM 529  C CB  . ARG A 1 74  ? 5.055   -13.863 -11.592 1.00 71.03 ? 66  ARG A CB  1 
ATOM 530  C CG  . ARG A 1 74  ? 4.124   -13.184 -12.548 1.00 65.90 ? 66  ARG A CG  1 
ATOM 531  C CD  . ARG A 1 74  ? 4.316   -13.680 -13.976 1.00 55.99 ? 66  ARG A CD  1 
ATOM 532  N NE  . ARG A 1 74  ? 3.006   -13.710 -14.597 1.00 53.17 ? 66  ARG A NE  1 
ATOM 533  C CZ  . ARG A 1 74  ? 2.756   -13.731 -15.906 1.00 56.97 ? 66  ARG A CZ  1 
ATOM 534  N NH1 . ARG A 1 74  ? 3.730   -13.693 -16.805 1.00 55.30 ? 66  ARG A NH1 1 
ATOM 535  N NH2 . ARG A 1 74  ? 1.498   -13.784 -16.338 1.00 58.51 ? 66  ARG A NH2 1 
ATOM 536  N N   . ILE A 1 75  ? 3.991   -11.871 -9.404  1.00 72.71 ? 67  ILE A N   1 
ATOM 537  C CA  . ILE A 1 75  ? 3.274   -11.434 -8.196  1.00 73.43 ? 67  ILE A CA  1 
ATOM 538  C C   . ILE A 1 75  ? 2.478   -12.534 -7.496  1.00 74.27 ? 67  ILE A C   1 
ATOM 539  O O   . ILE A 1 75  ? 1.321   -12.773 -7.814  1.00 74.75 ? 67  ILE A O   1 
ATOM 540  C CB  . ILE A 1 75  ? 2.411   -10.107 -8.421  1.00 73.38 ? 67  ILE A CB  1 
ATOM 541  C CG1 . ILE A 1 75  ? 2.089   -9.413  -7.080  1.00 72.82 ? 67  ILE A CG1 1 
ATOM 542  C CG2 . ILE A 1 75  ? 1.170   -10.354 -9.288  1.00 72.34 ? 67  ILE A CG2 1 
ATOM 543  C CD1 . ILE A 1 75  ? 0.589   -9.249  -6.660  1.00 69.64 ? 67  ILE A CD1 1 
ATOM 544  N N   . VAL A 1 76  ? 3.123   -13.187 -6.530  1.00 74.89 ? 68  VAL A N   1 
ATOM 545  C CA  . VAL A 1 76  ? 2.519   -14.247 -5.696  1.00 75.31 ? 68  VAL A CA  1 
ATOM 546  C C   . VAL A 1 76  ? 0.977   -14.418 -5.848  1.00 75.76 ? 68  VAL A C   1 
ATOM 547  O O   . VAL A 1 76  ? 0.210   -13.456 -5.631  1.00 75.57 ? 68  VAL A O   1 
ATOM 548  C CB  . VAL A 1 76  ? 2.962   -14.093 -4.212  1.00 75.37 ? 68  VAL A CB  1 
ATOM 549  C CG1 . VAL A 1 76  ? 1.994   -14.796 -3.246  1.00 75.72 ? 68  VAL A CG1 1 
ATOM 550  C CG2 . VAL A 1 76  ? 4.413   -14.584 -4.048  1.00 75.26 ? 68  VAL A CG2 1 
ATOM 551  N N   . PRO A 1 77  ? 0.535   -15.642 -6.252  1.00 76.07 ? 69  PRO A N   1 
ATOM 552  C CA  . PRO A 1 77  ? -0.877  -15.977 -6.523  1.00 75.99 ? 69  PRO A CA  1 
ATOM 553  C C   . PRO A 1 77  ? -1.829  -15.715 -5.369  1.00 75.73 ? 69  PRO A C   1 
ATOM 554  O O   . PRO A 1 77  ? -2.943  -15.248 -5.595  1.00 75.84 ? 69  PRO A O   1 
ATOM 555  C CB  . PRO A 1 77  ? -0.840  -17.493 -6.833  1.00 75.94 ? 69  PRO A CB  1 
ATOM 556  C CG  . PRO A 1 77  ? 0.480   -17.965 -6.377  1.00 75.85 ? 69  PRO A CG  1 
ATOM 557  C CD  . PRO A 1 77  ? 1.410   -16.805 -6.515  1.00 76.18 ? 69  PRO A CD  1 
ATOM 558  N N   . GLU A 1 78  ? -1.406  -16.021 -4.148  1.00 75.47 ? 70  GLU A N   1 
ATOM 559  C CA  . GLU A 1 78  ? -2.255  -15.791 -2.989  1.00 75.54 ? 70  GLU A CA  1 
ATOM 560  C C   . GLU A 1 78  ? -2.778  -14.326 -2.871  1.00 74.49 ? 70  GLU A C   1 
ATOM 561  O O   . GLU A 1 78  ? -3.701  -14.050 -2.100  1.00 74.54 ? 70  GLU A O   1 
ATOM 562  C CB  . GLU A 1 78  ? -1.576  -16.366 -1.726  1.00 76.22 ? 70  GLU A CB  1 
ATOM 563  C CG  . GLU A 1 78  ? -2.005  -15.775 -0.364  1.00 80.52 ? 70  GLU A CG  1 
ATOM 564  C CD  . GLU A 1 78  ? -3.444  -16.125 0.091   1.00 85.28 ? 70  GLU A CD  1 
ATOM 565  O OE1 . GLU A 1 78  ? -3.680  -17.303 0.461   1.00 88.73 ? 70  GLU A OE1 1 
ATOM 566  O OE2 . GLU A 1 78  ? -4.318  -15.216 0.131   1.00 85.23 ? 70  GLU A OE2 1 
ATOM 567  N N   . ILE A 1 79  ? -2.252  -13.394 -3.669  1.00 73.29 ? 71  ILE A N   1 
ATOM 568  C CA  . ILE A 1 79  ? -2.956  -12.116 -3.850  1.00 72.95 ? 71  ILE A CA  1 
ATOM 569  C C   . ILE A 1 79  ? -3.956  -12.148 -5.040  1.00 73.76 ? 71  ILE A C   1 
ATOM 570  O O   . ILE A 1 79  ? -3.560  -12.180 -6.228  1.00 73.12 ? 71  ILE A O   1 
ATOM 571  C CB  . ILE A 1 79  ? -2.016  -10.883 -3.974  1.00 72.41 ? 71  ILE A CB  1 
ATOM 572  C CG1 . ILE A 1 79  ? -1.161  -10.722 -2.716  1.00 72.32 ? 71  ILE A CG1 1 
ATOM 573  C CG2 . ILE A 1 79  ? -2.836  -9.595  -4.183  1.00 70.70 ? 71  ILE A CG2 1 
ATOM 574  C CD1 . ILE A 1 79  ? 0.214   -10.086 -2.965  1.00 69.69 ? 71  ILE A CD1 1 
ATOM 575  N N   . THR A 1 80  ? -5.245  -12.108 -4.695  1.00 74.25 ? 72  THR A N   1 
ATOM 576  C CA  . THR A 1 80  ? -6.299  -11.986 -5.676  1.00 74.63 ? 72  THR A CA  1 
ATOM 577  C C   . THR A 1 80  ? -6.623  -10.538 -6.015  1.00 74.87 ? 72  THR A C   1 
ATOM 578  O O   . THR A 1 80  ? -7.496  -9.913  -5.426  1.00 75.23 ? 72  THR A O   1 
ATOM 579  C CB  . THR A 1 80  ? -7.554  -12.828 -5.345  1.00 74.92 ? 72  THR A CB  1 
ATOM 580  O OG1 . THR A 1 80  ? -7.533  -13.226 -3.970  1.00 71.82 ? 72  THR A OG1 1 
ATOM 581  C CG2 . THR A 1 80  ? -7.566  -14.107 -6.254  1.00 77.49 ? 72  THR A CG2 1 
ATOM 582  N N   . LEU A 1 81  ? -5.871  -10.041 -6.991  1.00 75.28 ? 73  LEU A N   1 
ATOM 583  C CA  . LEU A 1 81  ? -6.043  -8.738  -7.617  1.00 75.99 ? 73  LEU A CA  1 
ATOM 584  C C   . LEU A 1 81  ? -7.479  -8.401  -8.008  1.00 76.44 ? 73  LEU A C   1 
ATOM 585  O O   . LEU A 1 81  ? -8.233  -9.287  -8.437  1.00 76.85 ? 73  LEU A O   1 
ATOM 586  C CB  . LEU A 1 81  ? -5.188  -8.684  -8.897  1.00 76.14 ? 73  LEU A CB  1 
ATOM 587  C CG  . LEU A 1 81  ? -3.659  -8.629  -8.824  1.00 76.23 ? 73  LEU A CG  1 
ATOM 588  C CD1 . LEU A 1 81  ? -3.235  -7.846  -7.552  1.00 74.18 ? 73  LEU A CD1 1 
ATOM 589  C CD2 . LEU A 1 81  ? -3.020  -10.024 -8.900  1.00 75.30 ? 73  LEU A CD2 1 
ATOM 590  N N   . PRO A 1 82  ? -7.852  -7.113  -7.902  1.00 76.49 ? 74  PRO A N   1 
ATOM 591  C CA  . PRO A 1 82  ? -9.129  -6.657  -8.449  1.00 76.53 ? 74  PRO A CA  1 
ATOM 592  C C   . PRO A 1 82  ? -9.064  -6.650  -9.984  1.00 76.68 ? 74  PRO A C   1 
ATOM 593  O O   . PRO A 1 82  ? -7.972  -6.512  -10.544 1.00 76.55 ? 74  PRO A O   1 
ATOM 594  C CB  . PRO A 1 82  ? -9.254  -5.223  -7.914  1.00 76.72 ? 74  PRO A CB  1 
ATOM 595  C CG  . PRO A 1 82  ? -8.152  -5.027  -6.946  1.00 76.15 ? 74  PRO A CG  1 
ATOM 596  C CD  . PRO A 1 82  ? -7.097  -6.016  -7.280  1.00 76.71 ? 74  PRO A CD  1 
ATOM 597  N N   . LYS A 1 83  ? -10.206 -6.795  -10.663 1.00 76.45 ? 75  LYS A N   1 
ATOM 598  C CA  . LYS A 1 83  ? -10.202 -6.775  -12.136 1.00 76.17 ? 75  LYS A CA  1 
ATOM 599  C C   . LYS A 1 83  ? -9.732  -5.424  -12.659 1.00 75.58 ? 75  LYS A C   1 
ATOM 600  O O   . LYS A 1 83  ? -9.132  -5.339  -13.734 1.00 75.40 ? 75  LYS A O   1 
ATOM 601  C CB  . LYS A 1 83  ? -11.584 -7.115  -12.727 1.00 76.74 ? 75  LYS A CB  1 
ATOM 602  C CG  . LYS A 1 83  ? -12.241 -8.339  -12.136 1.00 78.15 ? 75  LYS A CG  1 
ATOM 603  C CD  . LYS A 1 83  ? -11.352 -9.569  -12.267 1.00 81.97 ? 75  LYS A CD  1 
ATOM 604  C CE  . LYS A 1 83  ? -12.016 -10.784 -11.642 1.00 83.70 ? 75  LYS A CE  1 
ATOM 605  N NZ  . LYS A 1 83  ? -11.782 -11.991 -12.491 1.00 84.39 ? 75  LYS A NZ  1 
ATOM 606  N N   . THR A 1 84  ? -9.996  -4.372  -11.887 1.00 74.73 ? 76  THR A N   1 
ATOM 607  C CA  . THR A 1 84  ? -9.596  -3.027  -12.264 1.00 74.07 ? 76  THR A CA  1 
ATOM 608  C C   . THR A 1 84  ? -8.085  -2.723  -12.124 1.00 73.60 ? 76  THR A C   1 
ATOM 609  O O   . THR A 1 84  ? -7.650  -1.644  -12.528 1.00 73.25 ? 76  THR A O   1 
ATOM 610  C CB  . THR A 1 84  ? -10.424 -1.972  -11.493 1.00 74.35 ? 76  THR A CB  1 
ATOM 611  O OG1 . THR A 1 84  ? -10.611 -2.411  -10.146 1.00 73.71 ? 76  THR A OG1 1 
ATOM 612  C CG2 . THR A 1 84  ? -11.804 -1.783  -12.146 1.00 73.94 ? 76  THR A CG2 1 
ATOM 613  N N   . ALA A 1 85  ? -7.298  -3.660  -11.585 1.00 72.94 ? 77  ALA A N   1 
ATOM 614  C CA  . ALA A 1 85  ? -5.866  -3.413  -11.246 1.00 73.19 ? 77  ALA A CA  1 
ATOM 615  C C   . ALA A 1 85  ? -4.950  -2.916  -12.389 1.00 73.13 ? 77  ALA A C   1 
ATOM 616  O O   . ALA A 1 85  ? -5.017  -3.433  -13.502 1.00 73.60 ? 77  ALA A O   1 
ATOM 617  C CB  . ALA A 1 85  ? -5.242  -4.661  -10.581 1.00 72.77 ? 77  ALA A CB  1 
ATOM 618  N N   . HIS A 1 86  ? -4.087  -1.932  -12.123 1.00 72.75 ? 78  HIS A N   1 
ATOM 619  C CA  . HIS A 1 86  ? -3.138  -1.491  -13.149 1.00 72.21 ? 78  HIS A CA  1 
ATOM 620  C C   . HIS A 1 86  ? -1.801  -2.092  -12.876 1.00 72.23 ? 78  HIS A C   1 
ATOM 621  O O   . HIS A 1 86  ? -0.968  -1.543  -12.136 1.00 73.31 ? 78  HIS A O   1 
ATOM 622  C CB  . HIS A 1 86  ? -3.038  0.010   -13.248 1.00 71.93 ? 78  HIS A CB  1 
ATOM 623  C CG  . HIS A 1 86  ? -4.362  0.675   -13.378 1.00 73.16 ? 78  HIS A CG  1 
ATOM 624  N ND1 . HIS A 1 86  ? -4.848  1.128   -14.583 1.00 73.93 ? 78  HIS A ND1 1 
ATOM 625  C CD2 . HIS A 1 86  ? -5.323  0.934   -12.457 1.00 74.99 ? 78  HIS A CD2 1 
ATOM 626  C CE1 . HIS A 1 86  ? -6.054  1.639   -14.399 1.00 75.60 ? 78  HIS A CE1 1 
ATOM 627  N NE2 . HIS A 1 86  ? -6.364  1.539   -13.117 1.00 75.91 ? 78  HIS A NE2 1 
ATOM 628  N N   . LEU A 1 87  ? -1.596  -3.244  -13.479 1.00 71.42 ? 79  LEU A N   1 
ATOM 629  C CA  . LEU A 1 87  ? -0.418  -4.010  -13.227 1.00 70.73 ? 79  LEU A CA  1 
ATOM 630  C C   . LEU A 1 87  ? 0.728   -3.555  -14.134 1.00 69.77 ? 79  LEU A C   1 
ATOM 631  O O   . LEU A 1 87  ? 0.554   -3.440  -15.326 1.00 69.32 ? 79  LEU A O   1 
ATOM 632  C CB  . LEU A 1 87  ? -0.794  -5.476  -13.319 1.00 70.77 ? 79  LEU A CB  1 
ATOM 633  C CG  . LEU A 1 87  ? 0.117   -6.628  -13.646 1.00 72.63 ? 79  LEU A CG  1 
ATOM 634  C CD1 . LEU A 1 87  ? 1.549   -6.431  -13.173 1.00 74.55 ? 79  LEU A CD1 1 
ATOM 635  C CD2 . LEU A 1 87  ? -0.571  -7.723  -12.871 1.00 75.26 ? 79  LEU A CD2 1 
ATOM 636  N N   . ILE A 1 88  ? 1.877   -3.220  -13.531 1.00 69.11 ? 80  ILE A N   1 
ATOM 637  C CA  . ILE A 1 88  ? 2.995   -2.630  -14.263 1.00 68.16 ? 80  ILE A CA  1 
ATOM 638  C C   . ILE A 1 88  ? 4.339   -3.217  -13.797 1.00 67.68 ? 80  ILE A C   1 
ATOM 639  O O   . ILE A 1 88  ? 4.425   -3.837  -12.745 1.00 67.88 ? 80  ILE A O   1 
ATOM 640  C CB  . ILE A 1 88  ? 2.942   -1.008  -14.363 1.00 68.64 ? 80  ILE A CB  1 
ATOM 641  C CG1 . ILE A 1 88  ? 4.159   -0.328  -13.763 1.00 68.58 ? 80  ILE A CG1 1 
ATOM 642  C CG2 . ILE A 1 88  ? 1.633   -0.379  -13.852 1.00 65.85 ? 80  ILE A CG2 1 
ATOM 643  C CD1 . ILE A 1 88  ? 3.970   0.008   -12.332 1.00 75.23 ? 80  ILE A CD1 1 
ATOM 644  N N   . GLU A 1 89  ? 5.372   -3.053  -14.612 1.00 67.00 ? 81  GLU A N   1 
ATOM 645  C CA  . GLU A 1 89  ? 6.647   -3.772  -14.433 1.00 66.25 ? 81  GLU A CA  1 
ATOM 646  C C   . GLU A 1 89  ? 7.784   -2.776  -14.561 1.00 64.36 ? 81  GLU A C   1 
ATOM 647  O O   . GLU A 1 89  ? 7.695   -1.806  -15.318 1.00 64.02 ? 81  GLU A O   1 
ATOM 648  C CB  . GLU A 1 89  ? 6.811   -4.884  -15.493 1.00 66.29 ? 81  GLU A CB  1 
ATOM 649  C CG  . GLU A 1 89  ? 5.800   -6.068  -15.397 1.00 68.34 ? 81  GLU A CG  1 
ATOM 650  C CD  . GLU A 1 89  ? 5.889   -7.080  -16.600 1.00 68.36 ? 81  GLU A CD  1 
ATOM 651  O OE1 . GLU A 1 89  ? 7.014   -7.461  -17.009 1.00 69.34 ? 81  GLU A OE1 1 
ATOM 652  O OE2 . GLU A 1 89  ? 4.822   -7.492  -17.137 1.00 69.49 ? 81  GLU A OE2 1 
ATOM 653  N N   . LYS A 1 90  ? 8.871   -2.999  -13.844 1.00 62.51 ? 82  LYS A N   1 
ATOM 654  C CA  . LYS A 1 90  ? 9.976   -2.054  -13.960 1.00 61.20 ? 82  LYS A CA  1 
ATOM 655  C C   . LYS A 1 90  ? 11.289  -2.552  -13.446 1.00 60.33 ? 82  LYS A C   1 
ATOM 656  O O   . LYS A 1 90  ? 11.394  -3.648  -12.900 1.00 59.87 ? 82  LYS A O   1 
ATOM 657  C CB  . LYS A 1 90  ? 9.649   -0.743  -13.250 1.00 61.77 ? 82  LYS A CB  1 
ATOM 658  C CG  . LYS A 1 90  ? 8.832   -0.886  -11.956 1.00 60.78 ? 82  LYS A CG  1 
ATOM 659  C CD  . LYS A 1 90  ? 9.577   -1.509  -10.795 1.00 58.29 ? 82  LYS A CD  1 
ATOM 660  C CE  . LYS A 1 90  ? 8.995   -0.932  -9.469  1.00 57.12 ? 82  LYS A CE  1 
ATOM 661  N NZ  . LYS A 1 90  ? 9.640   -1.527  -8.257  1.00 55.63 ? 82  LYS A NZ  1 
ATOM 662  N N   . THR A 1 91  ? 12.299  -1.721  -13.626 1.00 59.59 ? 83  THR A N   1 
ATOM 663  C CA  . THR A 1 91  ? 13.611  -2.006  -13.064 1.00 59.95 ? 83  THR A CA  1 
ATOM 664  C C   . THR A 1 91  ? 14.052  -0.873  -12.077 1.00 59.14 ? 83  THR A C   1 
ATOM 665  O O   . THR A 1 91  ? 14.858  -1.095  -11.169 1.00 58.50 ? 83  THR A O   1 
ATOM 666  C CB  . THR A 1 91  ? 14.603  -2.275  -14.198 1.00 60.82 ? 83  THR A CB  1 
ATOM 667  O OG1 . THR A 1 91  ? 14.565  -1.178  -15.129 1.00 63.14 ? 83  THR A OG1 1 
ATOM 668  C CG2 . THR A 1 91  ? 14.191  -3.566  -14.960 1.00 60.60 ? 83  THR A CG2 1 
ATOM 669  N N   . ARG A 1 92  ? 13.474  0.318   -12.245 1.00 58.29 ? 84  ARG A N   1 
ATOM 670  C CA  . ARG A 1 92  ? 13.588  1.399   -11.282 1.00 58.81 ? 84  ARG A CA  1 
ATOM 671  C C   . ARG A 1 92  ? 13.245  0.882   -9.870  1.00 58.44 ? 84  ARG A C   1 
ATOM 672  O O   . ARG A 1 92  ? 12.265  0.127   -9.711  1.00 58.65 ? 84  ARG A O   1 
ATOM 673  C CB  . ARG A 1 92  ? 12.688  2.547   -11.719 1.00 59.01 ? 84  ARG A CB  1 
ATOM 674  C CG  . ARG A 1 92  ? 12.561  3.698   -10.754 1.00 61.31 ? 84  ARG A CG  1 
ATOM 675  C CD  . ARG A 1 92  ? 12.569  5.000   -11.511 1.00 65.30 ? 84  ARG A CD  1 
ATOM 676  N NE  . ARG A 1 92  ? 13.928  5.545   -11.503 1.00 68.77 ? 84  ARG A NE  1 
ATOM 677  C CZ  . ARG A 1 92  ? 14.274  6.738   -11.022 1.00 68.67 ? 84  ARG A CZ  1 
ATOM 678  N NH1 . ARG A 1 92  ? 13.356  7.553   -10.502 1.00 67.72 ? 84  ARG A NH1 1 
ATOM 679  N NH2 . ARG A 1 92  ? 15.547  7.124   -11.080 1.00 69.82 ? 84  ARG A NH2 1 
ATOM 680  N N   . PHE A 1 93  ? 14.071  1.228   -8.864  1.00 57.79 ? 85  PHE A N   1 
ATOM 681  C CA  . PHE A 1 93  ? 13.807  0.742   -7.490  1.00 57.35 ? 85  PHE A CA  1 
ATOM 682  C C   . PHE A 1 93  ? 12.523  1.370   -6.978  1.00 57.09 ? 85  PHE A C   1 
ATOM 683  O O   . PHE A 1 93  ? 11.667  0.681   -6.424  1.00 57.52 ? 85  PHE A O   1 
ATOM 684  C CB  . PHE A 1 93  ? 14.982  0.925   -6.525  1.00 57.26 ? 85  PHE A CB  1 
ATOM 685  C CG  . PHE A 1 93  ? 16.199  0.166   -6.918  1.00 56.82 ? 85  PHE A CG  1 
ATOM 686  C CD1 . PHE A 1 93  ? 17.452  0.779   -6.922  1.00 56.89 ? 85  PHE A CD1 1 
ATOM 687  C CD2 . PHE A 1 93  ? 16.095  -1.171  -7.341  1.00 59.66 ? 85  PHE A CD2 1 
ATOM 688  C CE1 . PHE A 1 93  ? 18.608  0.059   -7.319  1.00 56.70 ? 85  PHE A CE1 1 
ATOM 689  C CE2 . PHE A 1 93  ? 17.236  -1.899  -7.761  1.00 57.49 ? 85  PHE A CE2 1 
ATOM 690  C CZ  . PHE A 1 93  ? 18.504  -1.272  -7.735  1.00 56.90 ? 85  PHE A CZ  1 
ATOM 691  N N   . SER A 1 94  ? 12.364  2.659   -7.235  1.00 56.65 ? 86  SER A N   1 
ATOM 692  C CA  . SER A 1 94  ? 11.096  3.327   -7.013  1.00 56.81 ? 86  SER A CA  1 
ATOM 693  C C   . SER A 1 94  ? 9.987   3.012   -8.012  1.00 57.90 ? 86  SER A C   1 
ATOM 694  O O   . SER A 1 94  ? 10.220  3.040   -9.235  1.00 58.22 ? 86  SER A O   1 
ATOM 695  C CB  . SER A 1 94  ? 11.308  4.810   -7.088  1.00 56.24 ? 86  SER A CB  1 
ATOM 696  O OG  . SER A 1 94  ? 10.045  5.409   -7.062  1.00 57.03 ? 86  SER A OG  1 
ATOM 697  N N   . CYS A 1 95  ? 8.783   2.768   -7.478  1.00 58.33 ? 87  CYS A N   1 
ATOM 698  C CA  . CYS A 1 95  ? 7.523   2.677   -8.219  1.00 60.03 ? 87  CYS A CA  1 
ATOM 699  C C   . CYS A 1 95  ? 7.159   3.861   -9.096  1.00 60.79 ? 87  CYS A C   1 
ATOM 700  O O   . CYS A 1 95  ? 6.368   3.704   -10.017 1.00 61.26 ? 87  CYS A O   1 
ATOM 701  C CB  . CYS A 1 95  ? 6.338   2.449   -7.284  1.00 59.68 ? 87  CYS A CB  1 
ATOM 702  S SG  . CYS A 1 95  ? 6.335   0.847   -6.458  1.00 63.93 ? 87  CYS A SG  1 
ATOM 703  N N   . VAL A 1 96  ? 7.718   5.038   -8.856  1.00 62.14 ? 88  VAL A N   1 
ATOM 704  C CA  . VAL A 1 96  ? 7.385   6.185   -9.711  1.00 63.29 ? 88  VAL A CA  1 
ATOM 705  C C   . VAL A 1 96  ? 8.097   6.098   -11.076 1.00 64.69 ? 88  VAL A C   1 
ATOM 706  O O   . VAL A 1 96  ? 9.188   6.652   -11.290 1.00 64.74 ? 88  VAL A O   1 
ATOM 707  C CB  . VAL A 1 96  ? 7.595   7.534   -8.990  1.00 63.71 ? 88  VAL A CB  1 
ATOM 708  C CG1 . VAL A 1 96  ? 7.025   8.687   -9.814  1.00 62.22 ? 88  VAL A CG1 1 
ATOM 709  C CG2 . VAL A 1 96  ? 6.943   7.484   -7.579  1.00 63.40 ? 88  VAL A CG2 1 
ATOM 710  N N   . VAL A 1 97  ? 7.469   5.338   -11.978 1.00 66.13 ? 89  VAL A N   1 
ATOM 711  C CA  . VAL A 1 97  ? 7.872   5.231   -13.391 1.00 66.63 ? 89  VAL A CA  1 
ATOM 712  C C   . VAL A 1 97  ? 6.793   5.910   -14.224 1.00 67.77 ? 89  VAL A C   1 
ATOM 713  O O   . VAL A 1 97  ? 5.682   6.135   -13.703 1.00 67.58 ? 89  VAL A O   1 
ATOM 714  C CB  . VAL A 1 97  ? 8.086   3.762   -13.832 1.00 66.34 ? 89  VAL A CB  1 
ATOM 715  C CG1 . VAL A 1 97  ? 9.358   3.194   -13.181 1.00 66.54 ? 89  VAL A CG1 1 
ATOM 716  C CG2 . VAL A 1 97  ? 6.864   2.894   -13.550 1.00 65.18 ? 89  VAL A CG2 1 
ATOM 717  N N   . PRO A 1 98  ? 7.125   6.300   -15.487 1.00 68.91 ? 90  PRO A N   1 
ATOM 718  C CA  . PRO A 1 98  ? 6.213   6.974   -16.428 1.00 69.29 ? 90  PRO A CA  1 
ATOM 719  C C   . PRO A 1 98  ? 4.781   6.480   -16.378 1.00 69.97 ? 90  PRO A C   1 
ATOM 720  O O   . PRO A 1 98  ? 3.858   7.303   -16.287 1.00 70.01 ? 90  PRO A O   1 
ATOM 721  C CB  . PRO A 1 98  ? 6.833   6.668   -17.769 1.00 69.43 ? 90  PRO A CB  1 
ATOM 722  C CG  . PRO A 1 98  ? 8.311   6.706   -17.467 1.00 69.91 ? 90  PRO A CG  1 
ATOM 723  C CD  . PRO A 1 98  ? 8.474   6.167   -16.075 1.00 69.01 ? 90  PRO A CD  1 
ATOM 724  N N   . GLN A 1 99  ? 4.585   5.160   -16.419 1.00 70.79 ? 91  GLN A N   1 
ATOM 725  C CA  . GLN A 1 99  ? 3.219   4.607   -16.370 1.00 71.56 ? 91  GLN A CA  1 
ATOM 726  C C   . GLN A 1 99  ? 2.433   5.047   -15.141 1.00 72.29 ? 91  GLN A C   1 
ATOM 727  O O   . GLN A 1 99  ? 1.304   5.510   -15.260 1.00 72.48 ? 91  GLN A O   1 
ATOM 728  C CB  . GLN A 1 99  ? 3.205   3.085   -16.505 1.00 71.20 ? 91  GLN A CB  1 
ATOM 729  C CG  . GLN A 1 99  ? 2.954   2.629   -17.929 1.00 71.27 ? 91  GLN A CG  1 
ATOM 730  C CD  . GLN A 1 99  ? 3.316   1.172   -18.172 1.00 73.50 ? 91  GLN A CD  1 
ATOM 731  O OE1 . GLN A 1 99  ? 4.388   0.696   -17.762 1.00 72.86 ? 91  GLN A OE1 1 
ATOM 732  N NE2 . GLN A 1 99  ? 2.428   0.452   -18.871 1.00 75.00 ? 91  GLN A NE2 1 
ATOM 733  N N   . VAL A 1 100 ? 3.042   4.935   -13.964 1.00 73.51 ? 92  VAL A N   1 
ATOM 734  C CA  . VAL A 1 100 ? 2.336   5.230   -12.711 1.00 74.22 ? 92  VAL A CA  1 
ATOM 735  C C   . VAL A 1 100 ? 2.141   6.728   -12.502 1.00 74.23 ? 92  VAL A C   1 
ATOM 736  O O   . VAL A 1 100 ? 1.165   7.137   -11.901 1.00 74.06 ? 92  VAL A O   1 
ATOM 737  C CB  . VAL A 1 100 ? 3.040   4.591   -11.484 1.00 74.72 ? 92  VAL A CB  1 
ATOM 738  C CG1 . VAL A 1 100 ? 2.514   3.186   -11.227 1.00 74.81 ? 92  VAL A CG1 1 
ATOM 739  C CG2 . VAL A 1 100 ? 4.491   4.535   -11.719 1.00 74.54 ? 92  VAL A CG2 1 
ATOM 740  N N   . GLU A 1 101 ? 3.062   7.539   -13.009 1.00 74.59 ? 93  GLU A N   1 
ATOM 741  C CA  . GLU A 1 101 ? 2.945   8.986   -12.900 1.00 75.15 ? 93  GLU A CA  1 
ATOM 742  C C   . GLU A 1 101 ? 1.628   9.522   -13.477 1.00 75.03 ? 93  GLU A C   1 
ATOM 743  O O   . GLU A 1 101 ? 0.890   10.236  -12.800 1.00 74.98 ? 93  GLU A O   1 
ATOM 744  C CB  . GLU A 1 101 ? 4.126   9.670   -13.577 1.00 75.47 ? 93  GLU A CB  1 
ATOM 745  C CG  . GLU A 1 101 ? 5.475   9.092   -13.238 1.00 78.30 ? 93  GLU A CG  1 
ATOM 746  C CD  . GLU A 1 101 ? 6.606   10.051  -13.575 1.00 83.08 ? 93  GLU A CD  1 
ATOM 747  O OE1 . GLU A 1 101 ? 6.440   11.262  -13.280 1.00 83.52 ? 93  GLU A OE1 1 
ATOM 748  O OE2 . GLU A 1 101 ? 7.652   9.604   -14.124 1.00 83.81 ? 93  GLU A OE2 1 
ATOM 749  N N   . GLU A 1 102 ? 1.341   9.182   -14.728 1.00 75.21 ? 94  GLU A N   1 
ATOM 750  C CA  . GLU A 1 102 ? 0.111   9.634   -15.365 1.00 75.80 ? 94  GLU A CA  1 
ATOM 751  C C   . GLU A 1 102 ? -1.120  9.023   -14.675 1.00 74.83 ? 94  GLU A C   1 
ATOM 752  O O   . GLU A 1 102 ? -2.189  9.646   -14.592 1.00 74.10 ? 94  GLU A O   1 
ATOM 753  C CB  . GLU A 1 102 ? 0.121   9.369   -16.887 1.00 76.28 ? 94  GLU A CB  1 
ATOM 754  C CG  . GLU A 1 102 ? 0.738   8.031   -17.370 1.00 76.84 ? 94  GLU A CG  1 
ATOM 755  C CD  . GLU A 1 102 ? 0.762   7.892   -18.925 1.00 77.92 ? 94  GLU A CD  1 
ATOM 756  O OE1 . GLU A 1 102 ? 0.141   8.753   -19.623 1.00 79.11 ? 94  GLU A OE1 1 
ATOM 757  O OE2 . GLU A 1 102 ? 1.396   6.916   -19.443 1.00 78.93 ? 94  GLU A OE2 1 
ATOM 758  N N   . LEU A 1 103 ? -0.938  7.814   -14.149 1.00 73.92 ? 95  LEU A N   1 
ATOM 759  C CA  . LEU A 1 103 ? -1.985  7.106   -13.421 1.00 73.14 ? 95  LEU A CA  1 
ATOM 760  C C   . LEU A 1 103 ? -2.216  7.714   -12.016 1.00 73.17 ? 95  LEU A C   1 
ATOM 761  O O   . LEU A 1 103 ? -3.080  7.256   -11.257 1.00 73.04 ? 95  LEU A O   1 
ATOM 762  C CB  . LEU A 1 103 ? -1.608  5.628   -13.370 1.00 73.03 ? 95  LEU A CB  1 
ATOM 763  C CG  . LEU A 1 103 ? -2.538  4.429   -13.191 1.00 73.29 ? 95  LEU A CG  1 
ATOM 764  C CD1 . LEU A 1 103 ? -3.704  4.345   -14.228 1.00 73.98 ? 95  LEU A CD1 1 
ATOM 765  C CD2 . LEU A 1 103 ? -1.670  3.205   -13.267 1.00 72.40 ? 95  LEU A CD2 1 
ATOM 766  N N   . LEU A 1 104 ? -1.466  8.778   -11.716 1.00 72.71 ? 96  LEU A N   1 
ATOM 767  C CA  . LEU A 1 104 ? -1.573  9.557   -10.471 1.00 72.69 ? 96  LEU A CA  1 
ATOM 768  C C   . LEU A 1 104 ? -1.825  11.035  -10.764 1.00 72.74 ? 96  LEU A C   1 
ATOM 769  O O   . LEU A 1 104 ? -1.780  11.871  -9.860  1.00 72.57 ? 96  LEU A O   1 
ATOM 770  C CB  . LEU A 1 104 ? -0.263  9.462   -9.657  1.00 71.71 ? 96  LEU A CB  1 
ATOM 771  C CG  . LEU A 1 104 ? 0.149   8.134   -9.043  1.00 70.85 ? 96  LEU A CG  1 
ATOM 772  C CD1 . LEU A 1 104 ? 1.567   8.226   -8.394  1.00 71.92 ? 96  LEU A CD1 1 
ATOM 773  C CD2 . LEU A 1 104 ? -0.885  7.588   -8.075  1.00 67.98 ? 96  LEU A CD2 1 
ATOM 774  N N   . GLU A 1 105 ? -2.045  11.363  -12.032 1.00 73.24 ? 97  GLU A N   1 
ATOM 775  C CA  . GLU A 1 105 ? -2.274  12.754  -12.415 1.00 73.99 ? 97  GLU A CA  1 
ATOM 776  C C   . GLU A 1 105 ? -3.438  13.384  -11.667 1.00 73.30 ? 97  GLU A C   1 
ATOM 777  O O   . GLU A 1 105 ? -3.419  14.592  -11.438 1.00 73.55 ? 97  GLU A O   1 
ATOM 778  C CB  . GLU A 1 105 ? -2.448  12.917  -13.927 1.00 74.03 ? 97  GLU A CB  1 
ATOM 779  C CG  . GLU A 1 105 ? -1.182  13.373  -14.691 1.00 75.33 ? 97  GLU A CG  1 
ATOM 780  C CD  . GLU A 1 105 ? -1.354  13.306  -16.235 1.00 76.19 ? 97  GLU A CD  1 
ATOM 781  O OE1 . GLU A 1 105 ? -2.339  13.874  -16.776 1.00 76.30 ? 97  GLU A OE1 1 
ATOM 782  O OE2 . GLU A 1 105 ? -0.496  12.678  -16.907 1.00 79.80 ? 97  GLU A OE2 1 
ATOM 783  N N   . ASP A 1 106 ? -4.419  12.574  -11.257 1.00 72.61 ? 98  ASP A N   1 
ATOM 784  C CA  . ASP A 1 106 ? -5.607  13.081  -10.526 1.00 72.07 ? 98  ASP A CA  1 
ATOM 785  C C   . ASP A 1 106 ? -5.832  12.448  -9.145  1.00 71.03 ? 98  ASP A C   1 
ATOM 786  O O   . ASP A 1 106 ? -6.982  12.418  -8.651  1.00 70.68 ? 98  ASP A O   1 
ATOM 787  C CB  . ASP A 1 106 ? -6.874  12.852  -11.366 1.00 72.66 ? 98  ASP A CB  1 
ATOM 788  C CG  . ASP A 1 106 ? -7.173  11.370  -11.571 1.00 74.22 ? 98  ASP A CG  1 
ATOM 789  O OD1 . ASP A 1 106 ? -6.297  10.527  -11.260 1.00 74.79 ? 98  ASP A OD1 1 
ATOM 790  O OD2 . ASP A 1 106 ? -8.282  11.045  -12.048 1.00 77.79 ? 98  ASP A OD2 1 
ATOM 791  N N   . VAL A 1 107 ? -4.757  11.916  -8.546  1.00 69.60 ? 99  VAL A N   1 
ATOM 792  C CA  . VAL A 1 107 ? -4.846  11.166  -7.287  1.00 67.78 ? 99  VAL A CA  1 
ATOM 793  C C   . VAL A 1 107 ? -4.252  12.042  -6.210  1.00 66.86 ? 99  VAL A C   1 
ATOM 794  O O   . VAL A 1 107 ? -3.214  12.659  -6.435  1.00 66.79 ? 99  VAL A O   1 
ATOM 795  C CB  . VAL A 1 107 ? -4.185  9.721   -7.389  1.00 68.28 ? 99  VAL A CB  1 
ATOM 796  C CG1 . VAL A 1 107 ? -3.911  9.083   -6.001  1.00 67.32 ? 99  VAL A CG1 1 
ATOM 797  C CG2 . VAL A 1 107 ? -5.088  8.762   -8.202  1.00 66.91 ? 99  VAL A CG2 1 
ATOM 798  N N   . ASP A 1 108 ? -4.930  12.138  -5.063  1.00 65.69 ? 100 ASP A N   1 
ATOM 799  C CA  . ASP A 1 108 ? -4.461  12.987  -3.948  1.00 64.44 ? 100 ASP A CA  1 
ATOM 800  C C   . ASP A 1 108 ? -3.636  12.251  -2.895  1.00 63.27 ? 100 ASP A C   1 
ATOM 801  O O   . ASP A 1 108 ? -2.713  12.840  -2.291  1.00 62.90 ? 100 ASP A O   1 
ATOM 802  C CB  . ASP A 1 108 ? -5.649  13.650  -3.287  1.00 64.86 ? 100 ASP A CB  1 
ATOM 803  C CG  . ASP A 1 108 ? -6.395  14.528  -4.248  1.00 66.88 ? 100 ASP A CG  1 
ATOM 804  O OD1 . ASP A 1 108 ? -7.394  14.075  -4.853  1.00 67.80 ? 100 ASP A OD1 1 
ATOM 805  O OD2 . ASP A 1 108 ? -5.934  15.664  -4.441  1.00 69.29 ? 100 ASP A OD2 1 
ATOM 806  N N   . ASN A 1 109 ? -3.990  10.977  -2.679  1.00 61.08 ? 101 ASN A N   1 
ATOM 807  C CA  . ASN A 1 109 ? -3.449  10.152  -1.608  1.00 59.30 ? 101 ASN A CA  1 
ATOM 808  C C   . ASN A 1 109 ? -2.936  8.818   -2.113  1.00 58.09 ? 101 ASN A C   1 
ATOM 809  O O   . ASN A 1 109 ? -3.579  8.193   -2.934  1.00 59.54 ? 101 ASN A O   1 
ATOM 810  C CB  . ASN A 1 109 ? -4.523  9.855   -0.574  1.00 59.13 ? 101 ASN A CB  1 
ATOM 811  C CG  . ASN A 1 109 ? -5.367  11.048  -0.266  1.00 60.01 ? 101 ASN A CG  1 
ATOM 812  O OD1 . ASN A 1 109 ? -6.423  11.213  -0.845  1.00 61.78 ? 101 ASN A OD1 1 
ATOM 813  N ND2 . ASN A 1 109 ? -4.904  11.899  0.629   1.00 61.83 ? 101 ASN A ND2 1 
ATOM 814  N N   . ALA A 1 110 ? -1.806  8.370   -1.602  1.00 55.68 ? 102 ALA A N   1 
ATOM 815  C CA  . ALA A 1 110 ? -1.296  7.067   -1.921  1.00 54.66 ? 102 ALA A CA  1 
ATOM 816  C C   . ALA A 1 110 ? -1.125  6.293   -0.639  1.00 53.94 ? 102 ALA A C   1 
ATOM 817  O O   . ALA A 1 110 ? -0.525  6.786   0.307   1.00 55.08 ? 102 ALA A O   1 
ATOM 818  C CB  . ALA A 1 110 ? 0.014   7.180   -2.648  1.00 53.41 ? 102 ALA A CB  1 
ATOM 819  N N   . VAL A 1 111 ? -1.679  5.093   -0.619  1.00 52.98 ? 103 VAL A N   1 
ATOM 820  C CA  . VAL A 1 111 ? -1.534  4.117   0.429   1.00 51.14 ? 103 VAL A CA  1 
ATOM 821  C C   . VAL A 1 111 ? -0.553  3.085   -0.126  1.00 52.10 ? 103 VAL A C   1 
ATOM 822  O O   . VAL A 1 111 ? -0.860  2.349   -1.092  1.00 53.23 ? 103 VAL A O   1 
ATOM 823  C CB  . VAL A 1 111 ? -2.892  3.449   0.718   1.00 51.06 ? 103 VAL A CB  1 
ATOM 824  C CG1 . VAL A 1 111 ? -2.768  2.287   1.713   1.00 48.38 ? 103 VAL A CG1 1 
ATOM 825  C CG2 . VAL A 1 111 ? -3.950  4.466   1.142   1.00 48.81 ? 103 VAL A CG2 1 
ATOM 826  N N   . VAL A 1 112 ? 0.636   3.021   0.476   1.00 52.34 ? 104 VAL A N   1 
ATOM 827  C CA  . VAL A 1 112 ? 1.764   2.287   -0.084  1.00 51.64 ? 104 VAL A CA  1 
ATOM 828  C C   . VAL A 1 112 ? 2.081   1.102   0.793   1.00 52.07 ? 104 VAL A C   1 
ATOM 829  O O   . VAL A 1 112 ? 2.178   1.240   1.992   1.00 53.39 ? 104 VAL A O   1 
ATOM 830  C CB  . VAL A 1 112 ? 2.976   3.196   -0.250  1.00 51.06 ? 104 VAL A CB  1 
ATOM 831  C CG1 . VAL A 1 112 ? 4.135   2.441   -0.859  1.00 50.12 ? 104 VAL A CG1 1 
ATOM 832  C CG2 . VAL A 1 112 ? 2.643   4.328   -1.153  1.00 51.90 ? 104 VAL A CG2 1 
ATOM 833  N N   . PHE A 1 113 ? 2.177   -0.085  0.215   1.00 52.65 ? 105 PHE A N   1 
ATOM 834  C CA  . PHE A 1 113 ? 2.386   -1.260  1.032   1.00 53.17 ? 105 PHE A CA  1 
ATOM 835  C C   . PHE A 1 113 ? 3.199   -2.256  0.236   1.00 53.15 ? 105 PHE A C   1 
ATOM 836  O O   . PHE A 1 113 ? 3.244   -2.127  -0.947  1.00 54.24 ? 105 PHE A O   1 
ATOM 837  C CB  . PHE A 1 113 ? 1.043   -1.827  1.503   1.00 52.95 ? 105 PHE A CB  1 
ATOM 838  C CG  . PHE A 1 113 ? 0.057   -2.022  0.418   1.00 53.66 ? 105 PHE A CG  1 
ATOM 839  C CD1 . PHE A 1 113 ? -0.134  -3.295  -0.151  1.00 55.81 ? 105 PHE A CD1 1 
ATOM 840  C CD2 . PHE A 1 113 ? -0.722  -0.963  -0.034  1.00 54.21 ? 105 PHE A CD2 1 
ATOM 841  C CE1 . PHE A 1 113 ? -1.055  -3.490  -1.202  1.00 52.00 ? 105 PHE A CE1 1 
ATOM 842  C CE2 . PHE A 1 113 ? -1.656  -1.153  -1.067  1.00 54.72 ? 105 PHE A CE2 1 
ATOM 843  C CZ  . PHE A 1 113 ? -1.808  -2.426  -1.654  1.00 51.52 ? 105 PHE A CZ  1 
ATOM 844  N N   . GLY A 1 114 ? 3.849   -3.212  0.895   1.00 52.92 ? 106 GLY A N   1 
ATOM 845  C CA  . GLY A 1 114 ? 4.760   -4.159  0.263   1.00 52.90 ? 106 GLY A CA  1 
ATOM 846  C C   . GLY A 1 114 ? 6.202   -4.215  0.789   1.00 53.09 ? 106 GLY A C   1 
ATOM 847  O O   . GLY A 1 114 ? 6.469   -3.901  1.935   1.00 52.69 ? 106 GLY A O   1 
ATOM 848  N N   . ILE A 1 115 ? 7.123   -4.548  -0.111  1.00 53.21 ? 107 ILE A N   1 
ATOM 849  C CA  . ILE A 1 115 ? 8.456   -4.928  0.182   1.00 54.10 ? 107 ILE A CA  1 
ATOM 850  C C   . ILE A 1 115 ? 9.369   -4.252  -0.869  1.00 54.55 ? 107 ILE A C   1 
ATOM 851  O O   . ILE A 1 115 ? 8.928   -4.058  -1.963  1.00 53.65 ? 107 ILE A O   1 
ATOM 852  C CB  . ILE A 1 115 ? 8.546   -6.447  0.156   1.00 55.21 ? 107 ILE A CB  1 
ATOM 853  C CG1 . ILE A 1 115 ? 9.596   -6.894  1.169   1.00 60.03 ? 107 ILE A CG1 1 
ATOM 854  C CG2 . ILE A 1 115 ? 8.829   -7.069  -1.297  1.00 52.55 ? 107 ILE A CG2 1 
ATOM 855  C CD1 . ILE A 1 115 ? 8.982   -7.522  2.393   1.00 65.90 ? 107 ILE A CD1 1 
ATOM 856  N N   . GLU A 1 116 ? 10.597  -3.797  -0.538  1.00 55.22 ? 108 GLU A N   1 
ATOM 857  C CA  . GLU A 1 116 ? 11.179  -3.776  0.815   1.00 54.25 ? 108 GLU A CA  1 
ATOM 858  C C   . GLU A 1 116 ? 11.189  -2.381  1.396   1.00 53.96 ? 108 GLU A C   1 
ATOM 859  O O   . GLU A 1 116 ? 11.507  -1.414  0.689   1.00 53.80 ? 108 GLU A O   1 
ATOM 860  C CB  . GLU A 1 116 ? 12.614  -4.291  0.772   1.00 54.23 ? 108 GLU A CB  1 
ATOM 861  C CG  . GLU A 1 116 ? 12.788  -5.645  0.117   1.00 55.94 ? 108 GLU A CG  1 
ATOM 862  C CD  . GLU A 1 116 ? 13.950  -6.459  0.690   1.00 59.21 ? 108 GLU A CD  1 
ATOM 863  O OE1 . GLU A 1 116 ? 14.589  -7.165  -0.120  1.00 61.71 ? 108 GLU A OE1 1 
ATOM 864  O OE2 . GLU A 1 116 ? 14.236  -6.406  1.922   1.00 56.76 ? 108 GLU A OE2 1 
ATOM 865  N N   . GLY A 1 117 ? 10.911  -2.301  2.708   1.00 54.08 ? 109 GLY A N   1 
ATOM 866  C CA  . GLY A 1 117 ? 10.799  -1.035  3.467   1.00 53.91 ? 109 GLY A CA  1 
ATOM 867  C C   . GLY A 1 117 ? 11.890  -0.008  3.195   1.00 53.62 ? 109 GLY A C   1 
ATOM 868  O O   . GLY A 1 117 ? 11.619  1.191   3.042   1.00 53.50 ? 109 GLY A O   1 
ATOM 869  N N   . HIS A 1 118 ? 13.128  -0.500  3.104   1.00 53.27 ? 110 HIS A N   1 
ATOM 870  C CA  . HIS A 1 118 ? 14.307  0.351   2.969   1.00 52.70 ? 110 HIS A CA  1 
ATOM 871  C C   . HIS A 1 118 ? 14.785  0.550   1.532   1.00 52.30 ? 110 HIS A C   1 
ATOM 872  O O   . HIS A 1 118 ? 15.795  1.243   1.314   1.00 52.01 ? 110 HIS A O   1 
ATOM 873  C CB  . HIS A 1 118 ? 15.444  -0.238  3.788   1.00 52.89 ? 110 HIS A CB  1 
ATOM 874  C CG  . HIS A 1 118 ? 15.881  -1.579  3.303   1.00 54.42 ? 110 HIS A CG  1 
ATOM 875  N ND1 . HIS A 1 118 ? 15.109  -2.714  3.466   1.00 57.21 ? 110 HIS A ND1 1 
ATOM 876  C CD2 . HIS A 1 118 ? 16.978  -1.961  2.610   1.00 53.33 ? 110 HIS A CD2 1 
ATOM 877  C CE1 . HIS A 1 118 ? 15.741  -3.750  2.933   1.00 55.79 ? 110 HIS A CE1 1 
ATOM 878  N NE2 . HIS A 1 118 ? 16.885  -3.320  2.421   1.00 55.17 ? 110 HIS A NE2 1 
ATOM 879  N N   . ALA A 1 119 ? 14.065  -0.040  0.567   1.00 51.67 ? 111 ALA A N   1 
ATOM 880  C CA  . ALA A 1 119 ? 14.552  -0.106  -0.794  1.00 51.56 ? 111 ALA A CA  1 
ATOM 881  C C   . ALA A 1 119 ? 13.514  0.483   -1.727  1.00 52.44 ? 111 ALA A C   1 
ATOM 882  O O   . ALA A 1 119 ? 13.372  1.703   -1.774  1.00 53.29 ? 111 ALA A O   1 
ATOM 883  C CB  . ALA A 1 119 ? 14.941  -1.574  -1.146  1.00 51.12 ? 111 ALA A CB  1 
ATOM 884  N N   . CYS A 1 120 ? 12.731  -0.350  -2.421  1.00 52.92 ? 112 CYS A N   1 
ATOM 885  C CA  . CYS A 1 120 ? 11.699  0.152   -3.293  1.00 52.77 ? 112 CYS A CA  1 
ATOM 886  C C   . CYS A 1 120 ? 10.704  1.037   -2.553  1.00 53.47 ? 112 CYS A C   1 
ATOM 887  O O   . CYS A 1 120 ? 10.339  2.114   -3.083  1.00 53.79 ? 112 CYS A O   1 
ATOM 888  C CB  . CYS A 1 120 ? 10.970  -1.009  -4.009  1.00 53.95 ? 112 CYS A CB  1 
ATOM 889  S SG  . CYS A 1 120 ? 12.066  -2.248  -4.909  1.00 54.86 ? 112 CYS A SG  1 
ATOM 890  N N   . ILE A 1 121 ? 10.259  0.601   -1.349  1.00 52.50 ? 113 ILE A N   1 
ATOM 891  C CA  . ILE A 1 121 ? 9.201   1.340   -0.570  1.00 51.89 ? 113 ILE A CA  1 
ATOM 892  C C   . ILE A 1 121 ? 9.702   2.733   -0.252  1.00 51.02 ? 113 ILE A C   1 
ATOM 893  O O   . ILE A 1 121 ? 9.097   3.720   -0.609  1.00 50.50 ? 113 ILE A O   1 
ATOM 894  C CB  . ILE A 1 121 ? 8.780   0.633   0.789   1.00 52.00 ? 113 ILE A CB  1 
ATOM 895  C CG1 . ILE A 1 121 ? 8.078   -0.731  0.576   1.00 52.36 ? 113 ILE A CG1 1 
ATOM 896  C CG2 . ILE A 1 121 ? 7.925   1.549   1.649   1.00 50.95 ? 113 ILE A CG2 1 
ATOM 897  C CD1 . ILE A 1 121 ? 6.689   -0.692  -0.036  1.00 49.95 ? 113 ILE A CD1 1 
ATOM 898  N N   . LEU A 1 122 ? 10.864  2.771   0.385   1.00 51.61 ? 114 LEU A N   1 
ATOM 899  C CA  . LEU A 1 122 ? 11.545  4.002   0.759   1.00 51.93 ? 114 LEU A CA  1 
ATOM 900  C C   . LEU A 1 122 ? 11.702  4.986   -0.449  1.00 52.38 ? 114 LEU A C   1 
ATOM 901  O O   . LEU A 1 122 ? 11.260  6.127   -0.394  1.00 52.35 ? 114 LEU A O   1 
ATOM 902  C CB  . LEU A 1 122 ? 12.871  3.648   1.474   1.00 51.01 ? 114 LEU A CB  1 
ATOM 903  C CG  . LEU A 1 122 ? 13.704  4.825   2.026   1.00 51.39 ? 114 LEU A CG  1 
ATOM 904  C CD1 . LEU A 1 122 ? 13.105  5.455   3.291   1.00 50.74 ? 114 LEU A CD1 1 
ATOM 905  C CD2 . LEU A 1 122 ? 15.162  4.420   2.301   1.00 51.34 ? 114 LEU A CD2 1 
ATOM 906  N N   . GLN A 1 123 ? 12.295  4.529   -1.552  1.00 53.73 ? 115 GLN A N   1 
ATOM 907  C CA  . GLN A 1 123 ? 12.444  5.391   -2.760  1.00 54.54 ? 115 GLN A CA  1 
ATOM 908  C C   . GLN A 1 123 ? 11.123  5.822   -3.345  1.00 54.16 ? 115 GLN A C   1 
ATOM 909  O O   . GLN A 1 123 ? 10.951  6.988   -3.753  1.00 54.23 ? 115 GLN A O   1 
ATOM 910  C CB  . GLN A 1 123 ? 13.338  4.722   -3.828  1.00 54.98 ? 115 GLN A CB  1 
ATOM 911  C CG  . GLN A 1 123 ? 14.685  4.315   -3.219  1.00 55.66 ? 115 GLN A CG  1 
ATOM 912  C CD  . GLN A 1 123 ? 15.746  3.947   -4.219  1.00 59.01 ? 115 GLN A CD  1 
ATOM 913  O OE1 . GLN A 1 123 ? 15.889  4.603   -5.245  1.00 60.82 ? 115 GLN A OE1 1 
ATOM 914  N NE2 . GLN A 1 123 ? 16.553  2.935   -3.892  1.00 57.38 ? 115 GLN A NE2 1 
ATOM 915  N N   . THR A 1 124 ? 10.177  4.889   -3.348  1.00 54.42 ? 116 THR A N   1 
ATOM 916  C CA  . THR A 1 124 ? 8.815   5.162   -3.845  1.00 54.59 ? 116 THR A CA  1 
ATOM 917  C C   . THR A 1 124 ? 8.168   6.316   -3.067  1.00 55.45 ? 116 THR A C   1 
ATOM 918  O O   . THR A 1 124 ? 7.684   7.279   -3.683  1.00 55.24 ? 116 THR A O   1 
ATOM 919  C CB  . THR A 1 124 ? 7.974   3.913   -3.689  1.00 54.62 ? 116 THR A CB  1 
ATOM 920  O OG1 . THR A 1 124 ? 8.564   2.883   -4.487  1.00 52.53 ? 116 THR A OG1 1 
ATOM 921  C CG2 . THR A 1 124 ? 6.576   4.145   -4.081  1.00 51.84 ? 116 THR A CG2 1 
ATOM 922  N N   . VAL A 1 125 ? 8.205   6.256   -1.718  1.00 55.61 ? 117 VAL A N   1 
ATOM 923  C CA  . VAL A 1 125 ? 7.599   7.336   -0.946  1.00 55.53 ? 117 VAL A CA  1 
ATOM 924  C C   . VAL A 1 125 ? 8.302   8.679   -1.068  1.00 55.19 ? 117 VAL A C   1 
ATOM 925  O O   . VAL A 1 125 ? 7.626   9.677   -1.142  1.00 55.46 ? 117 VAL A O   1 
ATOM 926  C CB  . VAL A 1 125 ? 7.137   6.977   0.556   1.00 56.25 ? 117 VAL A CB  1 
ATOM 927  C CG1 . VAL A 1 125 ? 7.158   5.515   0.843   1.00 56.25 ? 117 VAL A CG1 1 
ATOM 928  C CG2 . VAL A 1 125 ? 7.886   7.714   1.593   1.00 56.69 ? 117 VAL A CG2 1 
ATOM 929  N N   . ALA A 1 126 ? 9.634   8.738   -1.116  1.00 55.45 ? 118 ALA A N   1 
ATOM 930  C CA  . ALA A 1 126 ? 10.290  10.045  -1.323  1.00 55.17 ? 118 ALA A CA  1 
ATOM 931  C C   . ALA A 1 126 ? 9.831   10.681  -2.654  1.00 55.98 ? 118 ALA A C   1 
ATOM 932  O O   . ALA A 1 126 ? 9.593   11.883  -2.706  1.00 56.09 ? 118 ALA A O   1 
ATOM 933  C CB  . ALA A 1 126 ? 11.826  9.954   -1.216  1.00 54.08 ? 118 ALA A CB  1 
ATOM 934  N N   . ASP A 1 127 ? 9.674   9.866   -3.709  1.00 56.70 ? 119 ASP A N   1 
ATOM 935  C CA  . ASP A 1 127 ? 9.167   10.348  -5.036  1.00 56.98 ? 119 ASP A CA  1 
ATOM 936  C C   . ASP A 1 127 ? 7.706   10.842  -4.982  1.00 56.69 ? 119 ASP A C   1 
ATOM 937  O O   . ASP A 1 127 ? 7.397   11.944  -5.431  1.00 55.50 ? 119 ASP A O   1 
ATOM 938  C CB  . ASP A 1 127 ? 9.319   9.290   -6.143  1.00 56.94 ? 119 ASP A CB  1 
ATOM 939  C CG  . ASP A 1 127 ? 10.790  9.016   -6.559  1.00 57.99 ? 119 ASP A CG  1 
ATOM 940  O OD1 . ASP A 1 127 ? 11.022  7.886   -7.032  1.00 58.18 ? 119 ASP A OD1 1 
ATOM 941  O OD2 . ASP A 1 127 ? 11.702  9.886   -6.451  1.00 56.67 ? 119 ASP A OD2 1 
ATOM 942  N N   . LEU A 1 128 ? 6.822   10.029  -4.417  1.00 57.10 ? 120 LEU A N   1 
ATOM 943  C CA  . LEU A 1 128 ? 5.476   10.478  -4.096  1.00 57.40 ? 120 LEU A CA  1 
ATOM 944  C C   . LEU A 1 128 ? 5.453   11.814  -3.362  1.00 58.52 ? 120 LEU A C   1 
ATOM 945  O O   . LEU A 1 128 ? 4.676   12.703  -3.722  1.00 58.20 ? 120 LEU A O   1 
ATOM 946  C CB  . LEU A 1 128 ? 4.773   9.425   -3.265  1.00 57.25 ? 120 LEU A CB  1 
ATOM 947  C CG  . LEU A 1 128 ? 3.932   8.332   -3.949  1.00 59.44 ? 120 LEU A CG  1 
ATOM 948  C CD1 . LEU A 1 128 ? 3.919   8.444   -5.508  1.00 54.11 ? 120 LEU A CD1 1 
ATOM 949  C CD2 . LEU A 1 128 ? 4.274   6.899   -3.426  1.00 55.40 ? 120 LEU A CD2 1 
ATOM 950  N N   . LEU A 1 129 ? 6.315   11.983  -2.343  1.00 59.38 ? 121 LEU A N   1 
ATOM 951  C CA  . LEU A 1 129 ? 6.301   13.229  -1.594  1.00 59.68 ? 121 LEU A CA  1 
ATOM 952  C C   . LEU A 1 129 ? 6.669   14.387  -2.477  1.00 61.24 ? 121 LEU A C   1 
ATOM 953  O O   . LEU A 1 129 ? 6.022   15.418  -2.424  1.00 62.11 ? 121 LEU A O   1 
ATOM 954  C CB  . LEU A 1 129 ? 7.166   13.199  -0.306  1.00 59.01 ? 121 LEU A CB  1 
ATOM 955  C CG  . LEU A 1 129 ? 6.592   12.364  0.849   1.00 54.98 ? 121 LEU A CG  1 
ATOM 956  C CD1 . LEU A 1 129 ? 7.562   12.240  2.010   1.00 51.71 ? 121 LEU A CD1 1 
ATOM 957  C CD2 . LEU A 1 129 ? 5.180   12.759  1.309   1.00 50.90 ? 121 LEU A CD2 1 
ATOM 958  N N   . ASP A 1 130 ? 7.707   14.214  -3.283  1.00 63.31 ? 122 ASP A N   1 
ATOM 959  C CA  . ASP A 1 130 ? 8.073   15.183  -4.317  1.00 65.59 ? 122 ASP A CA  1 
ATOM 960  C C   . ASP A 1 130 ? 6.975   15.508  -5.337  1.00 65.75 ? 122 ASP A C   1 
ATOM 961  O O   . ASP A 1 130 ? 6.978   16.595  -5.907  1.00 65.56 ? 122 ASP A O   1 
ATOM 962  C CB  . ASP A 1 130 ? 9.359   14.763  -5.003  1.00 65.78 ? 122 ASP A CB  1 
ATOM 963  C CG  . ASP A 1 130 ? 10.566  15.132  -4.172  1.00 71.20 ? 122 ASP A CG  1 
ATOM 964  O OD1 . ASP A 1 130 ? 10.962  14.366  -3.245  1.00 75.74 ? 122 ASP A OD1 1 
ATOM 965  O OD2 . ASP A 1 130 ? 11.082  16.254  -4.393  1.00 78.69 ? 122 ASP A OD2 1 
ATOM 966  N N   . MET A 1 131 ? 6.018   14.600  -5.508  1.00 66.05 ? 123 MET A N   1 
ATOM 967  C CA  . MET A 1 131 ? 4.884   14.842  -6.385  1.00 67.80 ? 123 MET A CA  1 
ATOM 968  C C   . MET A 1 131 ? 3.703   15.544  -5.687  1.00 67.21 ? 123 MET A C   1 
ATOM 969  O O   . MET A 1 131 ? 2.655   15.732  -6.292  1.00 66.99 ? 123 MET A O   1 
ATOM 970  C CB  . MET A 1 131 ? 4.421   13.522  -7.023  1.00 67.80 ? 123 MET A CB  1 
ATOM 971  C CG  . MET A 1 131 ? 5.404   12.923  -8.014  1.00 68.20 ? 123 MET A CG  1 
ATOM 972  S SD  . MET A 1 131 ? 4.701   11.436  -8.719  1.00 71.83 ? 123 MET A SD  1 
ATOM 973  C CE  . MET A 1 131 ? 3.766   12.120  -10.109 1.00 74.31 ? 123 MET A CE  1 
ATOM 974  N N   . ASN A 1 132 ? 3.896   15.923  -4.422  1.00 66.55 ? 124 ASN A N   1 
ATOM 975  C CA  . ASN A 1 132 ? 2.853   16.487  -3.551  1.00 66.14 ? 124 ASN A CA  1 
ATOM 976  C C   . ASN A 1 132 ? 1.674   15.583  -3.230  1.00 65.60 ? 124 ASN A C   1 
ATOM 977  O O   . ASN A 1 132 ? 0.601   16.084  -2.919  1.00 66.42 ? 124 ASN A O   1 
ATOM 978  C CB  . ASN A 1 132 ? 2.306   17.829  -4.053  1.00 66.00 ? 124 ASN A CB  1 
ATOM 979  C CG  . ASN A 1 132 ? 3.389   18.847  -4.328  1.00 67.27 ? 124 ASN A CG  1 
ATOM 980  O OD1 . ASN A 1 132 ? 4.281   19.108  -3.508  1.00 64.68 ? 124 ASN A OD1 1 
ATOM 981  N ND2 . ASN A 1 132 ? 3.298   19.454  -5.494  1.00 69.17 ? 124 ASN A ND2 1 
ATOM 982  N N   . LYS A 1 133 ? 1.836   14.267  -3.269  1.00 64.36 ? 125 LYS A N   1 
ATOM 983  C CA  . LYS A 1 133 ? 0.740   13.420  -2.796  1.00 63.58 ? 125 LYS A CA  1 
ATOM 984  C C   . LYS A 1 133 ? 0.857   13.206  -1.280  1.00 62.75 ? 125 LYS A C   1 
ATOM 985  O O   . LYS A 1 133 ? 1.970   13.309  -0.738  1.00 62.90 ? 125 LYS A O   1 
ATOM 986  C CB  . LYS A 1 133 ? 0.692   12.103  -3.566  1.00 63.62 ? 125 LYS A CB  1 
ATOM 987  C CG  . LYS A 1 133 ? -0.037  12.252  -4.898  1.00 65.52 ? 125 LYS A CG  1 
ATOM 988  C CD  . LYS A 1 133 ? 0.889   12.765  -6.024  1.00 65.43 ? 125 LYS A CD  1 
ATOM 989  C CE  . LYS A 1 133 ? 0.319   12.439  -7.395  1.00 66.01 ? 125 LYS A CE  1 
ATOM 990  N NZ  . LYS A 1 133 ? -0.657  13.462  -7.862  1.00 65.62 ? 125 LYS A NZ  1 
ATOM 991  N N   . ARG A 1 134 ? -0.261  12.974  -0.580  1.00 60.76 ? 126 ARG A N   1 
ATOM 992  C CA  . ARG A 1 134 ? -0.115  12.553  0.812   1.00 59.47 ? 126 ARG A CA  1 
ATOM 993  C C   . ARG A 1 134 ? 0.141   11.056  0.796   1.00 58.08 ? 126 ARG A C   1 
ATOM 994  O O   . ARG A 1 134 ? -0.565  10.305  0.094   1.00 58.08 ? 126 ARG A O   1 
ATOM 995  C CB  . ARG A 1 134 ? -1.309  12.877  1.709   1.00 59.82 ? 126 ARG A CB  1 
ATOM 996  C CG  . ARG A 1 134 ? -2.134  14.072  1.310   1.00 61.78 ? 126 ARG A CG  1 
ATOM 997  C CD  . ARG A 1 134 ? -2.398  15.086  2.397   1.00 63.61 ? 126 ARG A CD  1 
ATOM 998  N NE  . ARG A 1 134 ? -2.410  14.582  3.776   1.00 67.94 ? 126 ARG A NE  1 
ATOM 999  C CZ  . ARG A 1 134 ? -3.502  14.440  4.532   1.00 67.56 ? 126 ARG A CZ  1 
ATOM 1000 N NH1 . ARG A 1 134 ? -4.715  14.713  4.035   1.00 67.68 ? 126 ARG A NH1 1 
ATOM 1001 N NH2 . ARG A 1 134 ? -3.384  13.994  5.779   1.00 65.47 ? 126 ARG A NH2 1 
ATOM 1002 N N   . VAL A 1 135 ? 1.151   10.606  1.544   1.00 55.09 ? 127 VAL A N   1 
ATOM 1003 C CA  . VAL A 1 135 ? 1.365   9.183   1.635   1.00 52.36 ? 127 VAL A CA  1 
ATOM 1004 C C   . VAL A 1 135 ? 1.053   8.536   2.996   1.00 51.84 ? 127 VAL A C   1 
ATOM 1005 O O   . VAL A 1 135 ? 1.339   9.105   4.052   1.00 52.13 ? 127 VAL A O   1 
ATOM 1006 C CB  . VAL A 1 135 ? 2.646   8.673   0.840   1.00 52.62 ? 127 VAL A CB  1 
ATOM 1007 C CG1 . VAL A 1 135 ? 3.439   9.774   0.219   1.00 49.06 ? 127 VAL A CG1 1 
ATOM 1008 C CG2 . VAL A 1 135 ? 3.459   7.679   1.615   1.00 49.56 ? 127 VAL A CG2 1 
ATOM 1009 N N   . PHE A 1 136 ? 0.388   7.380   2.936   1.00 51.21 ? 128 PHE A N   1 
ATOM 1010 C CA  . PHE A 1 136 ? -0.099  6.644   4.099   1.00 51.20 ? 128 PHE A CA  1 
ATOM 1011 C C   . PHE A 1 136 ? 0.326   5.225   3.988   1.00 51.89 ? 128 PHE A C   1 
ATOM 1012 O O   . PHE A 1 136 ? 0.174   4.615   2.926   1.00 51.91 ? 128 PHE A O   1 
ATOM 1013 C CB  . PHE A 1 136 ? -1.623  6.697   4.191   1.00 51.26 ? 128 PHE A CB  1 
ATOM 1014 C CG  . PHE A 1 136 ? -2.164  8.083   4.181   1.00 52.36 ? 128 PHE A CG  1 
ATOM 1015 C CD1 . PHE A 1 136 ? -2.393  8.737   2.968   1.00 53.21 ? 128 PHE A CD1 1 
ATOM 1016 C CD2 . PHE A 1 136 ? -2.423  8.755   5.385   1.00 54.64 ? 128 PHE A CD2 1 
ATOM 1017 C CE1 . PHE A 1 136 ? -2.895  10.053  2.965   1.00 53.61 ? 128 PHE A CE1 1 
ATOM 1018 C CE2 . PHE A 1 136 ? -2.894  10.055  5.405   1.00 52.50 ? 128 PHE A CE2 1 
ATOM 1019 C CZ  . PHE A 1 136 ? -3.150  10.702  4.188   1.00 53.63 ? 128 PHE A CZ  1 
ATOM 1020 N N   . LEU A 1 137 ? 0.874   4.685   5.072   1.00 52.16 ? 129 LEU A N   1 
ATOM 1021 C CA  . LEU A 1 137 ? 1.582   3.426   4.981   1.00 53.61 ? 129 LEU A CA  1 
ATOM 1022 C C   . LEU A 1 137 ? 1.108   2.524   6.096   1.00 54.41 ? 129 LEU A C   1 
ATOM 1023 O O   . LEU A 1 137 ? 1.215   2.873   7.235   1.00 54.33 ? 129 LEU A O   1 
ATOM 1024 C CB  . LEU A 1 137 ? 3.119   3.681   5.078   1.00 53.73 ? 129 LEU A CB  1 
ATOM 1025 C CG  . LEU A 1 137 ? 3.753   4.521   3.954   1.00 53.30 ? 129 LEU A CG  1 
ATOM 1026 C CD1 . LEU A 1 137 ? 4.579   5.598   4.493   1.00 53.13 ? 129 LEU A CD1 1 
ATOM 1027 C CD2 . LEU A 1 137 ? 4.579   3.624   3.016   1.00 53.73 ? 129 LEU A CD2 1 
ATOM 1028 N N   . PRO A 1 138 ? 0.541   1.356   5.763   1.00 56.65 ? 130 PRO A N   1 
ATOM 1029 C CA  . PRO A 1 138 ? 0.236   0.439   6.852   1.00 57.43 ? 130 PRO A CA  1 
ATOM 1030 C C   . PRO A 1 138 ? 1.473   -0.366  7.190   1.00 58.46 ? 130 PRO A C   1 
ATOM 1031 O O   . PRO A 1 138 ? 1.867   -1.211  6.366   1.00 59.86 ? 130 PRO A O   1 
ATOM 1032 C CB  . PRO A 1 138 ? -0.815  -0.480  6.233   1.00 57.55 ? 130 PRO A CB  1 
ATOM 1033 C CG  . PRO A 1 138 ? -0.397  -0.553  4.759   1.00 56.60 ? 130 PRO A CG  1 
ATOM 1034 C CD  . PRO A 1 138 ? 0.122   0.826   4.442   1.00 56.75 ? 130 PRO A CD  1 
ATOM 1035 N N   . LYS A 1 139 ? 2.067   -0.118  8.361   1.00 58.08 ? 131 LYS A N   1 
ATOM 1036 C CA  . LYS A 1 139 ? 3.281   -0.827  8.813   1.00 58.60 ? 131 LYS A CA  1 
ATOM 1037 C C   . LYS A 1 139 ? 3.100   -2.331  8.851   1.00 58.26 ? 131 LYS A C   1 
ATOM 1038 O O   . LYS A 1 139 ? 4.046   -3.116  8.724   1.00 58.88 ? 131 LYS A O   1 
ATOM 1039 C CB  . LYS A 1 139 ? 3.689   -0.360  10.205  1.00 58.40 ? 131 LYS A CB  1 
ATOM 1040 C CG  . LYS A 1 139 ? 5.068   -0.878  10.604  1.00 58.19 ? 131 LYS A CG  1 
ATOM 1041 C CD  . LYS A 1 139 ? 5.498   -0.272  11.937  1.00 60.85 ? 131 LYS A CD  1 
ATOM 1042 C CE  . LYS A 1 139 ? 6.296   -1.243  12.745  1.00 62.63 ? 131 LYS A CE  1 
ATOM 1043 N NZ  . LYS A 1 139 ? 7.311   -0.432  13.498  1.00 68.34 ? 131 LYS A NZ  1 
ATOM 1044 N N   . ASP A 1 140 ? 1.876   -2.668  9.180   1.00 57.92 ? 132 ASP A N   1 
ATOM 1045 C CA  . ASP A 1 140 ? 1.164   -3.860  8.875   1.00 57.88 ? 132 ASP A CA  1 
ATOM 1046 C C   . ASP A 1 140 ? 1.567   -4.681  7.641   1.00 57.38 ? 132 ASP A C   1 
ATOM 1047 O O   . ASP A 1 140 ? 1.713   -5.911  7.701   1.00 57.93 ? 132 ASP A O   1 
ATOM 1048 C CB  . ASP A 1 140 ? -0.277  -3.348  8.657   1.00 58.35 ? 132 ASP A CB  1 
ATOM 1049 C CG  . ASP A 1 140 ? -1.191  -4.100  9.434   1.00 60.65 ? 132 ASP A CG  1 
ATOM 1050 O OD1 . ASP A 1 140 ? -0.619  -4.818  10.260  1.00 68.64 ? 132 ASP A OD1 1 
ATOM 1051 O OD2 . ASP A 1 140 ? -2.410  -4.047  9.271   1.00 66.48 ? 132 ASP A OD2 1 
ATOM 1052 N N   . GLY A 1 141 ? 1.672   -3.991  6.510   1.00 56.47 ? 133 GLY A N   1 
ATOM 1053 C CA  . GLY A 1 141 ? 1.895   -4.601  5.218   1.00 55.73 ? 133 GLY A CA  1 
ATOM 1054 C C   . GLY A 1 141 ? 3.207   -4.108  4.639   1.00 55.43 ? 133 GLY A C   1 
ATOM 1055 O O   . GLY A 1 141 ? 3.326   -3.914  3.422   1.00 55.35 ? 133 GLY A O   1 
ATOM 1056 N N   . LEU A 1 142 ? 4.189   -3.893  5.516   1.00 54.36 ? 134 LEU A N   1 
ATOM 1057 C CA  . LEU A 1 142 ? 5.572   -3.647  5.086   1.00 54.06 ? 134 LEU A CA  1 
ATOM 1058 C C   . LEU A 1 142 ? 6.524   -4.699  5.658   1.00 53.47 ? 134 LEU A C   1 
ATOM 1059 O O   . LEU A 1 142 ? 6.229   -5.335  6.693   1.00 51.69 ? 134 LEU A O   1 
ATOM 1060 C CB  . LEU A 1 142 ? 6.057   -2.241  5.439   1.00 54.10 ? 134 LEU A CB  1 
ATOM 1061 C CG  . LEU A 1 142 ? 5.277   -0.970  5.075   1.00 56.52 ? 134 LEU A CG  1 
ATOM 1062 C CD1 . LEU A 1 142 ? 5.710   0.208   5.988   1.00 55.74 ? 134 LEU A CD1 1 
ATOM 1063 C CD2 . LEU A 1 142 ? 5.296   -0.599  3.564   1.00 54.17 ? 134 LEU A CD2 1 
ATOM 1064 N N   . GLY A 1 143 ? 7.631   -4.926  4.932   1.00 53.55 ? 135 GLY A N   1 
ATOM 1065 C CA  . GLY A 1 143 ? 8.704   -5.821  5.394   1.00 53.39 ? 135 GLY A CA  1 
ATOM 1066 C C   . GLY A 1 143 ? 10.045  -5.637  4.681   1.00 53.14 ? 135 GLY A C   1 
ATOM 1067 O O   . GLY A 1 143 ? 10.112  -5.042  3.615   1.00 53.31 ? 135 GLY A O   1 
ATOM 1068 N N   . SER A 1 144 ? 11.103  -6.155  5.293   1.00 53.26 ? 136 SER A N   1 
ATOM 1069 C CA  . SER A 1 144 ? 12.447  -6.180  4.732   1.00 53.54 ? 136 SER A CA  1 
ATOM 1070 C C   . SER A 1 144 ? 13.009  -7.558  5.067   1.00 54.36 ? 136 SER A C   1 
ATOM 1071 O O   . SER A 1 144 ? 12.505  -8.225  5.967   1.00 55.13 ? 136 SER A O   1 
ATOM 1072 C CB  . SER A 1 144 ? 13.318  -5.098  5.366   1.00 52.85 ? 136 SER A CB  1 
ATOM 1073 O OG  . SER A 1 144 ? 12.996  -3.828  4.812   1.00 53.92 ? 136 SER A OG  1 
ATOM 1074 N N   . GLN A 1 145 ? 14.047  -8.010  4.371   1.00 55.31 ? 137 GLN A N   1 
ATOM 1075 C CA  . GLN A 1 145 ? 14.716  -9.247  4.810   1.00 56.21 ? 137 GLN A CA  1 
ATOM 1076 C C   . GLN A 1 145 ? 15.335  -9.162  6.196   1.00 56.81 ? 137 GLN A C   1 
ATOM 1077 O O   . GLN A 1 145 ? 15.200  -10.096 6.976   1.00 57.70 ? 137 GLN A O   1 
ATOM 1078 C CB  . GLN A 1 145 ? 15.733  -9.717  3.792   1.00 55.72 ? 137 GLN A CB  1 
ATOM 1079 C CG  . GLN A 1 145 ? 15.090  -10.329 2.622   1.00 57.13 ? 137 GLN A CG  1 
ATOM 1080 C CD  . GLN A 1 145 ? 16.067  -10.612 1.517   1.00 59.37 ? 137 GLN A CD  1 
ATOM 1081 O OE1 . GLN A 1 145 ? 15.894  -10.127 0.410   1.00 56.86 ? 137 GLN A OE1 1 
ATOM 1082 N NE2 . GLN A 1 145 ? 17.109  -11.399 1.814   1.00 59.59 ? 137 GLN A NE2 1 
ATOM 1083 N N   . LYS A 1 146 ? 16.002  -8.054  6.502   1.00 57.64 ? 138 LYS A N   1 
ATOM 1084 C CA  . LYS A 1 146 ? 16.622  -7.846  7.838   1.00 58.39 ? 138 LYS A CA  1 
ATOM 1085 C C   . LYS A 1 146 ? 15.994  -6.697  8.642   1.00 58.98 ? 138 LYS A C   1 
ATOM 1086 O O   . LYS A 1 146 ? 15.732  -5.612  8.101   1.00 59.12 ? 138 LYS A O   1 
ATOM 1087 C CB  . LYS A 1 146 ? 18.134  -7.590  7.695   1.00 58.08 ? 138 LYS A CB  1 
ATOM 1088 C CG  . LYS A 1 146 ? 18.892  -8.621  6.857   1.00 58.52 ? 138 LYS A CG  1 
ATOM 1089 C CD  . LYS A 1 146 ? 19.229  -9.840  7.720   1.00 61.87 ? 138 LYS A CD  1 
ATOM 1090 C CE  . LYS A 1 146 ? 19.108  -11.190 7.004   1.00 62.57 ? 138 LYS A CE  1 
ATOM 1091 N NZ  . LYS A 1 146 ? 20.010  -11.307 5.852   1.00 60.53 ? 138 LYS A NZ  1 
ATOM 1092 N N   . LYS A 1 147 ? 15.793  -6.942  9.942   1.00 60.17 ? 139 LYS A N   1 
ATOM 1093 C CA  . LYS A 1 147 ? 15.289  -5.953  10.932  1.00 60.55 ? 139 LYS A CA  1 
ATOM 1094 C C   . LYS A 1 147 ? 15.951  -4.595  10.847  1.00 59.07 ? 139 LYS A C   1 
ATOM 1095 O O   . LYS A 1 147 ? 15.249  -3.578  10.769  1.00 60.18 ? 139 LYS A O   1 
ATOM 1096 C CB  . LYS A 1 147 ? 15.460  -6.461  12.360  1.00 60.41 ? 139 LYS A CB  1 
ATOM 1097 C CG  . LYS A 1 147 ? 14.538  -7.609  12.723  1.00 63.53 ? 139 LYS A CG  1 
ATOM 1098 C CD  . LYS A 1 147 ? 14.824  -8.186  14.161  1.00 63.45 ? 139 LYS A CD  1 
ATOM 1099 C CE  . LYS A 1 147 ? 13.581  -9.039  14.726  1.00 65.19 ? 139 LYS A CE  1 
ATOM 1100 N NZ  . LYS A 1 147 ? 13.525  -10.474 14.270  1.00 61.11 ? 139 LYS A NZ  1 
ATOM 1101 N N   . THR A 1 148 ? 17.288  -4.586  10.832  1.00 57.06 ? 140 THR A N   1 
ATOM 1102 C CA  . THR A 1 148 ? 18.078  -3.362  10.931  1.00 54.63 ? 140 THR A CA  1 
ATOM 1103 C C   . THR A 1 148 ? 17.783  -2.429  9.764   1.00 53.54 ? 140 THR A C   1 
ATOM 1104 O O   . THR A 1 148 ? 17.622  -1.235  9.941   1.00 54.10 ? 140 THR A O   1 
ATOM 1105 C CB  . THR A 1 148 ? 19.605  -3.671  11.100  1.00 54.89 ? 140 THR A CB  1 
ATOM 1106 O OG1 . THR A 1 148 ? 19.802  -4.496  12.248  1.00 53.08 ? 140 THR A OG1 1 
ATOM 1107 C CG2 . THR A 1 148 ? 20.446  -2.408  11.298  1.00 53.66 ? 140 THR A CG2 1 
ATOM 1108 N N   . ASP A 1 149 ? 17.681  -2.981  8.576   1.00 52.60 ? 141 ASP A N   1 
ATOM 1109 C CA  . ASP A 1 149 ? 17.340  -2.201  7.405   1.00 51.85 ? 141 ASP A CA  1 
ATOM 1110 C C   . ASP A 1 149 ? 15.915  -1.657  7.516   1.00 51.20 ? 141 ASP A C   1 
ATOM 1111 O O   . ASP A 1 149 ? 15.668  -0.513  7.198   1.00 50.58 ? 141 ASP A O   1 
ATOM 1112 C CB  . ASP A 1 149 ? 17.479  -3.044  6.127   1.00 51.95 ? 141 ASP A CB  1 
ATOM 1113 C CG  . ASP A 1 149 ? 18.936  -3.530  5.851   1.00 51.44 ? 141 ASP A CG  1 
ATOM 1114 O OD1 . ASP A 1 149 ? 19.862  -2.721  5.809   1.00 49.48 ? 141 ASP A OD1 1 
ATOM 1115 O OD2 . ASP A 1 149 ? 19.130  -4.728  5.608   1.00 53.24 ? 141 ASP A OD2 1 
ATOM 1116 N N   . PHE A 1 150 ? 14.986  -2.493  7.954   1.00 51.32 ? 142 PHE A N   1 
ATOM 1117 C CA  . PHE A 1 150 ? 13.562  -2.115  8.063   1.00 51.97 ? 142 PHE A CA  1 
ATOM 1118 C C   . PHE A 1 150 ? 13.395  -1.012  9.067   1.00 51.80 ? 142 PHE A C   1 
ATOM 1119 O O   . PHE A 1 150 ? 12.940  0.088   8.724   1.00 51.90 ? 142 PHE A O   1 
ATOM 1120 C CB  . PHE A 1 150 ? 12.725  -3.330  8.477   1.00 52.48 ? 142 PHE A CB  1 
ATOM 1121 C CG  . PHE A 1 150 ? 11.267  -3.095  8.439   1.00 52.83 ? 142 PHE A CG  1 
ATOM 1122 C CD1 . PHE A 1 150 ? 10.539  -2.892  9.635   1.00 52.99 ? 142 PHE A CD1 1 
ATOM 1123 C CD2 . PHE A 1 150 ? 10.595  -3.095  7.239   1.00 53.24 ? 142 PHE A CD2 1 
ATOM 1124 C CE1 . PHE A 1 150 ? 9.188   -2.674  9.621   1.00 52.05 ? 142 PHE A CE1 1 
ATOM 1125 C CE2 . PHE A 1 150 ? 9.225   -2.887  7.216   1.00 53.40 ? 142 PHE A CE2 1 
ATOM 1126 C CZ  . PHE A 1 150 ? 8.518   -2.662  8.413   1.00 52.27 ? 142 PHE A CZ  1 
ATOM 1127 N N   . LYS A 1 151 ? 13.818  -1.304  10.300  1.00 51.74 ? 143 LYS A N   1 
ATOM 1128 C CA  . LYS A 1 151 ? 13.631  -0.432  11.445  1.00 51.62 ? 143 LYS A CA  1 
ATOM 1129 C C   . LYS A 1 151 ? 14.168  0.976   11.195  1.00 49.68 ? 143 LYS A C   1 
ATOM 1130 O O   . LYS A 1 151 ? 13.554  1.947   11.597  1.00 49.31 ? 143 LYS A O   1 
ATOM 1131 C CB  . LYS A 1 151 ? 14.274  -1.054  12.700  1.00 51.96 ? 143 LYS A CB  1 
ATOM 1132 C CG  . LYS A 1 151 ? 13.443  -2.213  13.312  1.00 56.82 ? 143 LYS A CG  1 
ATOM 1133 C CD  . LYS A 1 151 ? 13.834  -2.617  14.764  1.00 55.39 ? 143 LYS A CD  1 
ATOM 1134 C CE  . LYS A 1 151 ? 13.462  -1.460  15.796  1.00 64.72 ? 143 LYS A CE  1 
ATOM 1135 N NZ  . LYS A 1 151 ? 14.108  -1.540  17.211  1.00 62.38 ? 143 LYS A NZ  1 
ATOM 1136 N N   . ALA A 1 152 ? 15.303  1.077   10.512  1.00 48.51 ? 144 ALA A N   1 
ATOM 1137 C CA  . ALA A 1 152 ? 15.928  2.351   10.132  1.00 47.59 ? 144 ALA A CA  1 
ATOM 1138 C C   . ALA A 1 152 ? 15.137  3.114   9.051   1.00 47.94 ? 144 ALA A C   1 
ATOM 1139 O O   . ALA A 1 152 ? 14.874  4.309   9.180   1.00 48.20 ? 144 ALA A O   1 
ATOM 1140 C CB  . ALA A 1 152 ? 17.390  2.098   9.680   1.00 47.44 ? 144 ALA A CB  1 
ATOM 1141 N N   . ALA A 1 153 ? 14.711  2.427   7.994   1.00 48.40 ? 145 ALA A N   1 
ATOM 1142 C CA  . ALA A 1 153 ? 13.907  3.075   6.943   1.00 48.36 ? 145 ALA A CA  1 
ATOM 1143 C C   . ALA A 1 153 ? 12.585  3.595   7.540   1.00 48.98 ? 145 ALA A C   1 
ATOM 1144 O O   . ALA A 1 153 ? 12.160  4.726   7.262   1.00 49.44 ? 145 ALA A O   1 
ATOM 1145 C CB  . ALA A 1 153 ? 13.663  2.097   5.812   1.00 47.41 ? 145 ALA A CB  1 
ATOM 1146 N N   . ILE A 1 154 ? 11.952  2.783   8.389   1.00 49.91 ? 146 ILE A N   1 
ATOM 1147 C CA  . ILE A 1 154 ? 10.700  3.199   9.142   1.00 50.05 ? 146 ILE A CA  1 
ATOM 1148 C C   . ILE A 1 154 ? 10.834  4.478   9.974   1.00 49.40 ? 146 ILE A C   1 
ATOM 1149 O O   . ILE A 1 154 ? 9.983   5.357   9.829   1.00 48.72 ? 146 ILE A O   1 
ATOM 1150 C CB  . ILE A 1 154 ? 10.147  2.082   10.062  1.00 50.01 ? 146 ILE A CB  1 
ATOM 1151 C CG1 . ILE A 1 154 ? 9.682   0.910   9.246   1.00 49.08 ? 146 ILE A CG1 1 
ATOM 1152 C CG2 . ILE A 1 154 ? 8.953   2.591   10.862  1.00 50.74 ? 146 ILE A CG2 1 
ATOM 1153 C CD1 . ILE A 1 154 ? 8.692   1.327   8.254   1.00 46.95 ? 146 ILE A CD1 1 
ATOM 1154 N N   . LYS A 1 155 ? 11.885  4.580   10.802  1.00 48.83 ? 147 LYS A N   1 
ATOM 1155 C CA  . LYS A 1 155 ? 12.186  5.841   11.496  1.00 50.15 ? 147 LYS A CA  1 
ATOM 1156 C C   . LYS A 1 155 ? 12.461  6.987   10.556  1.00 49.03 ? 147 LYS A C   1 
ATOM 1157 O O   . LYS A 1 155 ? 11.973  8.052   10.763  1.00 50.65 ? 147 LYS A O   1 
ATOM 1158 C CB  . LYS A 1 155 ? 13.420  5.819   12.437  1.00 51.15 ? 147 LYS A CB  1 
ATOM 1159 C CG  . LYS A 1 155 ? 13.711  4.629   13.267  1.00 56.57 ? 147 LYS A CG  1 
ATOM 1160 C CD  . LYS A 1 155 ? 12.766  4.460   14.445  1.00 65.22 ? 147 LYS A CD  1 
ATOM 1161 C CE  . LYS A 1 155 ? 13.563  3.894   15.673  1.00 67.32 ? 147 LYS A CE  1 
ATOM 1162 N NZ  . LYS A 1 155 ? 12.692  3.867   16.888  1.00 70.89 ? 147 LYS A NZ  1 
ATOM 1163 N N   . LEU A 1 156 ? 13.273  6.811   9.536   1.00 49.21 ? 148 LEU A N   1 
ATOM 1164 C CA  . LEU A 1 156 ? 13.486  7.919   8.610   1.00 49.22 ? 148 LEU A CA  1 
ATOM 1165 C C   . LEU A 1 156 ? 12.102  8.449   8.160   1.00 48.28 ? 148 LEU A C   1 
ATOM 1166 O O   . LEU A 1 156 ? 11.814  9.637   8.241   1.00 48.14 ? 148 LEU A O   1 
ATOM 1167 C CB  . LEU A 1 156 ? 14.204  7.426   7.349   1.00 49.08 ? 148 LEU A CB  1 
ATOM 1168 C CG  . LEU A 1 156 ? 15.292  8.329   6.795   1.00 51.49 ? 148 LEU A CG  1 
ATOM 1169 C CD1 . LEU A 1 156 ? 15.458  8.129   5.274   1.00 43.58 ? 148 LEU A CD1 1 
ATOM 1170 C CD2 . LEU A 1 156 ? 15.172  9.831   7.225   1.00 47.66 ? 148 LEU A CD2 1 
ATOM 1171 N N   . MET A 1 157 ? 11.297  7.557   7.620   1.00 46.67 ? 149 MET A N   1 
ATOM 1172 C CA  . MET A 1 157 ? 10.018  7.957   7.042   1.00 49.04 ? 149 MET A CA  1 
ATOM 1173 C C   . MET A 1 157 ? 9.047   8.612   8.062   1.00 50.62 ? 149 MET A C   1 
ATOM 1174 O O   . MET A 1 157 ? 8.327   9.508   7.683   1.00 52.85 ? 149 MET A O   1 
ATOM 1175 C CB  . MET A 1 157 ? 9.312   6.776   6.354   1.00 47.63 ? 149 MET A CB  1 
ATOM 1176 C CG  . MET A 1 157 ? 10.021  6.280   5.084   1.00 46.11 ? 149 MET A CG  1 
ATOM 1177 S SD  . MET A 1 157 ? 9.133   5.007   4.129   1.00 48.21 ? 149 MET A SD  1 
ATOM 1178 C CE  . MET A 1 157 ? 9.446   3.501   5.069   1.00 41.94 ? 149 MET A CE  1 
ATOM 1179 N N   . SER A 1 158 ? 9.029   8.156   9.320   1.00 50.76 ? 150 SER A N   1 
ATOM 1180 C CA  . SER A 1 158 ? 8.283   8.794   10.418  1.00 51.55 ? 150 SER A CA  1 
ATOM 1181 C C   . SER A 1 158 ? 8.648   10.281  10.642  1.00 52.31 ? 150 SER A C   1 
ATOM 1182 O O   . SER A 1 158 ? 7.911   11.031  11.278  1.00 52.32 ? 150 SER A O   1 
ATOM 1183 C CB  . SER A 1 158 ? 8.584   8.043   11.729  1.00 51.46 ? 150 SER A CB  1 
ATOM 1184 O OG  . SER A 1 158 ? 7.758   6.888   11.845  1.00 53.50 ? 150 SER A OG  1 
ATOM 1185 N N   . SER A 1 159 ? 9.831   10.677  10.197  1.00 51.89 ? 151 SER A N   1 
ATOM 1186 C CA  . SER A 1 159 ? 10.255  12.053  10.328  1.00 51.68 ? 151 SER A CA  1 
ATOM 1187 C C   . SER A 1 159 ? 9.898   12.873  9.110   1.00 51.54 ? 151 SER A C   1 
ATOM 1188 O O   . SER A 1 159 ? 10.316  13.997  9.030   1.00 52.38 ? 151 SER A O   1 
ATOM 1189 C CB  . SER A 1 159 ? 11.761  12.110  10.554  1.00 50.68 ? 151 SER A CB  1 
ATOM 1190 O OG  . SER A 1 159 ? 12.427  11.812  9.325   1.00 52.33 ? 151 SER A OG  1 
ATOM 1191 N N   . TRP A 1 160 ? 9.152   12.306  8.170   1.00 52.51 ? 152 TRP A N   1 
ATOM 1192 C CA  . TRP A 1 160 ? 8.769   12.963  6.889   1.00 53.96 ? 152 TRP A CA  1 
ATOM 1193 C C   . TRP A 1 160 ? 7.339   13.552  6.902   1.00 55.03 ? 152 TRP A C   1 
ATOM 1194 O O   . TRP A 1 160 ? 6.703   13.670  5.829   1.00 56.10 ? 152 TRP A O   1 
ATOM 1195 C CB  . TRP A 1 160 ? 8.877   11.973  5.682   1.00 52.06 ? 152 TRP A CB  1 
ATOM 1196 C CG  . TRP A 1 160 ? 10.289  11.613  5.324   1.00 53.48 ? 152 TRP A CG  1 
ATOM 1197 C CD1 . TRP A 1 160 ? 11.437  12.194  5.839   1.00 52.32 ? 152 TRP A CD1 1 
ATOM 1198 C CD2 . TRP A 1 160 ? 10.740  10.611  4.379   1.00 50.89 ? 152 TRP A CD2 1 
ATOM 1199 N NE1 . TRP A 1 160 ? 12.536  11.624  5.263   1.00 52.81 ? 152 TRP A NE1 1 
ATOM 1200 C CE2 . TRP A 1 160 ? 12.149  10.672  4.357   1.00 48.89 ? 152 TRP A CE2 1 
ATOM 1201 C CE3 . TRP A 1 160 ? 10.081  9.712   3.500   1.00 51.64 ? 152 TRP A CE3 1 
ATOM 1202 C CZ2 . TRP A 1 160 ? 12.930  9.843   3.536   1.00 51.61 ? 152 TRP A CZ2 1 
ATOM 1203 C CZ3 . TRP A 1 160 ? 10.864  8.883   2.674   1.00 52.96 ? 152 TRP A CZ3 1 
ATOM 1204 C CH2 . TRP A 1 160 ? 12.281  8.951   2.718   1.00 52.74 ? 152 TRP A CH2 1 
ATOM 1205 N N   . GLY A 1 161 ? 6.815   13.876  8.089   1.00 55.60 ? 153 GLY A N   1 
ATOM 1206 C CA  . GLY A 1 161 ? 5.461   14.442  8.189   1.00 55.42 ? 153 GLY A CA  1 
ATOM 1207 C C   . GLY A 1 161 ? 5.531   15.887  7.703   1.00 55.75 ? 153 GLY A C   1 
ATOM 1208 O O   . GLY A 1 161 ? 6.639   16.404  7.535   1.00 54.05 ? 153 GLY A O   1 
ATOM 1209 N N   . PRO A 1 162 ? 4.359   16.558  7.471   1.00 56.41 ? 154 PRO A N   1 
ATOM 1210 C CA  . PRO A 1 162 ? 2.943   16.131  7.636   1.00 56.01 ? 154 PRO A CA  1 
ATOM 1211 C C   . PRO A 1 162 ? 2.361   15.330  6.489   1.00 56.83 ? 154 PRO A C   1 
ATOM 1212 O O   . PRO A 1 162 ? 1.274   14.778  6.616   1.00 57.91 ? 154 PRO A O   1 
ATOM 1213 C CB  . PRO A 1 162 ? 2.184   17.450  7.735   1.00 56.54 ? 154 PRO A CB  1 
ATOM 1214 C CG  . PRO A 1 162 ? 3.054   18.473  7.060   1.00 56.82 ? 154 PRO A CG  1 
ATOM 1215 C CD  . PRO A 1 162 ? 4.467   17.974  7.041   1.00 56.12 ? 154 PRO A CD  1 
ATOM 1216 N N   . ASN A 1 163 ? 3.070   15.213  5.381   1.00 56.39 ? 155 ASN A N   1 
ATOM 1217 C CA  . ASN A 1 163 ? 2.490   14.523  4.272   1.00 55.49 ? 155 ASN A CA  1 
ATOM 1218 C C   . ASN A 1 163 ? 2.820   13.026  4.184   1.00 55.08 ? 155 ASN A C   1 
ATOM 1219 O O   . ASN A 1 163 ? 2.368   12.374  3.250   1.00 55.66 ? 155 ASN A O   1 
ATOM 1220 C CB  . ASN A 1 163 ? 2.766   15.291  2.990   1.00 56.06 ? 155 ASN A CB  1 
ATOM 1221 C CG  . ASN A 1 163 ? 2.090   16.646  3.000   1.00 58.05 ? 155 ASN A CG  1 
ATOM 1222 O OD1 . ASN A 1 163 ? 2.737   17.670  2.828   1.00 60.89 ? 155 ASN A OD1 1 
ATOM 1223 N ND2 . ASN A 1 163 ? 0.775   16.661  3.280   1.00 60.14 ? 155 ASN A ND2 1 
ATOM 1224 N N   . CYS A 1 164 ? 3.511   12.475  5.190   1.00 52.52 ? 156 CYS A N   1 
ATOM 1225 C CA  . CYS A 1 164 ? 3.721   11.035  5.265   1.00 50.67 ? 156 CYS A CA  1 
ATOM 1226 C C   . CYS A 1 164 ? 3.240   10.501  6.615   1.00 50.46 ? 156 CYS A C   1 
ATOM 1227 O O   . CYS A 1 164 ? 3.527   11.076  7.630   1.00 49.29 ? 156 CYS A O   1 
ATOM 1228 C CB  . CYS A 1 164 ? 5.201   10.722  5.049   1.00 51.23 ? 156 CYS A CB  1 
ATOM 1229 S SG  . CYS A 1 164 ? 5.568   8.995   4.917   1.00 51.26 ? 156 CYS A SG  1 
ATOM 1230 N N   . GLU A 1 165 ? 2.471   9.414   6.628   1.00 50.79 ? 157 GLU A N   1 
ATOM 1231 C CA  . GLU A 1 165 ? 1.966   8.867   7.902   1.00 50.67 ? 157 GLU A CA  1 
ATOM 1232 C C   . GLU A 1 165 ? 1.972   7.382   7.954   1.00 50.10 ? 157 GLU A C   1 
ATOM 1233 O O   . GLU A 1 165 ? 1.420   6.738   7.062   1.00 51.89 ? 157 GLU A O   1 
ATOM 1234 C CB  . GLU A 1 165 ? 0.548   9.330   8.211   1.00 50.82 ? 157 GLU A CB  1 
ATOM 1235 C CG  . GLU A 1 165 ? 0.337   10.846  8.124   1.00 50.62 ? 157 GLU A CG  1 
ATOM 1236 C CD  . GLU A 1 165 ? -1.093  11.262  8.537   1.00 51.27 ? 157 GLU A CD  1 
ATOM 1237 O OE1 . GLU A 1 165 ? -1.309  12.484  8.642   1.00 47.17 ? 157 GLU A OE1 1 
ATOM 1238 O OE2 . GLU A 1 165 ? -1.981  10.378  8.726   1.00 54.95 ? 157 GLU A OE2 1 
ATOM 1239 N N   . ILE A 1 166 ? 2.575   6.839   9.001   1.00 49.13 ? 158 ILE A N   1 
ATOM 1240 C CA  . ILE A 1 166 ? 2.667   5.408   9.178   1.00 49.42 ? 158 ILE A CA  1 
ATOM 1241 C C   . ILE A 1 166 ? 1.683   5.003   10.247  1.00 49.67 ? 158 ILE A C   1 
ATOM 1242 O O   . ILE A 1 166 ? 1.771   5.461   11.396  1.00 49.51 ? 158 ILE A O   1 
ATOM 1243 C CB  . ILE A 1 166 ? 4.123   4.958   9.526   1.00 49.78 ? 158 ILE A CB  1 
ATOM 1244 C CG1 . ILE A 1 166 ? 5.078   5.384   8.401   1.00 49.52 ? 158 ILE A CG1 1 
ATOM 1245 C CG2 . ILE A 1 166 ? 4.244   3.409   9.691   1.00 48.51 ? 158 ILE A CG2 1 
ATOM 1246 C CD1 . ILE A 1 166 ? 6.477   5.194   8.770   1.00 49.84 ? 158 ILE A CD1 1 
ATOM 1247 N N   . THR A 1 167 ? 0.714   4.177   9.874   1.00 49.37 ? 159 THR A N   1 
ATOM 1248 C CA  . THR A 1 167 ? -0.214  3.633   10.880  1.00 50.03 ? 159 THR A CA  1 
ATOM 1249 C C   . THR A 1 167 ? -0.312  2.135   10.600  1.00 50.25 ? 159 THR A C   1 
ATOM 1250 O O   . THR A 1 167 ? 0.704   1.461   10.525  1.00 50.53 ? 159 THR A O   1 
ATOM 1251 C CB  . THR A 1 167 ? -1.606  4.341   10.882  1.00 49.06 ? 159 THR A CB  1 
ATOM 1252 O OG1 . THR A 1 167 ? -2.073  4.478   9.522   1.00 52.87 ? 159 THR A OG1 1 
ATOM 1253 C CG2 . THR A 1 167 ? -1.556  5.758   11.571  1.00 48.80 ? 159 THR A CG2 1 
ATOM 1254 N N   . THR A 1 168 ? -1.529  1.629   10.418  1.00 50.65 ? 160 THR A N   1 
ATOM 1255 C CA  . THR A 1 168 ? -1.763  0.244   10.091  1.00 50.11 ? 160 THR A CA  1 
ATOM 1256 C C   . THR A 1 168 ? -2.999  0.209   9.254   1.00 50.12 ? 160 THR A C   1 
ATOM 1257 O O   . THR A 1 168 ? -3.713  1.201   9.154   1.00 51.78 ? 160 THR A O   1 
ATOM 1258 C CB  . THR A 1 168 ? -1.952  -0.684  11.346  1.00 49.92 ? 160 THR A CB  1 
ATOM 1259 O OG1 . THR A 1 168 ? -2.976  -0.158  12.191  1.00 52.02 ? 160 THR A OG1 1 
ATOM 1260 C CG2 . THR A 1 168 ? -0.681  -0.819  12.170  1.00 47.77 ? 160 THR A CG2 1 
ATOM 1261 N N   . SER A 1 169 ? -3.264  -0.949  8.666   1.00 50.60 ? 161 SER A N   1 
ATOM 1262 C CA  . SER A 1 169 ? -4.459  -1.183  7.840   1.00 50.58 ? 161 SER A CA  1 
ATOM 1263 C C   . SER A 1 169 ? -5.789  -1.056  8.563   1.00 50.72 ? 161 SER A C   1 
ATOM 1264 O O   . SER A 1 169 ? -6.738  -0.563  7.975   1.00 50.40 ? 161 SER A O   1 
ATOM 1265 C CB  . SER A 1 169 ? -4.353  -2.504  7.048   1.00 51.19 ? 161 SER A CB  1 
ATOM 1266 O OG  . SER A 1 169 ? -4.358  -3.662  7.884   1.00 51.71 ? 161 SER A OG  1 
ATOM 1267 N N   . GLU A 1 170 ? -5.884  -1.446  9.833   1.00 51.53 ? 162 GLU A N   1 
ATOM 1268 C CA  . GLU A 1 170 ? -7.149  -1.199  10.518  1.00 52.38 ? 162 GLU A CA  1 
ATOM 1269 C C   . GLU A 1 170 ? -7.312  0.287   10.757  1.00 52.65 ? 162 GLU A C   1 
ATOM 1270 O O   . GLU A 1 170 ? -8.340  0.836   10.464  1.00 52.88 ? 162 GLU A O   1 
ATOM 1271 C CB  . GLU A 1 170 ? -7.346  -2.052  11.781  1.00 52.25 ? 162 GLU A CB  1 
ATOM 1272 C CG  . GLU A 1 170 ? -8.402  -1.538  12.726  1.00 51.49 ? 162 GLU A CG  1 
ATOM 1273 C CD  . GLU A 1 170 ? -8.780  -2.546  13.806  1.00 53.07 ? 162 GLU A CD  1 
ATOM 1274 O OE1 . GLU A 1 170 ? -9.189  -3.641  13.382  1.00 55.85 ? 162 GLU A OE1 1 
ATOM 1275 O OE2 . GLU A 1 170 ? -8.707  -2.258  15.055  1.00 51.18 ? 162 GLU A OE2 1 
ATOM 1276 N N   . SER A 1 171 ? -6.272  0.968   11.209  1.00 53.47 ? 163 SER A N   1 
ATOM 1277 C CA  . SER A 1 171 ? -6.359  2.430   11.378  1.00 52.39 ? 163 SER A CA  1 
ATOM 1278 C C   . SER A 1 171 ? -6.795  3.090   10.099  1.00 52.02 ? 163 SER A C   1 
ATOM 1279 O O   . SER A 1 171 ? -7.628  3.947   10.109  1.00 53.19 ? 163 SER A O   1 
ATOM 1280 C CB  . SER A 1 171 ? -4.988  3.020   11.722  1.00 51.81 ? 163 SER A CB  1 
ATOM 1281 O OG  . SER A 1 171 ? -5.161  4.297   12.326  1.00 50.64 ? 163 SER A OG  1 
ATOM 1282 N N   . ILE A 1 172 ? -6.174  2.717   8.995   1.00 52.34 ? 164 ILE A N   1 
ATOM 1283 C CA  . ILE A 1 172 ? -6.473  3.292   7.683   1.00 51.83 ? 164 ILE A CA  1 
ATOM 1284 C C   . ILE A 1 172 ? -7.902  3.028   7.156   1.00 53.42 ? 164 ILE A C   1 
ATOM 1285 O O   . ILE A 1 172 ? -8.514  3.964   6.611   1.00 53.17 ? 164 ILE A O   1 
ATOM 1286 C CB  . ILE A 1 172 ? -5.420  2.827   6.644   1.00 52.20 ? 164 ILE A CB  1 
ATOM 1287 C CG1 . ILE A 1 172 ? -4.116  3.614   6.822   1.00 51.06 ? 164 ILE A CG1 1 
ATOM 1288 C CG2 . ILE A 1 172 ? -5.904  3.026   5.197   1.00 50.38 ? 164 ILE A CG2 1 
ATOM 1289 C CD1 . ILE A 1 172 ? -2.955  3.042   5.920   1.00 50.11 ? 164 ILE A CD1 1 
ATOM 1290 N N   . LEU A 1 173 ? -8.433  1.796   7.292   1.00 53.50 ? 165 LEU A N   1 
ATOM 1291 C CA  . LEU A 1 173 ? -9.828  1.555   6.878   1.00 55.50 ? 165 LEU A CA  1 
ATOM 1292 C C   . LEU A 1 173 ? -10.811 2.463   7.623   1.00 56.25 ? 165 LEU A C   1 
ATOM 1293 O O   . LEU A 1 173 ? -11.628 3.109   7.009   1.00 57.69 ? 165 LEU A O   1 
ATOM 1294 C CB  . LEU A 1 173 ? -10.278 0.094   7.007   1.00 55.51 ? 165 LEU A CB  1 
ATOM 1295 C CG  . LEU A 1 173 ? -9.602  -1.066  6.271   1.00 56.66 ? 165 LEU A CG  1 
ATOM 1296 C CD1 . LEU A 1 173 ? -10.624 -2.132  5.888   1.00 58.06 ? 165 LEU A CD1 1 
ATOM 1297 C CD2 . LEU A 1 173 ? -8.722  -0.678  5.044   1.00 57.11 ? 165 LEU A CD2 1 
ATOM 1298 N N   . LEU A 1 174 ? -10.666 2.549   8.936   1.00 57.04 ? 166 LEU A N   1 
ATOM 1299 C CA  . LEU A 1 174 ? -11.426 3.421   9.810   1.00 56.54 ? 166 LEU A CA  1 
ATOM 1300 C C   . LEU A 1 174 ? -11.296 4.915   9.559   1.00 57.34 ? 166 LEU A C   1 
ATOM 1301 O O   . LEU A 1 174 ? -12.143 5.703   9.999   1.00 57.69 ? 166 LEU A O   1 
ATOM 1302 C CB  . LEU A 1 174 ? -10.982 3.135   11.245  1.00 55.56 ? 166 LEU A CB  1 
ATOM 1303 C CG  . LEU A 1 174 ? -11.344 1.737   11.753  1.00 56.60 ? 166 LEU A CG  1 
ATOM 1304 C CD1 . LEU A 1 174 ? -11.139 1.606   13.261  1.00 57.19 ? 166 LEU A CD1 1 
ATOM 1305 C CD2 . LEU A 1 174 ? -12.818 1.355   11.385  1.00 57.01 ? 166 LEU A CD2 1 
ATOM 1306 N N   . GLN A 1 175 ? -10.206 5.326   8.928   1.00 57.73 ? 167 GLN A N   1 
ATOM 1307 C CA  . GLN A 1 175 ? -9.946  6.738   8.744   1.00 57.79 ? 167 GLN A CA  1 
ATOM 1308 C C   . GLN A 1 175 ? -10.691 7.188   7.497   1.00 59.91 ? 167 GLN A C   1 
ATOM 1309 O O   . GLN A 1 175 ? -11.142 8.328   7.412   1.00 60.53 ? 167 GLN A O   1 
ATOM 1310 C CB  . GLN A 1 175 ? -8.451  6.999   8.589   1.00 56.28 ? 167 GLN A CB  1 
ATOM 1311 C CG  . GLN A 1 175 ? -7.611  7.062   9.905   1.00 56.22 ? 167 GLN A CG  1 
ATOM 1312 C CD  . GLN A 1 175 ? -6.116  7.081   9.589   1.00 56.09 ? 167 GLN A CD  1 
ATOM 1313 O OE1 . GLN A 1 175 ? -5.684  7.840   8.743   1.00 56.42 ? 167 GLN A OE1 1 
ATOM 1314 N NE2 . GLN A 1 175 ? -5.344  6.200   10.209  1.00 52.97 ? 167 GLN A NE2 1 
ATOM 1315 N N   . MET A 1 176 ? -10.805 6.294   6.531   1.00 61.81 ? 168 MET A N   1 
ATOM 1316 C CA  . MET A 1 176 ? -11.535 6.562   5.324   1.00 65.63 ? 168 MET A CA  1 
ATOM 1317 C C   . MET A 1 176 ? -13.093 6.498   5.471   1.00 65.92 ? 168 MET A C   1 
ATOM 1318 O O   . MET A 1 176 ? -13.789 7.138   4.693   1.00 65.79 ? 168 MET A O   1 
ATOM 1319 C CB  . MET A 1 176 ? -11.053 5.605   4.227   1.00 65.26 ? 168 MET A CB  1 
ATOM 1320 C CG  . MET A 1 176 ? -9.670  5.925   3.657   1.00 66.51 ? 168 MET A CG  1 
ATOM 1321 S SD  . MET A 1 176 ? -8.956  4.593   2.616   1.00 68.22 ? 168 MET A SD  1 
ATOM 1322 C CE  . MET A 1 176 ? -9.292  5.259   0.969   1.00 66.89 ? 168 MET A CE  1 
ATOM 1323 N N   . THR A 1 177 ? -13.625 5.733   6.432   1.00 67.27 ? 169 THR A N   1 
ATOM 1324 C CA  . THR A 1 177 ? -15.084 5.672   6.681   1.00 69.26 ? 169 THR A CA  1 
ATOM 1325 C C   . THR A 1 177 ? -15.475 6.376   7.946   1.00 71.13 ? 169 THR A C   1 
ATOM 1326 O O   . THR A 1 177 ? -15.791 5.709   8.914   1.00 73.85 ? 169 THR A O   1 
ATOM 1327 C CB  . THR A 1 177 ? -15.609 4.218   6.919   1.00 69.85 ? 169 THR A CB  1 
ATOM 1328 O OG1 . THR A 1 177 ? -14.550 3.351   7.320   1.00 68.21 ? 169 THR A OG1 1 
ATOM 1329 C CG2 . THR A 1 177 ? -16.285 3.655   5.668   1.00 71.90 ? 169 THR A CG2 1 
ATOM 1330 N N   . LYS A 1 178 ? -15.480 7.695   8.002   1.00 71.31 ? 170 LYS A N   1 
ATOM 1331 C CA  . LYS A 1 178 ? -15.316 8.314   9.315   1.00 70.27 ? 170 LYS A CA  1 
ATOM 1332 C C   . LYS A 1 178 ? -16.389 8.014   10.414  1.00 70.24 ? 170 LYS A C   1 
ATOM 1333 O O   . LYS A 1 178 ? -16.312 8.540   11.534  1.00 69.88 ? 170 LYS A O   1 
ATOM 1334 C CB  . LYS A 1 178 ? -15.040 9.799   9.121   1.00 70.80 ? 170 LYS A CB  1 
ATOM 1335 C CG  . LYS A 1 178 ? -13.702 10.117  8.388   1.00 70.51 ? 170 LYS A CG  1 
ATOM 1336 C CD  . LYS A 1 178 ? -12.923 11.254  9.137   1.00 71.59 ? 170 LYS A CD  1 
ATOM 1337 C CE  . LYS A 1 178 ? -11.612 11.657  8.464   1.00 73.72 ? 170 LYS A CE  1 
ATOM 1338 N NZ  . LYS A 1 178 ? -10.548 10.561  8.466   1.00 74.00 ? 170 LYS A NZ  1 
ATOM 1339 N N   . ASP A 1 179 ? -17.342 7.114   10.107  1.00 70.01 ? 171 ASP A N   1 
ATOM 1340 C CA  . ASP A 1 179 ? -18.576 6.899   10.910  1.00 69.18 ? 171 ASP A CA  1 
ATOM 1341 C C   . ASP A 1 179 ? -19.069 5.441   10.824  1.00 68.61 ? 171 ASP A C   1 
ATOM 1342 O O   . ASP A 1 179 ? -19.059 4.861   9.751   1.00 68.63 ? 171 ASP A O   1 
ATOM 1343 C CB  . ASP A 1 179 ? -19.678 7.827   10.391  1.00 69.04 ? 171 ASP A CB  1 
ATOM 1344 C CG  . ASP A 1 179 ? -20.687 8.227   11.471  1.00 68.37 ? 171 ASP A CG  1 
ATOM 1345 O OD1 . ASP A 1 179 ? -21.381 7.339   12.054  1.00 65.70 ? 171 ASP A OD1 1 
ATOM 1346 O OD2 . ASP A 1 179 ? -20.784 9.460   11.717  1.00 66.52 ? 171 ASP A OD2 1 
ATOM 1347 N N   . ALA A 1 180 ? -19.513 4.852   11.937  1.00 68.11 ? 172 ALA A N   1 
ATOM 1348 C CA  . ALA A 1 180 ? -20.031 3.471   11.914  1.00 68.05 ? 172 ALA A CA  1 
ATOM 1349 C C   . ALA A 1 180 ? -21.442 3.354   11.282  1.00 68.44 ? 172 ALA A C   1 
ATOM 1350 O O   . ALA A 1 180 ? -21.961 2.246   11.118  1.00 67.78 ? 172 ALA A O   1 
ATOM 1351 C CB  . ALA A 1 180 ? -20.004 2.835   13.320  1.00 67.56 ? 172 ALA A CB  1 
ATOM 1352 N N   . MET A 1 181 ? -22.049 4.496   10.942  1.00 69.16 ? 173 MET A N   1 
ATOM 1353 C CA  . MET A 1 181 ? -23.339 4.536   10.215  1.00 69.94 ? 173 MET A CA  1 
ATOM 1354 C C   . MET A 1 181 ? -23.148 4.923   8.751   1.00 69.38 ? 173 MET A C   1 
ATOM 1355 O O   . MET A 1 181 ? -24.057 5.424   8.096   1.00 69.81 ? 173 MET A O   1 
ATOM 1356 C CB  . MET A 1 181 ? -24.334 5.471   10.916  1.00 69.93 ? 173 MET A CB  1 
ATOM 1357 C CG  . MET A 1 181 ? -24.867 4.915   12.247  1.00 72.50 ? 173 MET A CG  1 
ATOM 1358 S SD  . MET A 1 181 ? -26.001 3.480   12.111  1.00 77.54 ? 173 MET A SD  1 
ATOM 1359 C CE  . MET A 1 181 ? -24.911 2.053   12.319  1.00 76.04 ? 173 MET A CE  1 
ATOM 1360 N N   . ASP A 1 182 ? -21.945 4.676   8.253   1.00 68.78 ? 174 ASP A N   1 
ATOM 1361 C CA  . ASP A 1 182 ? -21.569 5.009   6.886   1.00 67.79 ? 174 ASP A CA  1 
ATOM 1362 C C   . ASP A 1 182 ? -22.171 3.959   5.964   1.00 67.00 ? 174 ASP A C   1 
ATOM 1363 O O   . ASP A 1 182 ? -22.171 2.784   6.325   1.00 66.05 ? 174 ASP A O   1 
ATOM 1364 C CB  . ASP A 1 182 ? -20.037 4.994   6.752   1.00 66.88 ? 174 ASP A CB  1 
ATOM 1365 C CG  . ASP A 1 182 ? -19.573 5.573   5.444   1.00 66.42 ? 174 ASP A CG  1 
ATOM 1366 O OD1 . ASP A 1 182 ? -19.428 6.812   5.368   1.00 66.76 ? 174 ASP A OD1 1 
ATOM 1367 O OD2 . ASP A 1 182 ? -19.376 4.802   4.486   1.00 66.51 ? 174 ASP A OD2 1 
ATOM 1368 N N   . PRO A 1 183 ? -22.657 4.370   4.766   1.00 67.20 ? 175 PRO A N   1 
ATOM 1369 C CA  . PRO A 1 183 ? -23.351 3.410   3.882   1.00 67.06 ? 175 PRO A CA  1 
ATOM 1370 C C   . PRO A 1 183 ? -22.441 2.235   3.573   1.00 67.57 ? 175 PRO A C   1 
ATOM 1371 O O   . PRO A 1 183 ? -22.913 1.107   3.314   1.00 67.21 ? 175 PRO A O   1 
ATOM 1372 C CB  . PRO A 1 183 ? -23.627 4.225   2.614   1.00 66.61 ? 175 PRO A CB  1 
ATOM 1373 C CG  . PRO A 1 183 ? -23.670 5.624   3.060   1.00 66.77 ? 175 PRO A CG  1 
ATOM 1374 C CD  . PRO A 1 183 ? -22.622 5.715   4.160   1.00 67.41 ? 175 PRO A CD  1 
ATOM 1375 N N   . ASN A 1 184 ? -21.134 2.482   3.631   1.00 67.39 ? 176 ASN A N   1 
ATOM 1376 C CA  . ASN A 1 184 ? -20.204 1.410   3.308   1.00 67.66 ? 176 ASN A CA  1 
ATOM 1377 C C   . ASN A 1 184 ? -19.614 0.626   4.486   1.00 67.37 ? 176 ASN A C   1 
ATOM 1378 O O   . ASN A 1 184 ? -18.889 -0.347  4.279   1.00 66.49 ? 176 ASN A O   1 
ATOM 1379 C CB  . ASN A 1 184 ? -19.174 1.858   2.274   1.00 67.16 ? 176 ASN A CB  1 
ATOM 1380 C CG  . ASN A 1 184 ? -19.747 1.848   0.890   1.00 67.50 ? 176 ASN A CG  1 
ATOM 1381 O OD1 . ASN A 1 184 ? -20.235 0.813   0.415   1.00 66.19 ? 176 ASN A OD1 1 
ATOM 1382 N ND2 . ASN A 1 184 ? -19.722 2.993   0.234   1.00 66.61 ? 176 ASN A ND2 1 
ATOM 1383 N N   . PHE A 1 185 ? -20.024 1.001   5.694   1.00 67.49 ? 177 PHE A N   1 
ATOM 1384 C CA  . PHE A 1 185 ? -19.457 0.429   6.883   1.00 68.48 ? 177 PHE A CA  1 
ATOM 1385 C C   . PHE A 1 185 ? -19.579 -1.090  7.074   1.00 68.79 ? 177 PHE A C   1 
ATOM 1386 O O   . PHE A 1 185 ? -18.573 -1.726  7.345   1.00 69.86 ? 177 PHE A O   1 
ATOM 1387 C CB  . PHE A 1 185 ? -19.852 1.185   8.163   1.00 68.40 ? 177 PHE A CB  1 
ATOM 1388 C CG  . PHE A 1 185 ? -19.174 0.640   9.372   1.00 69.52 ? 177 PHE A CG  1 
ATOM 1389 C CD1 . PHE A 1 185 ? -19.898 -0.002  10.364  1.00 71.74 ? 177 PHE A CD1 1 
ATOM 1390 C CD2 . PHE A 1 185 ? -17.767 0.663   9.461   1.00 70.60 ? 177 PHE A CD2 1 
ATOM 1391 C CE1 . PHE A 1 185 ? -19.231 -0.560  11.484  1.00 73.18 ? 177 PHE A CE1 1 
ATOM 1392 C CE2 . PHE A 1 185 ? -17.099 0.104   10.541  1.00 70.77 ? 177 PHE A CE2 1 
ATOM 1393 C CZ  . PHE A 1 185 ? -17.824 -0.505  11.561  1.00 71.83 ? 177 PHE A CZ  1 
ATOM 1394 N N   . LYS A 1 186 ? -20.776 -1.646  6.981   1.00 69.57 ? 178 LYS A N   1 
ATOM 1395 C CA  . LYS A 1 186 ? -21.038 -3.096  7.083   1.00 70.04 ? 178 LYS A CA  1 
ATOM 1396 C C   . LYS A 1 186 ? -20.114 -3.913  6.187   1.00 70.03 ? 178 LYS A C   1 
ATOM 1397 O O   . LYS A 1 186 ? -19.606 -4.968  6.587   1.00 69.53 ? 178 LYS A O   1 
ATOM 1398 C CB  . LYS A 1 186 ? -22.501 -3.380  6.659   1.00 71.33 ? 178 LYS A CB  1 
ATOM 1399 C CG  . LYS A 1 186 ? -23.113 -4.788  7.017   1.00 71.36 ? 178 LYS A CG  1 
ATOM 1400 C CD  . LYS A 1 186 ? -24.060 -4.709  8.262   1.00 74.62 ? 178 LYS A CD  1 
ATOM 1401 C CE  . LYS A 1 186 ? -25.023 -5.921  8.347   1.00 74.65 ? 178 LYS A CE  1 
ATOM 1402 N NZ  . LYS A 1 186 ? -26.299 -5.758  7.521   1.00 75.64 ? 178 LYS A NZ  1 
ATOM 1403 N N   . ARG A 1 187 ? -19.919 -3.427  4.965   1.00 70.12 ? 179 ARG A N   1 
ATOM 1404 C CA  . ARG A 1 187 ? -19.020 -4.072  4.025   1.00 71.32 ? 179 ARG A CA  1 
ATOM 1405 C C   . ARG A 1 187 ? -17.566 -4.012  4.502   1.00 71.52 ? 179 ARG A C   1 
ATOM 1406 O O   . ARG A 1 187 ? -16.872 -5.029  4.518   1.00 72.01 ? 179 ARG A O   1 
ATOM 1407 C CB  . ARG A 1 187 ? -19.149 -3.437  2.635   1.00 71.87 ? 179 ARG A CB  1 
ATOM 1408 C CG  . ARG A 1 187 ? -20.149 -4.106  1.680   1.00 71.87 ? 179 ARG A CG  1 
ATOM 1409 C CD  . ARG A 1 187 ? -20.280 -3.264  0.411   1.00 72.29 ? 179 ARG A CD  1 
ATOM 1410 N NE  . ARG A 1 187 ? -19.552 -3.838  -0.725  1.00 74.57 ? 179 ARG A NE  1 
ATOM 1411 C CZ  . ARG A 1 187 ? -19.642 -3.416  -1.994  1.00 74.93 ? 179 ARG A CZ  1 
ATOM 1412 N NH1 . ARG A 1 187 ? -20.417 -2.373  -2.310  1.00 76.48 ? 179 ARG A NH1 1 
ATOM 1413 N NH2 . ARG A 1 187 ? -18.940 -4.025  -2.954  1.00 70.76 ? 179 ARG A NH2 1 
ATOM 1414 N N   . ILE A 1 188 ? -17.132 -2.813  4.903   1.00 71.18 ? 180 ILE A N   1 
ATOM 1415 C CA  . ILE A 1 188 ? -15.770 -2.530  5.326   1.00 69.98 ? 180 ILE A CA  1 
ATOM 1416 C C   . ILE A 1 188 ? -15.477 -3.159  6.682   1.00 71.04 ? 180 ILE A C   1 
ATOM 1417 O O   . ILE A 1 188 ? -14.386 -3.706  6.904   1.00 70.72 ? 180 ILE A O   1 
ATOM 1418 C CB  . ILE A 1 188 ? -15.511 -1.018  5.328   1.00 69.72 ? 180 ILE A CB  1 
ATOM 1419 C CG1 . ILE A 1 188 ? -15.623 -0.487  3.890   1.00 68.21 ? 180 ILE A CG1 1 
ATOM 1420 C CG2 . ILE A 1 188 ? -14.136 -0.713  5.901   1.00 69.88 ? 180 ILE A CG2 1 
ATOM 1421 C CD1 . ILE A 1 188 ? -15.437 1.023   3.706   1.00 68.10 ? 180 ILE A CD1 1 
ATOM 1422 N N   . SER A 1 189 ? -16.463 -3.095  7.577   1.00 71.40 ? 181 SER A N   1 
ATOM 1423 C CA  . SER A 1 189 ? -16.400 -3.747  8.890   1.00 71.67 ? 181 SER A CA  1 
ATOM 1424 C C   . SER A 1 189 ? -16.034 -5.232  8.754   1.00 71.84 ? 181 SER A C   1 
ATOM 1425 O O   . SER A 1 189 ? -15.288 -5.777  9.565   1.00 71.66 ? 181 SER A O   1 
ATOM 1426 C CB  . SER A 1 189 ? -17.754 -3.581  9.606   1.00 72.05 ? 181 SER A CB  1 
ATOM 1427 O OG  . SER A 1 189 ? -17.801 -4.229  10.864  1.00 72.64 ? 181 SER A OG  1 
ATOM 1428 N N   . LYS A 1 190 ? -16.564 -5.870  7.716   1.00 71.57 ? 182 LYS A N   1 
ATOM 1429 C CA  . LYS A 1 190 ? -16.394 -7.292  7.497   1.00 71.87 ? 182 LYS A CA  1 
ATOM 1430 C C   . LYS A 1 190 ? -14.938 -7.682  7.207   1.00 71.33 ? 182 LYS A C   1 
ATOM 1431 O O   . LYS A 1 190 ? -14.466 -8.752  7.627   1.00 71.79 ? 182 LYS A O   1 
ATOM 1432 C CB  . LYS A 1 190 ? -17.364 -7.729  6.373   1.00 72.88 ? 182 LYS A CB  1 
ATOM 1433 C CG  . LYS A 1 190 ? -16.886 -8.824  5.405   1.00 75.24 ? 182 LYS A CG  1 
ATOM 1434 C CD  . LYS A 1 190 ? -17.422 -8.591  3.982   1.00 78.90 ? 182 LYS A CD  1 
ATOM 1435 C CE  . LYS A 1 190 ? -16.429 -7.799  3.091   1.00 78.49 ? 182 LYS A CE  1 
ATOM 1436 N NZ  . LYS A 1 190 ? -15.818 -8.640  1.975   1.00 79.59 ? 182 LYS A NZ  1 
ATOM 1437 N N   . LEU A 1 191 ? -14.241 -6.816  6.480   1.00 70.28 ? 183 LEU A N   1 
ATOM 1438 C CA  . LEU A 1 191 ? -12.806 -6.949  6.240   1.00 69.47 ? 183 LEU A CA  1 
ATOM 1439 C C   . LEU A 1 191 ? -12.020 -6.978  7.553   1.00 69.84 ? 183 LEU A C   1 
ATOM 1440 O O   . LEU A 1 191 ? -11.184 -7.854  7.773   1.00 69.39 ? 183 LEU A O   1 
ATOM 1441 C CB  . LEU A 1 191 ? -12.335 -5.786  5.376   1.00 68.69 ? 183 LEU A CB  1 
ATOM 1442 C CG  . LEU A 1 191 ? -12.977 -5.759  3.998   1.00 67.78 ? 183 LEU A CG  1 
ATOM 1443 C CD1 . LEU A 1 191 ? -12.601 -4.530  3.193   1.00 65.53 ? 183 LEU A CD1 1 
ATOM 1444 C CD2 . LEU A 1 191 ? -12.571 -7.051  3.267   1.00 69.05 ? 183 LEU A CD2 1 
ATOM 1445 N N   . LEU A 1 192 ? -12.329 -6.020  8.423   1.00 70.46 ? 184 LEU A N   1 
ATOM 1446 C CA  . LEU A 1 192 ? -11.742 -5.877  9.767   1.00 71.33 ? 184 LEU A CA  1 
ATOM 1447 C C   . LEU A 1 192 ? -11.933 -7.065  10.730  1.00 72.10 ? 184 LEU A C   1 
ATOM 1448 O O   . LEU A 1 192 ? -11.286 -7.122  11.783  1.00 72.11 ? 184 LEU A O   1 
ATOM 1449 C CB  . LEU A 1 192 ? -12.308 -4.609  10.435  1.00 70.46 ? 184 LEU A CB  1 
ATOM 1450 C CG  . LEU A 1 192 ? -11.574 -3.265  10.403  1.00 71.40 ? 184 LEU A CG  1 
ATOM 1451 C CD1 . LEU A 1 192 ? -10.678 -3.046  9.180   1.00 69.38 ? 184 LEU A CD1 1 
ATOM 1452 C CD2 . LEU A 1 192 ? -12.578 -2.120  10.568  1.00 72.10 ? 184 LEU A CD2 1 
ATOM 1453 N N   . LYS A 1 193 ? -12.846 -7.986  10.401  1.00 73.61 ? 185 LYS A N   1 
ATOM 1454 C CA  . LYS A 1 193 ? -13.080 -9.166  11.253  1.00 74.41 ? 185 LYS A CA  1 
ATOM 1455 C C   . LYS A 1 193 ? -12.153 -10.299 10.841  1.00 74.17 ? 185 LYS A C   1 
ATOM 1456 O O   . LYS A 1 193 ? -12.012 -11.264 11.582  1.00 74.39 ? 185 LYS A O   1 
ATOM 1457 C CB  . LYS A 1 193 ? -14.559 -9.586  11.270  1.00 74.86 ? 185 LYS A CB  1 
ATOM 1458 C CG  . LYS A 1 193 ? -15.482 -8.563  12.014  1.00 75.43 ? 185 LYS A CG  1 
ATOM 1459 C CD  . LYS A 1 193 ? -17.002 -8.834  11.765  1.00 76.21 ? 185 LYS A CD  1 
ATOM 1460 C CE  . LYS A 1 193 ? -17.938 -7.714  12.376  1.00 76.52 ? 185 LYS A CE  1 
ATOM 1461 N NZ  . LYS A 1 193 ? -18.999 -7.221  11.396  1.00 73.91 ? 185 LYS A NZ  1 
ATOM 1462 N N   . GLU A 1 194 ? -11.505 -10.149 9.676   1.00 74.04 ? 186 GLU A N   1 
ATOM 1463 C CA  . GLU A 1 194 ? -10.422 -11.056 9.233   1.00 74.38 ? 186 GLU A CA  1 
ATOM 1464 C C   . GLU A 1 194 ? -9.144  -10.830 10.059  1.00 73.43 ? 186 GLU A C   1 
ATOM 1465 O O   . GLU A 1 194 ? -8.806  -9.706  10.432  1.00 73.18 ? 186 GLU A O   1 
ATOM 1466 C CB  . GLU A 1 194 ? -10.119 -10.921 7.733   1.00 74.05 ? 186 GLU A CB  1 
ATOM 1467 C CG  . GLU A 1 194 ? -11.309 -11.148 6.789   1.00 75.54 ? 186 GLU A CG  1 
ATOM 1468 C CD  . GLU A 1 194 ? -11.001 -10.808 5.296   1.00 76.97 ? 186 GLU A CD  1 
ATOM 1469 O OE1 . GLU A 1 194 ? -11.848 -10.144 4.659   1.00 80.28 ? 186 GLU A OE1 1 
ATOM 1470 O OE2 . GLU A 1 194 ? -9.929  -11.198 4.744   1.00 80.79 ? 186 GLU A OE2 1 
ATOM 1471 N N   . GLU A 1 195 ? -8.469  -11.930 10.352  1.00 72.72 ? 187 GLU A N   1 
ATOM 1472 C CA  . GLU A 1 195 ? -7.309  -11.963 11.217  1.00 72.49 ? 187 GLU A CA  1 
ATOM 1473 C C   . GLU A 1 195 ? -6.079  -12.333 10.378  1.00 71.26 ? 187 GLU A C   1 
ATOM 1474 O O   . GLU A 1 195 ? -6.152  -13.264 9.553   1.00 71.14 ? 187 GLU A O   1 
ATOM 1475 C CB  . GLU A 1 195 ? -7.488  -13.044 12.292  1.00 73.34 ? 187 GLU A CB  1 
ATOM 1476 C CG  . GLU A 1 195 ? -8.775  -12.978 13.121  1.00 75.83 ? 187 GLU A CG  1 
ATOM 1477 C CD  . GLU A 1 195 ? -8.582  -12.230 14.429  1.00 79.22 ? 187 GLU A CD  1 
ATOM 1478 O OE1 . GLU A 1 195 ? -9.167  -12.651 15.457  1.00 79.27 ? 187 GLU A OE1 1 
ATOM 1479 O OE2 . GLU A 1 195 ? -7.834  -11.218 14.435  1.00 81.89 ? 187 GLU A OE2 1 
ATOM 1480 N N   . PRO A 1 196 ? -4.943  -11.641 10.612  1.00 69.81 ? 188 PRO A N   1 
ATOM 1481 C CA  . PRO A 1 196 ? -3.685  -11.880 9.912   1.00 68.93 ? 188 PRO A CA  1 
ATOM 1482 C C   . PRO A 1 196 ? -3.045  -13.252 10.209  1.00 67.90 ? 188 PRO A C   1 
ATOM 1483 O O   . PRO A 1 196 ? -3.225  -13.817 11.290  1.00 67.61 ? 188 PRO A O   1 
ATOM 1484 C CB  . PRO A 1 196 ? -2.755  -10.764 10.446  1.00 68.57 ? 188 PRO A CB  1 
ATOM 1485 C CG  . PRO A 1 196 ? -3.580  -9.852  11.137  1.00 69.91 ? 188 PRO A CG  1 
ATOM 1486 C CD  . PRO A 1 196 ? -4.802  -10.572 11.607  1.00 69.61 ? 188 PRO A CD  1 
ATOM 1487 N N   . PRO A 1 197 ? -2.269  -13.763 9.261   1.00 67.05 ? 189 PRO A N   1 
ATOM 1488 C CA  . PRO A 1 197 ? -1.476  -14.981 9.411   1.00 66.88 ? 189 PRO A CA  1 
ATOM 1489 C C   . PRO A 1 197 ? -0.540  -14.930 10.623  1.00 66.50 ? 189 PRO A C   1 
ATOM 1490 O O   . PRO A 1 197 ? -0.476  -15.890 11.410  1.00 67.05 ? 189 PRO A O   1 
ATOM 1491 C CB  . PRO A 1 197 ? -0.651  -15.020 8.121   1.00 66.91 ? 189 PRO A CB  1 
ATOM 1492 C CG  . PRO A 1 197 ? -1.410  -14.185 7.153   1.00 67.19 ? 189 PRO A CG  1 
ATOM 1493 C CD  . PRO A 1 197 ? -2.127  -13.150 7.933   1.00 67.41 ? 189 PRO A CD  1 
ATOM 1494 N N   . ILE A 1 198 ? 0.177   -13.818 10.759  1.00 65.01 ? 190 ILE A N   1 
ATOM 1495 C CA  . ILE A 1 198 ? 1.048   -13.566 11.903  1.00 63.91 ? 190 ILE A CA  1 
ATOM 1496 C C   . ILE A 1 198 ? 0.372   -12.477 12.756  1.00 63.85 ? 190 ILE A C   1 
ATOM 1497 O O   . ILE A 1 198 ? 0.202   -11.340 12.296  1.00 62.72 ? 190 ILE A O   1 
ATOM 1498 C CB  . ILE A 1 198 ? 2.466   -13.102 11.439  1.00 63.37 ? 190 ILE A CB  1 
ATOM 1499 C CG1 . ILE A 1 198 ? 3.001   -14.061 10.357  1.00 64.32 ? 190 ILE A CG1 1 
ATOM 1500 C CG2 . ILE A 1 198 ? 3.411   -13.037 12.603  1.00 60.89 ? 190 ILE A CG2 1 
ATOM 1501 C CD1 . ILE A 1 198 ? 4.051   -13.465 9.389   1.00 64.15 ? 190 ILE A CD1 1 
ATOM 1502 N N   . PRO A 1 199 ? -0.047  -12.831 13.985  1.00 64.00 ? 191 PRO A N   1 
ATOM 1503 C CA  . PRO A 1 199 ? -0.759  -11.932 14.897  1.00 63.87 ? 191 PRO A CA  1 
ATOM 1504 C C   . PRO A 1 199 ? -0.056  -10.614 15.026  1.00 64.00 ? 191 PRO A C   1 
ATOM 1505 O O   . PRO A 1 199 ? 1.171   -10.589 15.173  1.00 63.68 ? 191 PRO A O   1 
ATOM 1506 C CB  . PRO A 1 199 ? -0.682  -12.665 16.233  1.00 63.63 ? 191 PRO A CB  1 
ATOM 1507 C CG  . PRO A 1 199 ? -0.744  -14.083 15.823  1.00 65.15 ? 191 PRO A CG  1 
ATOM 1508 C CD  . PRO A 1 199 ? 0.131   -14.164 14.586  1.00 64.27 ? 191 PRO A CD  1 
ATOM 1509 N N   . LEU A 1 200 ? -0.836  -9.530  14.953  1.00 64.21 ? 192 LEU A N   1 
ATOM 1510 C CA  . LEU A 1 200 ? -0.333  -8.176  15.253  1.00 64.46 ? 192 LEU A CA  1 
ATOM 1511 C C   . LEU A 1 200 ? -0.183  -7.981  16.746  1.00 64.87 ? 192 LEU A C   1 
ATOM 1512 O O   . LEU A 1 200 ? 0.317   -6.946  17.201  1.00 65.74 ? 192 LEU A O   1 
ATOM 1513 C CB  . LEU A 1 200 ? -1.253  -7.102  14.692  1.00 63.86 ? 192 LEU A CB  1 
ATOM 1514 C CG  . LEU A 1 200 ? -1.368  -7.159  13.179  1.00 64.35 ? 192 LEU A CG  1 
ATOM 1515 C CD1 . LEU A 1 200 ? -2.110  -5.950  12.727  1.00 64.42 ? 192 LEU A CD1 1 
ATOM 1516 C CD2 . LEU A 1 200 ? 0.031   -7.240  12.541  1.00 63.91 ? 192 LEU A CD2 1 
ATOM 1517 O OXT . LEU A 1 200 ? -0.539  -8.870  17.529  1.00 65.40 ? 192 LEU A OXT 1 
# 
